data_2YFZ
# 
_entry.id   2YFZ 
# 
_audit_conform.dict_name       mmcif_pdbx.dic 
_audit_conform.dict_version    5.383 
_audit_conform.dict_location   http://mmcif.pdb.org/dictionaries/ascii/mmcif_pdbx.dic 
# 
loop_
_database_2.database_id 
_database_2.database_code 
_database_2.pdbx_database_accession 
_database_2.pdbx_DOI 
PDB   2YFZ         pdb_00002yfz 10.2210/pdb2yfz/pdb 
PDBE  EBI-47987    ?            ?                   
WWPDB D_1290047987 ?            ?                   
# 
_pdbx_database_PDB_obs_spr.id               SPRSDE 
_pdbx_database_PDB_obs_spr.date             2011-05-18 
_pdbx_database_PDB_obs_spr.pdb_id           2YFZ 
_pdbx_database_PDB_obs_spr.replace_pdb_id   2Y9I 
_pdbx_database_PDB_obs_spr.details          ? 
# 
loop_
_pdbx_database_related.db_name 
_pdbx_database_related.db_id 
_pdbx_database_related.content_type 
_pdbx_database_related.details 
PDB 2YG0 unspecified 'CBM62 FROM CLOSTRIDIUM THERMOCELLUM XYL5A' 
PDB 2YFU unspecified 'CBM62 FROM CLOSTRIDIUM THERMOCELLUM XYL5A' 
# 
_pdbx_database_status.status_code                     REL 
_pdbx_database_status.entry_id                        2YFZ 
_pdbx_database_status.deposit_site                    PDBE 
_pdbx_database_status.process_site                    PDBE 
_pdbx_database_status.SG_entry                        . 
_pdbx_database_status.recvd_initial_deposition_date   2011-04-11 
_pdbx_database_status.pdb_format_compatible           Y 
_pdbx_database_status.status_code_sf                  REL 
_pdbx_database_status.status_code_mr                  ? 
_pdbx_database_status.status_code_cs                  ? 
_pdbx_database_status.methods_development_category    ? 
_pdbx_database_status.status_code_nmr_data            ? 
# 
loop_
_audit_author.name 
_audit_author.pdbx_ordinal 
'Montanier, C.Y.'  1  
'Correia, M.A.S.'  2  
'Flint, J.E.'      3  
'Zhu, Y.'          4  
'Basle, A.'        5  
'Mckee, L.S.'      6  
'Prates, J.A.M.'   7  
'Polizzi, S.J.'    8  
'Coutinho, P.M.'   9  
'Henrissat, B.'    10 
'Fontes, C.M.G.A.' 11 
'Gilbert, H.J.'    12 
# 
_citation.id                        primary 
_citation.title                     
;A Novel, Noncatalytic Carbohydrate-Binding Module Displays Specificity for Galactose-Containing Polysaccharides Through Calcium-Mediated Oligomerization.
;
_citation.journal_abbrev            J.Biol.Chem. 
_citation.journal_volume            286 
_citation.page_first                22499 
_citation.page_last                 ? 
_citation.year                      2011 
_citation.journal_id_ASTM           JBCHA3 
_citation.country                   US 
_citation.journal_id_ISSN           0021-9258 
_citation.journal_id_CSD            0071 
_citation.book_publisher            ? 
_citation.pdbx_database_id_PubMed   21454512 
_citation.pdbx_database_id_DOI      10.1074/JBC.M110.217372 
# 
loop_
_citation_author.citation_id 
_citation_author.name 
_citation_author.ordinal 
_citation_author.identifier_ORCID 
primary 'Montanier, C.Y.'  1  ? 
primary 'Correia, M.A.S.'  2  ? 
primary 'Flint, J.E.'      3  ? 
primary 'Zhu, Y.'          4  ? 
primary 'Basle, A.'        5  ? 
primary 'Mckee, L.S.'      6  ? 
primary 'Prates, J.A.M.'   7  ? 
primary 'Polizzi, S.J.'    8  ? 
primary 'Coutinho, P.M.'   9  ? 
primary 'Lewis, R.J.'      10 ? 
primary 'Henrissat, B.'    11 ? 
primary 'Fontes, C.M.G.A.' 12 ? 
primary 'Gilbert, H.J.'    13 ? 
# 
_cell.entry_id           2YFZ 
_cell.length_a           191.801 
_cell.length_b           191.801 
_cell.length_c           191.801 
_cell.angle_alpha        90.00 
_cell.angle_beta         90.00 
_cell.angle_gamma        90.00 
_cell.Z_PDB              96 
_cell.pdbx_unique_axis   ? 
# 
_symmetry.entry_id                         2YFZ 
_symmetry.space_group_name_H-M             'F 4 3 2' 
_symmetry.pdbx_full_space_group_name_H-M   ? 
_symmetry.cell_setting                     ? 
_symmetry.Int_Tables_number                209 
# 
loop_
_entity.id 
_entity.type 
_entity.src_method 
_entity.pdbx_description 
_entity.formula_weight 
_entity.pdbx_number_of_molecules 
_entity.pdbx_ec 
_entity.pdbx_mutation 
_entity.pdbx_fragment 
_entity.details 
1 polymer     man 'CARBOHYDRATE BINDING FAMILY 6' 16884.484 1   ? ? 'CARBOHYDRATE BINDING DOMAIN, RESIDUES 740-883' ? 
2 branched    man 
'beta-D-galactopyranose-(1-2)-alpha-D-xylopyranose-(1-6)-[beta-D-glucopyranose-(1-4)]beta-D-glucopyranose-(1-4)-beta-D-glucopyranose' 
798.693   1   ? ? ?                                               ? 
3 non-polymer syn 'CALCIUM ION' 40.078    1   ? ? ?                                               ? 
4 non-polymer syn GLYCEROL 92.094    1   ? ? ?                                               ? 
5 water       nat water 18.015    134 ? ? ?                                               ? 
# 
_entity_name_com.entity_id   1 
_entity_name_com.name        'CELLULOSOMAL PROTEIN' 
# 
_entity_poly.entity_id                      1 
_entity_poly.type                           'polypeptide(L)' 
_entity_poly.nstd_linkage                   no 
_entity_poly.nstd_monomer                   no 
_entity_poly.pdbx_seq_one_letter_code       
;MASYPKLTGTVIGTQGSWNNIGNTIHKAFDGDLNTFFDGPTANGCWLGLDFGEGVRNVITQIKFCPRSGYEQRMIGGIFQ
GANKEDFSDAVTLFTITSLPGSGTLTSVDVDNPTGFRYVRYLSPDGSNGNIAELQFFGTPAGEENDDLEHHHHHH
;
_entity_poly.pdbx_seq_one_letter_code_can   
;MASYPKLTGTVIGTQGSWNNIGNTIHKAFDGDLNTFFDGPTANGCWLGLDFGEGVRNVITQIKFCPRSGYEQRMIGGIFQ
GANKEDFSDAVTLFTITSLPGSGTLTSVDVDNPTGFRYVRYLSPDGSNGNIAELQFFGTPAGEENDDLEHHHHHH
;
_entity_poly.pdbx_strand_id                 A 
_entity_poly.pdbx_target_identifier         ? 
# 
loop_
_entity_poly_seq.entity_id 
_entity_poly_seq.num 
_entity_poly_seq.mon_id 
_entity_poly_seq.hetero 
1 1   MET n 
1 2   ALA n 
1 3   SER n 
1 4   TYR n 
1 5   PRO n 
1 6   LYS n 
1 7   LEU n 
1 8   THR n 
1 9   GLY n 
1 10  THR n 
1 11  VAL n 
1 12  ILE n 
1 13  GLY n 
1 14  THR n 
1 15  GLN n 
1 16  GLY n 
1 17  SER n 
1 18  TRP n 
1 19  ASN n 
1 20  ASN n 
1 21  ILE n 
1 22  GLY n 
1 23  ASN n 
1 24  THR n 
1 25  ILE n 
1 26  HIS n 
1 27  LYS n 
1 28  ALA n 
1 29  PHE n 
1 30  ASP n 
1 31  GLY n 
1 32  ASP n 
1 33  LEU n 
1 34  ASN n 
1 35  THR n 
1 36  PHE n 
1 37  PHE n 
1 38  ASP n 
1 39  GLY n 
1 40  PRO n 
1 41  THR n 
1 42  ALA n 
1 43  ASN n 
1 44  GLY n 
1 45  CYS n 
1 46  TRP n 
1 47  LEU n 
1 48  GLY n 
1 49  LEU n 
1 50  ASP n 
1 51  PHE n 
1 52  GLY n 
1 53  GLU n 
1 54  GLY n 
1 55  VAL n 
1 56  ARG n 
1 57  ASN n 
1 58  VAL n 
1 59  ILE n 
1 60  THR n 
1 61  GLN n 
1 62  ILE n 
1 63  LYS n 
1 64  PHE n 
1 65  CYS n 
1 66  PRO n 
1 67  ARG n 
1 68  SER n 
1 69  GLY n 
1 70  TYR n 
1 71  GLU n 
1 72  GLN n 
1 73  ARG n 
1 74  MET n 
1 75  ILE n 
1 76  GLY n 
1 77  GLY n 
1 78  ILE n 
1 79  PHE n 
1 80  GLN n 
1 81  GLY n 
1 82  ALA n 
1 83  ASN n 
1 84  LYS n 
1 85  GLU n 
1 86  ASP n 
1 87  PHE n 
1 88  SER n 
1 89  ASP n 
1 90  ALA n 
1 91  VAL n 
1 92  THR n 
1 93  LEU n 
1 94  PHE n 
1 95  THR n 
1 96  ILE n 
1 97  THR n 
1 98  SER n 
1 99  LEU n 
1 100 PRO n 
1 101 GLY n 
1 102 SER n 
1 103 GLY n 
1 104 THR n 
1 105 LEU n 
1 106 THR n 
1 107 SER n 
1 108 VAL n 
1 109 ASP n 
1 110 VAL n 
1 111 ASP n 
1 112 ASN n 
1 113 PRO n 
1 114 THR n 
1 115 GLY n 
1 116 PHE n 
1 117 ARG n 
1 118 TYR n 
1 119 VAL n 
1 120 ARG n 
1 121 TYR n 
1 122 LEU n 
1 123 SER n 
1 124 PRO n 
1 125 ASP n 
1 126 GLY n 
1 127 SER n 
1 128 ASN n 
1 129 GLY n 
1 130 ASN n 
1 131 ILE n 
1 132 ALA n 
1 133 GLU n 
1 134 LEU n 
1 135 GLN n 
1 136 PHE n 
1 137 PHE n 
1 138 GLY n 
1 139 THR n 
1 140 PRO n 
1 141 ALA n 
1 142 GLY n 
1 143 GLU n 
1 144 GLU n 
1 145 ASN n 
1 146 ASP n 
1 147 ASP n 
1 148 LEU n 
1 149 GLU n 
1 150 HIS n 
1 151 HIS n 
1 152 HIS n 
1 153 HIS n 
1 154 HIS n 
1 155 HIS n 
# 
_entity_src_gen.entity_id                          1 
_entity_src_gen.pdbx_src_id                        1 
_entity_src_gen.pdbx_alt_source_flag               sample 
_entity_src_gen.pdbx_seq_type                      ? 
_entity_src_gen.pdbx_beg_seq_num                   ? 
_entity_src_gen.pdbx_end_seq_num                   ? 
_entity_src_gen.gene_src_common_name               ? 
_entity_src_gen.gene_src_genus                     ? 
_entity_src_gen.pdbx_gene_src_gene                 ? 
_entity_src_gen.gene_src_species                   ? 
_entity_src_gen.gene_src_strain                    ? 
_entity_src_gen.gene_src_tissue                    ? 
_entity_src_gen.gene_src_tissue_fraction           ? 
_entity_src_gen.gene_src_details                   ? 
_entity_src_gen.pdbx_gene_src_fragment             ? 
_entity_src_gen.pdbx_gene_src_scientific_name      'CLOSTRIDIUM THERMOCELLUM' 
_entity_src_gen.pdbx_gene_src_ncbi_taxonomy_id     1515 
_entity_src_gen.pdbx_gene_src_variant              ? 
_entity_src_gen.pdbx_gene_src_cell_line            ? 
_entity_src_gen.pdbx_gene_src_atcc                 ? 
_entity_src_gen.pdbx_gene_src_organ                ? 
_entity_src_gen.pdbx_gene_src_organelle            ? 
_entity_src_gen.pdbx_gene_src_cell                 ? 
_entity_src_gen.pdbx_gene_src_cellular_location    ? 
_entity_src_gen.host_org_common_name               ? 
_entity_src_gen.pdbx_host_org_scientific_name      'ESCHERICHIA COLI' 
_entity_src_gen.pdbx_host_org_ncbi_taxonomy_id     511693 
_entity_src_gen.host_org_genus                     ? 
_entity_src_gen.pdbx_host_org_gene                 ? 
_entity_src_gen.pdbx_host_org_organ                ? 
_entity_src_gen.host_org_species                   ? 
_entity_src_gen.pdbx_host_org_tissue               ? 
_entity_src_gen.pdbx_host_org_tissue_fraction      ? 
_entity_src_gen.pdbx_host_org_strain               BL21 
_entity_src_gen.pdbx_host_org_variant              ? 
_entity_src_gen.pdbx_host_org_cell_line            ? 
_entity_src_gen.pdbx_host_org_atcc                 ? 
_entity_src_gen.pdbx_host_org_culture_collection   ? 
_entity_src_gen.pdbx_host_org_cell                 ? 
_entity_src_gen.pdbx_host_org_organelle            ? 
_entity_src_gen.pdbx_host_org_cellular_location    ? 
_entity_src_gen.pdbx_host_org_vector_type          PLASMID 
_entity_src_gen.pdbx_host_org_vector               PET21A 
_entity_src_gen.host_org_details                   ? 
_entity_src_gen.expression_system_id               ? 
_entity_src_gen.plasmid_name                       ? 
_entity_src_gen.plasmid_details                    ? 
_entity_src_gen.pdbx_description                   ? 
# 
_struct_ref.id                         1 
_struct_ref.db_name                    UNP 
_struct_ref.db_code                    D1NNT8_CLOTM 
_struct_ref.entity_id                  1 
_struct_ref.pdbx_seq_one_letter_code   ? 
_struct_ref.pdbx_align_begin           ? 
_struct_ref.pdbx_db_accession          D1NNT8 
_struct_ref.pdbx_db_isoform            ? 
# 
_struct_ref_seq.align_id                      1 
_struct_ref_seq.ref_id                        1 
_struct_ref_seq.pdbx_PDB_id_code              2YFZ 
_struct_ref_seq.pdbx_strand_id                A 
_struct_ref_seq.seq_align_beg                 4 
_struct_ref_seq.pdbx_seq_align_beg_ins_code   ? 
_struct_ref_seq.seq_align_end                 147 
_struct_ref_seq.pdbx_seq_align_end_ins_code   ? 
_struct_ref_seq.pdbx_db_accession             D1NNT8 
_struct_ref_seq.db_align_beg                  740 
_struct_ref_seq.pdbx_db_align_beg_ins_code    ? 
_struct_ref_seq.db_align_end                  883 
_struct_ref_seq.pdbx_db_align_end_ins_code    ? 
_struct_ref_seq.pdbx_auth_seq_align_beg       2 
_struct_ref_seq.pdbx_auth_seq_align_end       145 
# 
loop_
_struct_ref_seq_dif.align_id 
_struct_ref_seq_dif.pdbx_pdb_id_code 
_struct_ref_seq_dif.mon_id 
_struct_ref_seq_dif.pdbx_pdb_strand_id 
_struct_ref_seq_dif.seq_num 
_struct_ref_seq_dif.pdbx_pdb_ins_code 
_struct_ref_seq_dif.pdbx_seq_db_name 
_struct_ref_seq_dif.pdbx_seq_db_accession_code 
_struct_ref_seq_dif.db_mon_id 
_struct_ref_seq_dif.pdbx_seq_db_seq_num 
_struct_ref_seq_dif.details 
_struct_ref_seq_dif.pdbx_auth_seq_num 
_struct_ref_seq_dif.pdbx_ordinal 
1 2YFZ MET A 1   ? UNP D1NNT8 ? ? 'expression tag' -1  1  
1 2YFZ ALA A 2   ? UNP D1NNT8 ? ? 'expression tag' 0   2  
1 2YFZ SER A 3   ? UNP D1NNT8 ? ? 'expression tag' 1   3  
1 2YFZ LEU A 148 ? UNP D1NNT8 ? ? 'expression tag' 146 4  
1 2YFZ GLU A 149 ? UNP D1NNT8 ? ? 'expression tag' 147 5  
1 2YFZ HIS A 150 ? UNP D1NNT8 ? ? 'expression tag' 148 6  
1 2YFZ HIS A 151 ? UNP D1NNT8 ? ? 'expression tag' 149 7  
1 2YFZ HIS A 152 ? UNP D1NNT8 ? ? 'expression tag' 150 8  
1 2YFZ HIS A 153 ? UNP D1NNT8 ? ? 'expression tag' 151 9  
1 2YFZ HIS A 154 ? UNP D1NNT8 ? ? 'expression tag' 152 10 
1 2YFZ HIS A 155 ? UNP D1NNT8 ? ? 'expression tag' 153 11 
# 
loop_
_chem_comp.id 
_chem_comp.type 
_chem_comp.mon_nstd_flag 
_chem_comp.name 
_chem_comp.pdbx_synonyms 
_chem_comp.formula 
_chem_comp.formula_weight 
ALA 'L-peptide linking'           y ALANINE                ?                                                'C3 H7 N O2'     
89.093  
ARG 'L-peptide linking'           y ARGININE               ?                                                'C6 H15 N4 O2 1' 
175.209 
ASN 'L-peptide linking'           y ASPARAGINE             ?                                                'C4 H8 N2 O3'    
132.118 
ASP 'L-peptide linking'           y 'ASPARTIC ACID'        ?                                                'C4 H7 N O4'     
133.103 
BGC 'D-saccharide, beta linking'  . beta-D-glucopyranose   'beta-D-glucose; D-glucose; glucose'             'C6 H12 O6'      
180.156 
CA  non-polymer                   . 'CALCIUM ION'          ?                                                'Ca 2'           
40.078  
CYS 'L-peptide linking'           y CYSTEINE               ?                                                'C3 H7 N O2 S'   
121.158 
GAL 'D-saccharide, beta linking'  . beta-D-galactopyranose 'beta-D-galactose; D-galactose; galactose'       'C6 H12 O6'      
180.156 
GLN 'L-peptide linking'           y GLUTAMINE              ?                                                'C5 H10 N2 O3'   
146.144 
GLU 'L-peptide linking'           y 'GLUTAMIC ACID'        ?                                                'C5 H9 N O4'     
147.129 
GLY 'peptide linking'             y GLYCINE                ?                                                'C2 H5 N O2'     
75.067  
GOL non-polymer                   . GLYCEROL               'GLYCERIN; PROPANE-1,2,3-TRIOL'                  'C3 H8 O3'       
92.094  
HIS 'L-peptide linking'           y HISTIDINE              ?                                                'C6 H10 N3 O2 1' 
156.162 
HOH non-polymer                   . WATER                  ?                                                'H2 O'           
18.015  
ILE 'L-peptide linking'           y ISOLEUCINE             ?                                                'C6 H13 N O2'    
131.173 
LEU 'L-peptide linking'           y LEUCINE                ?                                                'C6 H13 N O2'    
131.173 
LYS 'L-peptide linking'           y LYSINE                 ?                                                'C6 H15 N2 O2 1' 
147.195 
MET 'L-peptide linking'           y METHIONINE             ?                                                'C5 H11 N O2 S'  
149.211 
PHE 'L-peptide linking'           y PHENYLALANINE          ?                                                'C9 H11 N O2'    
165.189 
PRO 'L-peptide linking'           y PROLINE                ?                                                'C5 H9 N O2'     
115.130 
SER 'L-peptide linking'           y SERINE                 ?                                                'C3 H7 N O3'     
105.093 
THR 'L-peptide linking'           y THREONINE              ?                                                'C4 H9 N O3'     
119.119 
TRP 'L-peptide linking'           y TRYPTOPHAN             ?                                                'C11 H12 N2 O2'  
204.225 
TYR 'L-peptide linking'           y TYROSINE               ?                                                'C9 H11 N O3'    
181.189 
VAL 'L-peptide linking'           y VALINE                 ?                                                'C5 H11 N O2'    
117.146 
XYS 'D-saccharide, alpha linking' . alpha-D-xylopyranose   'alpha-D-xylose; D-xylose; xylose; XYLOPYRANOSE' 'C5 H10 O5'      
150.130 
# 
_exptl.entry_id          2YFZ 
_exptl.method            'X-RAY DIFFRACTION' 
_exptl.crystals_number   1 
# 
_exptl_crystal.id                    1 
_exptl_crystal.density_meas          ? 
_exptl_crystal.density_Matthews      4.92 
_exptl_crystal.density_percent_sol   75 
_exptl_crystal.description           NONE 
# 
_exptl_crystal_grow.crystal_id      1 
_exptl_crystal_grow.method          ? 
_exptl_crystal_grow.temp            ? 
_exptl_crystal_grow.temp_details    ? 
_exptl_crystal_grow.pH              4.8 
_exptl_crystal_grow.pdbx_pH_range   ? 
_exptl_crystal_grow.pdbx_details    '0.2 M TRI-SODIUM CITRATE, PH 4.8 .' 
# 
_diffrn.id                     1 
_diffrn.ambient_temp           100 
_diffrn.ambient_temp_details   ? 
_diffrn.crystal_id             1 
# 
_diffrn_detector.diffrn_id              1 
_diffrn_detector.detector               CCD 
_diffrn_detector.type                   'ADSC CCD' 
_diffrn_detector.pdbx_collection_date   ? 
_diffrn_detector.details                ? 
# 
_diffrn_radiation.diffrn_id                        1 
_diffrn_radiation.wavelength_id                    1 
_diffrn_radiation.pdbx_monochromatic_or_laue_m_l   M 
_diffrn_radiation.monochromator                    ? 
_diffrn_radiation.pdbx_diffrn_protocol             'SINGLE WAVELENGTH' 
_diffrn_radiation.pdbx_scattering_type             x-ray 
# 
_diffrn_radiation_wavelength.id           1 
_diffrn_radiation_wavelength.wavelength   1.073 
_diffrn_radiation_wavelength.wt           1.0 
# 
_diffrn_source.diffrn_id                   1 
_diffrn_source.source                      SYNCHROTRON 
_diffrn_source.type                        'SRS BEAMLINE PX10.1' 
_diffrn_source.pdbx_synchrotron_site       SRS 
_diffrn_source.pdbx_synchrotron_beamline   PX10.1 
_diffrn_source.pdbx_wavelength             1.073 
_diffrn_source.pdbx_wavelength_list        ? 
# 
_reflns.pdbx_diffrn_id               1 
_reflns.pdbx_ordinal                 1 
_reflns.entry_id                     2YFZ 
_reflns.observed_criterion_sigma_I   2.0 
_reflns.observed_criterion_sigma_F   ? 
_reflns.d_resolution_low             44.00 
_reflns.d_resolution_high            1.80 
_reflns.number_obs                   28579 
_reflns.number_all                   ? 
_reflns.percent_possible_obs         100.0 
_reflns.pdbx_Rmerge_I_obs            0.11 
_reflns.pdbx_Rsym_value              ? 
_reflns.pdbx_netI_over_sigmaI        18.20 
_reflns.B_iso_Wilson_estimate        14 
_reflns.pdbx_redundancy              10.5 
# 
_reflns_shell.pdbx_diffrn_id         1 
_reflns_shell.pdbx_ordinal           1 
_reflns_shell.d_res_high             1.80 
_reflns_shell.d_res_low              1.90 
_reflns_shell.percent_possible_all   100.0 
_reflns_shell.Rmerge_I_obs           0.54 
_reflns_shell.pdbx_Rsym_value        ? 
_reflns_shell.meanI_over_sigI_obs    4.60 
_reflns_shell.pdbx_redundancy        10.6 
# 
_refine.pdbx_refine_id                           'X-RAY DIFFRACTION' 
_refine.entry_id                                 2YFZ 
_refine.pdbx_diffrn_id                           1 
_refine.pdbx_TLS_residual_ADP_flag               ? 
_refine.ls_number_reflns_obs                     27109 
_refine.ls_number_reflns_all                     ? 
_refine.pdbx_ls_sigma_I                          ? 
_refine.pdbx_ls_sigma_F                          . 
_refine.pdbx_data_cutoff_high_absF               ? 
_refine.pdbx_data_cutoff_low_absF                ? 
_refine.pdbx_data_cutoff_high_rms_absF           ? 
_refine.ls_d_res_low                             36.91 
_refine.ls_d_res_high                            1.80 
_refine.ls_percent_reflns_obs                    99.84 
_refine.ls_R_factor_obs                          0.16448 
_refine.ls_R_factor_all                          ? 
_refine.ls_R_factor_R_work                       0.16366 
_refine.ls_R_factor_R_free                       0.18032 
_refine.ls_R_factor_R_free_error                 ? 
_refine.ls_R_factor_R_free_error_details         ? 
_refine.ls_percent_reflns_R_free                 5.0 
_refine.ls_number_reflns_R_free                  1427 
_refine.ls_number_parameters                     ? 
_refine.ls_number_restraints                     ? 
_refine.occupancy_min                            ? 
_refine.occupancy_max                            ? 
_refine.correlation_coeff_Fo_to_Fc               0.955 
_refine.correlation_coeff_Fo_to_Fc_free          0.947 
_refine.B_iso_mean                               14.910 
_refine.aniso_B[1][1]                            ? 
_refine.aniso_B[2][2]                            ? 
_refine.aniso_B[3][3]                            ? 
_refine.aniso_B[1][2]                            ? 
_refine.aniso_B[1][3]                            ? 
_refine.aniso_B[2][3]                            ? 
_refine.solvent_model_details                    MASK 
_refine.solvent_model_param_ksol                 ? 
_refine.solvent_model_param_bsol                 ? 
_refine.pdbx_solvent_vdw_probe_radii             1.40 
_refine.pdbx_solvent_ion_probe_radii             0.80 
_refine.pdbx_solvent_shrinkage_radii             0.80 
_refine.pdbx_ls_cross_valid_method               THROUGHOUT 
_refine.details                                  'HYDROGENS HAVE BEEN ADDED IN THE RIDING POSITIONS.' 
_refine.pdbx_starting_model                      'PDB ENTRY 2YFU' 
_refine.pdbx_method_to_determine_struct          'MOLECULAR REPLACEMENT' 
_refine.pdbx_isotropic_thermal_model             ? 
_refine.pdbx_stereochemistry_target_values       'MAXIMUM LIKELIHOOD' 
_refine.pdbx_stereochem_target_val_spec_case     ? 
_refine.pdbx_R_Free_selection_details            RANDOM 
_refine.pdbx_overall_ESU_R                       0.073 
_refine.pdbx_overall_ESU_R_Free                  0.072 
_refine.overall_SU_ML                            0.042 
_refine.pdbx_overall_phase_error                 ? 
_refine.overall_SU_B                             1.343 
_refine.overall_SU_R_Cruickshank_DPI             ? 
_refine.pdbx_overall_SU_R_free_Cruickshank_DPI   ? 
_refine.pdbx_overall_SU_R_Blow_DPI               ? 
_refine.pdbx_overall_SU_R_free_Blow_DPI          ? 
# 
_refine_hist.pdbx_refine_id                   'X-RAY DIFFRACTION' 
_refine_hist.cycle_id                         LAST 
_refine_hist.pdbx_number_atoms_protein        1058 
_refine_hist.pdbx_number_atoms_nucleic_acid   0 
_refine_hist.pdbx_number_atoms_ligand         61 
_refine_hist.number_atoms_solvent             134 
_refine_hist.number_atoms_total               1253 
_refine_hist.d_res_high                       1.80 
_refine_hist.d_res_low                        36.91 
# 
loop_
_refine_ls_restr.type 
_refine_ls_restr.dev_ideal 
_refine_ls_restr.dev_ideal_target 
_refine_ls_restr.weight 
_refine_ls_restr.number 
_refine_ls_restr.pdbx_refine_id 
_refine_ls_restr.pdbx_restraint_function 
r_bond_refined_d             0.014  0.022  ? 1201 'X-RAY DIFFRACTION' ? 
r_bond_other_d               ?      ?      ? ?    'X-RAY DIFFRACTION' ? 
r_angle_refined_deg          1.292  1.992  ? 1630 'X-RAY DIFFRACTION' ? 
r_angle_other_deg            ?      ?      ? ?    'X-RAY DIFFRACTION' ? 
r_dihedral_angle_1_deg       5.583  5.000  ? 149  'X-RAY DIFFRACTION' ? 
r_dihedral_angle_2_deg       30.070 24.259 ? 54   'X-RAY DIFFRACTION' ? 
r_dihedral_angle_3_deg       10.619 15.000 ? 165  'X-RAY DIFFRACTION' ? 
r_dihedral_angle_4_deg       12.259 15.000 ? 6    'X-RAY DIFFRACTION' ? 
r_chiral_restr               0.097  0.200  ? 188  'X-RAY DIFFRACTION' ? 
r_gen_planes_refined         0.006  0.021  ? 895  'X-RAY DIFFRACTION' ? 
r_gen_planes_other           ?      ?      ? ?    'X-RAY DIFFRACTION' ? 
r_nbd_refined                ?      ?      ? ?    'X-RAY DIFFRACTION' ? 
r_nbd_other                  ?      ?      ? ?    'X-RAY DIFFRACTION' ? 
r_nbtor_refined              ?      ?      ? ?    'X-RAY DIFFRACTION' ? 
r_nbtor_other                ?      ?      ? ?    'X-RAY DIFFRACTION' ? 
r_xyhbond_nbd_refined        ?      ?      ? ?    'X-RAY DIFFRACTION' ? 
r_xyhbond_nbd_other          ?      ?      ? ?    'X-RAY DIFFRACTION' ? 
r_metal_ion_refined          ?      ?      ? ?    'X-RAY DIFFRACTION' ? 
r_metal_ion_other            ?      ?      ? ?    'X-RAY DIFFRACTION' ? 
r_symmetry_vdw_refined       ?      ?      ? ?    'X-RAY DIFFRACTION' ? 
r_symmetry_vdw_other         ?      ?      ? ?    'X-RAY DIFFRACTION' ? 
r_symmetry_hbond_refined     ?      ?      ? ?    'X-RAY DIFFRACTION' ? 
r_symmetry_hbond_other       ?      ?      ? ?    'X-RAY DIFFRACTION' ? 
r_symmetry_metal_ion_refined ?      ?      ? ?    'X-RAY DIFFRACTION' ? 
r_symmetry_metal_ion_other   ?      ?      ? ?    'X-RAY DIFFRACTION' ? 
r_mcbond_it                  0.757  1.500  ? 700  'X-RAY DIFFRACTION' ? 
r_mcbond_other               ?      ?      ? ?    'X-RAY DIFFRACTION' ? 
r_mcangle_it                 1.379  2.000  ? 1129 'X-RAY DIFFRACTION' ? 
r_mcangle_other              ?      ?      ? ?    'X-RAY DIFFRACTION' ? 
r_scbond_it                  2.058  3.000  ? 501  'X-RAY DIFFRACTION' ? 
r_scbond_other               ?      ?      ? ?    'X-RAY DIFFRACTION' ? 
r_scangle_it                 3.218  4.500  ? 496  'X-RAY DIFFRACTION' ? 
r_scangle_other              ?      ?      ? ?    'X-RAY DIFFRACTION' ? 
r_long_range_B_refined       ?      ?      ? ?    'X-RAY DIFFRACTION' ? 
r_long_range_B_other         ?      ?      ? ?    'X-RAY DIFFRACTION' ? 
r_rigid_bond_restr           ?      ?      ? ?    'X-RAY DIFFRACTION' ? 
r_sphericity_free            ?      ?      ? ?    'X-RAY DIFFRACTION' ? 
r_sphericity_bonded          ?      ?      ? ?    'X-RAY DIFFRACTION' ? 
# 
_refine_ls_shell.pdbx_refine_id                   'X-RAY DIFFRACTION' 
_refine_ls_shell.pdbx_total_number_of_bins_used   20 
_refine_ls_shell.d_res_high                       1.800 
_refine_ls_shell.d_res_low                        1.847 
_refine_ls_shell.number_reflns_R_work             1977 
_refine_ls_shell.R_factor_R_work                  0.214 
_refine_ls_shell.percent_reflns_obs               99.95 
_refine_ls_shell.R_factor_R_free                  0.236 
_refine_ls_shell.R_factor_R_free_error            ? 
_refine_ls_shell.percent_reflns_R_free            ? 
_refine_ls_shell.number_reflns_R_free             101 
_refine_ls_shell.number_reflns_all                ? 
_refine_ls_shell.R_factor_all                     ? 
# 
_struct.entry_id                  2YFZ 
_struct.title                     'CBM62 FROM CLOSTRIDIUM THERMOCELLUM XYL5A' 
_struct.pdbx_model_details        ? 
_struct.pdbx_CASP_flag            ? 
_struct.pdbx_model_type_details   ? 
# 
_struct_keywords.entry_id        2YFZ 
_struct_keywords.pdbx_keywords   'SUGAR BINDING PROTEIN' 
_struct_keywords.text            'SUGAR BINDING PROTEIN' 
# 
loop_
_struct_asym.id 
_struct_asym.pdbx_blank_PDB_chainid_flag 
_struct_asym.pdbx_modified 
_struct_asym.entity_id 
_struct_asym.details 
A N N 1 ? 
B N N 2 ? 
C N N 3 ? 
D N N 4 ? 
E N N 5 ? 
# 
_struct_biol.id   1 
# 
loop_
_struct_conf.conf_type_id 
_struct_conf.id 
_struct_conf.pdbx_PDB_helix_id 
_struct_conf.beg_label_comp_id 
_struct_conf.beg_label_asym_id 
_struct_conf.beg_label_seq_id 
_struct_conf.pdbx_beg_PDB_ins_code 
_struct_conf.end_label_comp_id 
_struct_conf.end_label_asym_id 
_struct_conf.end_label_seq_id 
_struct_conf.pdbx_end_PDB_ins_code 
_struct_conf.beg_auth_comp_id 
_struct_conf.beg_auth_asym_id 
_struct_conf.beg_auth_seq_id 
_struct_conf.end_auth_comp_id 
_struct_conf.end_auth_asym_id 
_struct_conf.end_auth_seq_id 
_struct_conf.pdbx_PDB_helix_class 
_struct_conf.details 
_struct_conf.pdbx_PDB_helix_length 
HELX_P HELX_P1 1 SER A 17 ? ILE A 21 ? SER A 15 ILE A 19 5 ? 5 
HELX_P HELX_P2 2 THR A 24 ? ASP A 30 ? THR A 22 ASP A 28 5 ? 7 
HELX_P HELX_P3 3 TYR A 70 ? ILE A 75 ? TYR A 68 ILE A 73 5 ? 6 
# 
_struct_conf_type.id          HELX_P 
_struct_conf_type.criteria    ? 
_struct_conf_type.reference   ? 
# 
loop_
_struct_conn.id 
_struct_conn.conn_type_id 
_struct_conn.pdbx_leaving_atom_flag 
_struct_conn.pdbx_PDB_id 
_struct_conn.ptnr1_label_asym_id 
_struct_conn.ptnr1_label_comp_id 
_struct_conn.ptnr1_label_seq_id 
_struct_conn.ptnr1_label_atom_id 
_struct_conn.pdbx_ptnr1_label_alt_id 
_struct_conn.pdbx_ptnr1_PDB_ins_code 
_struct_conn.pdbx_ptnr1_standard_comp_id 
_struct_conn.ptnr1_symmetry 
_struct_conn.ptnr2_label_asym_id 
_struct_conn.ptnr2_label_comp_id 
_struct_conn.ptnr2_label_seq_id 
_struct_conn.ptnr2_label_atom_id 
_struct_conn.pdbx_ptnr2_label_alt_id 
_struct_conn.pdbx_ptnr2_PDB_ins_code 
_struct_conn.ptnr1_auth_asym_id 
_struct_conn.ptnr1_auth_comp_id 
_struct_conn.ptnr1_auth_seq_id 
_struct_conn.ptnr2_auth_asym_id 
_struct_conn.ptnr2_auth_comp_id 
_struct_conn.ptnr2_auth_seq_id 
_struct_conn.ptnr2_symmetry 
_struct_conn.pdbx_ptnr3_label_atom_id 
_struct_conn.pdbx_ptnr3_label_seq_id 
_struct_conn.pdbx_ptnr3_label_comp_id 
_struct_conn.pdbx_ptnr3_label_asym_id 
_struct_conn.pdbx_ptnr3_label_alt_id 
_struct_conn.pdbx_ptnr3_PDB_ins_code 
_struct_conn.details 
_struct_conn.pdbx_dist_value 
_struct_conn.pdbx_value_order 
_struct_conn.pdbx_role 
covale1 covale both ? B BGC .   O4  ? ? ? 1_555 B BGC . C1 B ? B BGC 1   B BGC 2    1_555 ? ? ? ? ? ? ? 1.314 ? ? 
covale2 covale both ? B BGC .   O4  ? ? ? 1_555 B BGC . C1 A ? B BGC 1   B BGC 2    1_555 ? ? ? ? ? ? ? 1.314 ? ? 
covale3 covale both ? B BGC .   O6  A ? ? 1_555 B XYS . C1 ? ? B BGC 2   B XYS 3    1_555 ? ? ? ? ? ? ? 1.257 ? ? 
covale4 covale both ? B BGC .   O6  B ? ? 1_555 B XYS . C1 ? ? B BGC 2   B XYS 3    1_555 ? ? ? ? ? ? ? 1.257 ? ? 
covale5 covale both ? B BGC .   O4  B ? ? 1_555 B BGC . C1 ? ? B BGC 2   B BGC 5    1_555 ? ? ? ? ? ? ? 1.260 ? ? 
covale6 covale both ? B BGC .   O4  A ? ? 1_555 B BGC . C1 ? ? B BGC 2   B BGC 5    1_555 ? ? ? ? ? ? ? 1.260 ? ? 
covale7 covale both ? B XYS .   O2  ? ? ? 1_555 B GAL . C1 ? ? B XYS 3   B GAL 4    1_555 ? ? ? ? ? ? ? 1.425 ? ? 
metalc1 metalc ?    ? A LYS 27  O   ? ? ? 1_555 C CA  . CA ? ? A LYS 25  A CA  1141 1_555 ? ? ? ? ? ? ? 2.269 ? ? 
metalc2 metalc ?    ? A ASP 30  OD1 ? ? ? 1_555 C CA  . CA ? ? A ASP 28  A CA  1141 1_555 ? ? ? ? ? ? ? 2.492 ? ? 
metalc3 metalc ?    ? A ASP 32  O   ? ? ? 1_555 C CA  . CA ? ? A ASP 30  A CA  1141 1_555 ? ? ? ? ? ? ? 2.354 ? ? 
metalc4 metalc ?    ? A THR 35  OG1 ? ? ? 1_555 C CA  . CA ? ? A THR 33  A CA  1141 1_555 ? ? ? ? ? ? ? 2.474 ? ? 
metalc5 metalc ?    ? A THR 35  O   ? ? ? 1_555 C CA  . CA ? ? A THR 33  A CA  1141 1_555 ? ? ? ? ? ? ? 2.667 ? ? 
metalc6 metalc ?    ? A ALA 132 O   ? ? ? 1_555 C CA  . CA ? ? A ALA 130 A CA  1141 1_555 ? ? ? ? ? ? ? 2.394 ? ? 
metalc7 metalc ?    ? A GLU 133 OE1 ? ? ? 1_555 C CA  . CA ? ? A GLU 131 A CA  1141 1_555 ? ? ? ? ? ? ? 2.503 ? ? 
# 
loop_
_struct_conn_type.id 
_struct_conn_type.criteria 
_struct_conn_type.reference 
covale ? ? 
metalc ? ? 
# 
loop_
_struct_sheet.id 
_struct_sheet.type 
_struct_sheet.number_strands 
_struct_sheet.details 
AA ? 5 ? 
AB ? 3 ? 
# 
loop_
_struct_sheet_order.sheet_id 
_struct_sheet_order.range_id_1 
_struct_sheet_order.range_id_2 
_struct_sheet_order.offset 
_struct_sheet_order.sense 
AA 1 2 ? anti-parallel 
AA 2 3 ? anti-parallel 
AA 3 4 ? anti-parallel 
AA 4 5 ? anti-parallel 
AB 1 2 ? anti-parallel 
AB 2 3 ? anti-parallel 
# 
loop_
_struct_sheet_range.sheet_id 
_struct_sheet_range.id 
_struct_sheet_range.beg_label_comp_id 
_struct_sheet_range.beg_label_asym_id 
_struct_sheet_range.beg_label_seq_id 
_struct_sheet_range.pdbx_beg_PDB_ins_code 
_struct_sheet_range.end_label_comp_id 
_struct_sheet_range.end_label_asym_id 
_struct_sheet_range.end_label_seq_id 
_struct_sheet_range.pdbx_end_PDB_ins_code 
_struct_sheet_range.beg_auth_comp_id 
_struct_sheet_range.beg_auth_asym_id 
_struct_sheet_range.beg_auth_seq_id 
_struct_sheet_range.end_auth_comp_id 
_struct_sheet_range.end_auth_asym_id 
_struct_sheet_range.end_auth_seq_id 
AA 1 THR A 10  ? GLY A 13  ? THR A 8   GLY A 11  
AA 2 TRP A 46  ? ASP A 50  ? TRP A 44  ASP A 48  
AA 3 TYR A 118 ? LEU A 122 ? TYR A 116 LEU A 120 
AA 4 ILE A 78  ? ALA A 82  ? ILE A 76  ALA A 80  
AA 5 VAL A 91  ? THR A 95  ? VAL A 89  THR A 93  
AB 1 THR A 106 ? ASP A 109 ? THR A 104 ASP A 107 
AB 2 ASN A 57  ? CYS A 65  ? ASN A 55  CYS A 63  
AB 3 GLU A 133 ? PRO A 140 ? GLU A 131 PRO A 138 
# 
loop_
_pdbx_struct_sheet_hbond.sheet_id 
_pdbx_struct_sheet_hbond.range_id_1 
_pdbx_struct_sheet_hbond.range_id_2 
_pdbx_struct_sheet_hbond.range_1_label_atom_id 
_pdbx_struct_sheet_hbond.range_1_label_comp_id 
_pdbx_struct_sheet_hbond.range_1_label_asym_id 
_pdbx_struct_sheet_hbond.range_1_label_seq_id 
_pdbx_struct_sheet_hbond.range_1_PDB_ins_code 
_pdbx_struct_sheet_hbond.range_1_auth_atom_id 
_pdbx_struct_sheet_hbond.range_1_auth_comp_id 
_pdbx_struct_sheet_hbond.range_1_auth_asym_id 
_pdbx_struct_sheet_hbond.range_1_auth_seq_id 
_pdbx_struct_sheet_hbond.range_2_label_atom_id 
_pdbx_struct_sheet_hbond.range_2_label_comp_id 
_pdbx_struct_sheet_hbond.range_2_label_asym_id 
_pdbx_struct_sheet_hbond.range_2_label_seq_id 
_pdbx_struct_sheet_hbond.range_2_PDB_ins_code 
_pdbx_struct_sheet_hbond.range_2_auth_atom_id 
_pdbx_struct_sheet_hbond.range_2_auth_comp_id 
_pdbx_struct_sheet_hbond.range_2_auth_asym_id 
_pdbx_struct_sheet_hbond.range_2_auth_seq_id 
AA 1 2 N ILE A 12  ? N ILE A 10  O GLY A 48  ? O GLY A 46  
AA 2 3 N LEU A 49  ? N LEU A 47  O VAL A 119 ? O VAL A 117 
AA 3 4 N LEU A 122 ? N LEU A 120 O ILE A 78  ? O ILE A 76  
AA 4 5 N GLY A 81  ? N GLY A 79  O VAL A 91  ? O VAL A 89  
AB 1 2 N VAL A 108 ? N VAL A 106 O ILE A 62  ? O ILE A 60  
AB 2 3 N CYS A 65  ? N CYS A 63  O GLU A 133 ? O GLU A 131 
# 
_atom_sites.entry_id                    2YFZ 
_atom_sites.fract_transf_matrix[1][1]   0.00066306 
_atom_sites.fract_transf_matrix[1][2]   -0.00515605 
_atom_sites.fract_transf_matrix[1][3]   0.00040168 
_atom_sites.fract_transf_matrix[2][1]   0.00488616 
_atom_sites.fract_transf_matrix[2][2]   0.00049187 
_atom_sites.fract_transf_matrix[2][3]   -0.00175194 
_atom_sites.fract_transf_matrix[3][1]   0.00169458 
_atom_sites.fract_transf_matrix[3][2]   0.00059922 
_atom_sites.fract_transf_matrix[3][3]   0.00489440 
_atom_sites.fract_transf_vector[1]      0.181155 
_atom_sites.fract_transf_vector[2]      0.072965 
_atom_sites.fract_transf_vector[3]      0.310126 
# 
loop_
_atom_type.symbol 
C  
CA 
N  
O  
S  
# 
loop_
_atom_site.group_PDB 
_atom_site.id 
_atom_site.type_symbol 
_atom_site.label_atom_id 
_atom_site.label_alt_id 
_atom_site.label_comp_id 
_atom_site.label_asym_id 
_atom_site.label_entity_id 
_atom_site.label_seq_id 
_atom_site.pdbx_PDB_ins_code 
_atom_site.Cartn_x 
_atom_site.Cartn_y 
_atom_site.Cartn_z 
_atom_site.occupancy 
_atom_site.B_iso_or_equiv 
_atom_site.pdbx_formal_charge 
_atom_site.auth_seq_id 
_atom_site.auth_comp_id 
_atom_site.auth_asym_id 
_atom_site.auth_atom_id 
_atom_site.pdbx_PDB_model_num 
ATOM   1    N  N   . SER A 1 3   ? -13.758 13.766  5.735   1.00 33.69 ? 1    SER A N   1 
ATOM   2    C  CA  . SER A 1 3   ? -13.779 12.509  4.911   1.00 32.91 ? 1    SER A CA  1 
ATOM   3    C  C   . SER A 1 3   ? -13.688 12.784  3.393   1.00 32.10 ? 1    SER A C   1 
ATOM   4    O  O   . SER A 1 3   ? -14.683 13.123  2.745   1.00 33.11 ? 1    SER A O   1 
ATOM   5    C  CB  . SER A 1 3   ? -15.013 11.663  5.247   1.00 33.67 ? 1    SER A CB  1 
ATOM   6    N  N   . TYR A 1 4   ? -12.482 12.633  2.839   1.00 29.79 ? 2    TYR A N   1 
ATOM   7    C  CA  . TYR A 1 4   ? -12.222 12.803  1.407   1.00 27.21 ? 2    TYR A CA  1 
ATOM   8    C  C   . TYR A 1 4   ? -12.414 11.494  0.632   1.00 24.95 ? 2    TYR A C   1 
ATOM   9    O  O   . TYR A 1 4   ? -12.411 10.418  1.232   1.00 24.64 ? 2    TYR A O   1 
ATOM   10   C  CB  . TYR A 1 4   ? -10.804 13.346  1.208   1.00 27.73 ? 2    TYR A CB  1 
ATOM   11   C  CG  . TYR A 1 4   ? -10.646 14.769  1.684   1.00 29.53 ? 2    TYR A CG  1 
ATOM   12   C  CD1 . TYR A 1 4   ? -10.942 15.844  0.835   1.00 32.76 ? 2    TYR A CD1 1 
ATOM   13   C  CD2 . TYR A 1 4   ? -10.240 15.043  2.992   1.00 31.72 ? 2    TYR A CD2 1 
ATOM   14   C  CE1 . TYR A 1 4   ? -10.807 17.173  1.281   1.00 34.61 ? 2    TYR A CE1 1 
ATOM   15   C  CE2 . TYR A 1 4   ? -10.098 16.359  3.448   1.00 34.29 ? 2    TYR A CE2 1 
ATOM   16   C  CZ  . TYR A 1 4   ? -10.382 17.411  2.588   1.00 35.53 ? 2    TYR A CZ  1 
ATOM   17   O  OH  . TYR A 1 4   ? -10.249 18.703  3.037   1.00 38.27 ? 2    TYR A OH  1 
ATOM   18   N  N   . PRO A 1 5   ? -12.602 11.576  -0.697  1.00 22.82 ? 3    PRO A N   1 
ATOM   19   C  CA  . PRO A 1 5   ? -12.879 10.387  -1.496  1.00 21.23 ? 3    PRO A CA  1 
ATOM   20   C  C   . PRO A 1 5   ? -11.720 9.386   -1.547  1.00 19.43 ? 3    PRO A C   1 
ATOM   21   O  O   . PRO A 1 5   ? -10.558 9.754   -1.351  1.00 17.74 ? 3    PRO A O   1 
ATOM   22   C  CB  . PRO A 1 5   ? -13.096 10.945  -2.911  1.00 21.64 ? 3    PRO A CB  1 
ATOM   23   C  CG  . PRO A 1 5   ? -13.474 12.369  -2.708  1.00 22.92 ? 3    PRO A CG  1 
ATOM   24   C  CD  . PRO A 1 5   ? -12.693 12.808  -1.502  1.00 23.16 ? 3    PRO A CD  1 
ATOM   25   N  N   . LYS A 1 6   ? -12.062 8.136   -1.830  1.00 17.98 ? 4    LYS A N   1 
ATOM   26   C  CA  . LYS A 1 6   ? -11.070 7.113   -2.117  1.00 17.11 ? 4    LYS A CA  1 
ATOM   27   C  C   . LYS A 1 6   ? -10.426 7.393   -3.472  1.00 16.53 ? 4    LYS A C   1 
ATOM   28   O  O   . LYS A 1 6   ? -11.130 7.667   -4.471  1.00 16.80 ? 4    LYS A O   1 
ATOM   29   C  CB  . LYS A 1 6   ? -11.714 5.726   -2.104  1.00 17.47 ? 4    LYS A CB  1 
ATOM   30   C  CG  . LYS A 1 6   ? -10.691 4.576   -2.263  1.00 17.78 ? 4    LYS A CG  1 
ATOM   31   C  CD  . LYS A 1 6   ? -11.234 3.220   -1.731  1.00 20.59 ? 4    LYS A CD  1 
ATOM   32   C  CE  . LYS A 1 6   ? -12.505 2.799   -2.463  1.00 23.16 ? 4    LYS A CE  1 
ATOM   33   N  NZ  . LYS A 1 6   ? -12.196 2.381   -3.864  1.00 28.65 ? 4    LYS A NZ  1 
ATOM   34   N  N   . LEU A 1 7   ? -9.096  7.312   -3.519  1.00 14.44 ? 5    LEU A N   1 
ATOM   35   C  CA  . LEU A 1 7   ? -8.345  7.608   -4.746  1.00 13.79 ? 5    LEU A CA  1 
ATOM   36   C  C   . LEU A 1 7   ? -8.118  6.373   -5.601  1.00 13.64 ? 5    LEU A C   1 
ATOM   37   O  O   . LEU A 1 7   ? -7.994  5.258   -5.089  1.00 14.18 ? 5    LEU A O   1 
ATOM   38   C  CB  . LEU A 1 7   ? -6.991  8.260   -4.415  1.00 13.39 ? 5    LEU A CB  1 
ATOM   39   C  CG  . LEU A 1 7   ? -7.088  9.462   -3.476  1.00 12.85 ? 5    LEU A CG  1 
ATOM   40   C  CD1 . LEU A 1 7   ? -5.698  9.862   -3.034  1.00 11.87 ? 5    LEU A CD1 1 
ATOM   41   C  CD2 . LEU A 1 7   ? -7.797  10.640  -4.164  1.00 13.15 ? 5    LEU A CD2 1 
ATOM   42   N  N   . THR A 1 8   ? -8.108  6.568   -6.912  1.00 13.64 ? 6    THR A N   1 
ATOM   43   C  CA  . THR A 1 8   ? -7.884  5.462   -7.811  1.00 15.31 ? 6    THR A CA  1 
ATOM   44   C  C   . THR A 1 8   ? -6.639  5.757   -8.631  1.00 14.38 ? 6    THR A C   1 
ATOM   45   O  O   . THR A 1 8   ? -6.194  6.902   -8.707  1.00 14.22 ? 6    THR A O   1 
ATOM   46   C  CB  . THR A 1 8   ? -9.093  5.241   -8.743  1.00 16.48 ? 6    THR A CB  1 
ATOM   47   O  OG1 . THR A 1 8   ? -9.310  6.429   -9.487  1.00 18.54 ? 6    THR A OG1 1 
ATOM   48   C  CG2 . THR A 1 8   ? -10.347 4.941   -7.924  1.00 20.13 ? 6    THR A CG2 1 
ATOM   49   N  N   . GLY A 1 9   ? -6.072  4.730   -9.244  1.00 14.20 ? 7    GLY A N   1 
ATOM   50   C  CA  . GLY A 1 9   ? -4.914  4.933   -10.118 1.00 14.44 ? 7    GLY A CA  1 
ATOM   51   C  C   . GLY A 1 9   ? -4.497  3.606   -10.705 1.00 13.97 ? 7    GLY A C   1 
ATOM   52   O  O   . GLY A 1 9   ? -5.248  2.621   -10.619 1.00 14.78 ? 7    GLY A O   1 
ATOM   53   N  N   . THR A 1 10  ? -3.322  3.590   -11.323 1.00 12.52 ? 8    THR A N   1 
ATOM   54   C  CA  . THR A 1 10  ? -2.774  2.386   -11.920 1.00 11.99 ? 8    THR A CA  1 
ATOM   55   C  C   . THR A 1 10  ? -1.983  1.665   -10.843 1.00 11.54 ? 8    THR A C   1 
ATOM   56   O  O   . THR A 1 10  ? -1.132  2.264   -10.176 1.00 9.97  ? 8    THR A O   1 
ATOM   57   C  CB  . THR A 1 10  ? -1.858  2.735   -13.099 1.00 13.06 ? 8    THR A CB  1 
ATOM   58   O  OG1 . THR A 1 10  ? -2.632  3.394   -14.117 1.00 14.46 ? 8    THR A OG1 1 
ATOM   59   C  CG2 . THR A 1 10  ? -1.181  1.489   -13.680 1.00 12.92 ? 8    THR A CG2 1 
ATOM   60   N  N   . VAL A 1 11  ? -2.263  0.380   -10.687 1.00 9.94  ? 9    VAL A N   1 
ATOM   61   C  CA  . VAL A 1 11  ? -1.538  -0.448  -9.721  1.00 9.69  ? 9    VAL A CA  1 
ATOM   62   C  C   . VAL A 1 11  ? -0.077  -0.643  -10.165 1.00 9.62  ? 9    VAL A C   1 
ATOM   63   O  O   . VAL A 1 11  ? 0.186   -1.029  -11.313 1.00 9.72  ? 9    VAL A O   1 
ATOM   64   C  CB  . VAL A 1 11  ? -2.254  -1.813  -9.528  1.00 9.74  ? 9    VAL A CB  1 
ATOM   65   C  CG1 . VAL A 1 11  ? -1.446  -2.733  -8.595  1.00 10.79 ? 9    VAL A CG1 1 
ATOM   66   C  CG2 . VAL A 1 11  ? -3.645  -1.581  -8.931  1.00 9.63  ? 9    VAL A CG2 1 
ATOM   67   N  N   . ILE A 1 12  ? 0.859   -0.358  -9.249  1.00 8.16  ? 10   ILE A N   1 
ATOM   68   C  CA  . ILE A 1 12  ? 2.290   -0.536  -9.502  1.00 8.31  ? 10   ILE A CA  1 
ATOM   69   C  C   . ILE A 1 12  ? 2.904   -1.314  -8.338  1.00 7.97  ? 10   ILE A C   1 
ATOM   70   O  O   . ILE A 1 12  ? 2.344   -1.359  -7.243  1.00 8.46  ? 10   ILE A O   1 
ATOM   71   C  CB  . ILE A 1 12  ? 2.998   0.827   -9.660  1.00 7.46  ? 10   ILE A CB  1 
ATOM   72   C  CG1 . ILE A 1 12  ? 2.685   1.745   -8.461  1.00 7.86  ? 10   ILE A CG1 1 
ATOM   73   C  CG2 . ILE A 1 12  ? 2.516   1.523   -10.989 1.00 8.82  ? 10   ILE A CG2 1 
ATOM   74   C  CD1 . ILE A 1 12  ? 3.567   3.042   -8.433  1.00 8.90  ? 10   ILE A CD1 1 
ATOM   75   N  N   . GLY A 1 13  ? 4.046   -1.934  -8.581  1.00 8.45  ? 11   GLY A N   1 
ATOM   76   C  CA  . GLY A 1 13  ? 4.739   -2.637  -7.508  1.00 8.64  ? 11   GLY A CA  1 
ATOM   77   C  C   . GLY A 1 13  ? 5.414   -3.899  -7.989  1.00 8.60  ? 11   GLY A C   1 
ATOM   78   O  O   . GLY A 1 13  ? 5.550   -4.133  -9.197  1.00 9.06  ? 11   GLY A O   1 
ATOM   79   N  N   . THR A 1 14  ? 5.808   -4.705  -7.021  1.00 8.35  ? 12   THR A N   1 
ATOM   80   C  CA  . THR A 1 14  ? 6.527   -5.961  -7.222  1.00 9.20  ? 12   THR A CA  1 
ATOM   81   C  C   . THR A 1 14  ? 5.693   -6.871  -8.118  1.00 10.12 ? 12   THR A C   1 
ATOM   82   O  O   . THR A 1 14  ? 4.486   -7.024  -7.882  1.00 9.92  ? 12   THR A O   1 
ATOM   83   C  CB  . THR A 1 14  ? 6.744   -6.632  -5.854  1.00 9.19  ? 12   THR A CB  1 
ATOM   84   O  OG1 . THR A 1 14  ? 7.555   -5.763  -5.046  1.00 9.32  ? 12   THR A OG1 1 
ATOM   85   C  CG2 . THR A 1 14  ? 7.425   -8.014  -5.992  1.00 10.39 ? 12   THR A CG2 1 
ATOM   86   N  N   . GLN A 1 15  ? 6.336   -7.447  -9.146  1.00 9.91  ? 13   GLN A N   1 
ATOM   87   C  CA  A GLN A 1 15  ? 5.656   -8.351  -10.075 0.50 10.64 ? 13   GLN A CA  1 
ATOM   88   C  CA  B GLN A 1 15  ? 5.653   -8.353  -10.084 0.50 11.07 ? 13   GLN A CA  1 
ATOM   89   C  C   . GLN A 1 15  ? 5.709   -9.784  -9.549  1.00 10.55 ? 13   GLN A C   1 
ATOM   90   O  O   . GLN A 1 15  ? 6.662   -10.168 -8.866  1.00 10.28 ? 13   GLN A O   1 
ATOM   91   C  CB  A GLN A 1 15  ? 6.332   -8.276  -11.455 0.50 10.98 ? 13   GLN A CB  1 
ATOM   92   C  CB  B GLN A 1 15  ? 6.321   -8.306  -11.477 0.50 11.76 ? 13   GLN A CB  1 
ATOM   93   C  CG  A GLN A 1 15  ? 6.354   -6.866  -12.014 0.50 12.33 ? 13   GLN A CG  1 
ATOM   94   C  CG  B GLN A 1 15  ? 6.113   -7.000  -12.242 0.50 14.96 ? 13   GLN A CG  1 
ATOM   95   C  CD  A GLN A 1 15  ? 4.965   -6.337  -12.245 0.50 10.25 ? 13   GLN A CD  1 
ATOM   96   C  CD  B GLN A 1 15  ? 5.287   -7.163  -13.504 0.50 18.60 ? 13   GLN A CD  1 
ATOM   97   O  OE1 A GLN A 1 15  ? 4.236   -6.868  -13.077 0.50 13.77 ? 13   GLN A OE1 1 
ATOM   98   O  OE1 B GLN A 1 15  ? 5.555   -8.035  -14.342 0.50 20.28 ? 13   GLN A OE1 1 
ATOM   99   N  NE2 A GLN A 1 15  ? 4.586   -5.286  -11.524 0.50 12.35 ? 13   GLN A NE2 1 
ATOM   100  N  NE2 B GLN A 1 15  ? 4.280   -6.310  -13.655 0.50 20.00 ? 13   GLN A NE2 1 
ATOM   101  N  N   . GLY A 1 16  ? 4.689   -10.581 -9.868  1.00 10.03 ? 14   GLY A N   1 
ATOM   102  C  CA  . GLY A 1 16  ? 4.719   -11.988 -9.500  1.00 10.36 ? 14   GLY A CA  1 
ATOM   103  C  C   . GLY A 1 16  ? 4.044   -12.285 -8.166  1.00 10.34 ? 14   GLY A C   1 
ATOM   104  O  O   . GLY A 1 16  ? 3.403   -11.400 -7.566  1.00 10.01 ? 14   GLY A O   1 
ATOM   105  N  N   . SER A 1 17  ? 4.160   -13.532 -7.725  1.00 9.81  ? 15   SER A N   1 
ATOM   106  C  CA  . SER A 1 17  ? 3.511   -13.981 -6.498  1.00 10.01 ? 15   SER A CA  1 
ATOM   107  C  C   . SER A 1 17  ? 4.173   -15.240 -5.993  1.00 10.39 ? 15   SER A C   1 
ATOM   108  O  O   . SER A 1 17  ? 4.831   -15.972 -6.762  1.00 10.68 ? 15   SER A O   1 
ATOM   109  C  CB  . SER A 1 17  ? 1.994   -14.232 -6.719  1.00 10.40 ? 15   SER A CB  1 
ATOM   110  O  OG  . SER A 1 17  ? 1.777   -15.298 -7.641  1.00 10.91 ? 15   SER A OG  1 
ATOM   111  N  N   . TRP A 1 18  ? 3.973   -15.488 -4.700  1.00 10.19 ? 16   TRP A N   1 
ATOM   112  C  CA  A TRP A 1 18  ? 4.560   -16.629 -4.033  0.50 10.05 ? 16   TRP A CA  1 
ATOM   113  C  CA  B TRP A 1 18  ? 4.550   -16.632 -4.022  0.50 10.76 ? 16   TRP A CA  1 
ATOM   114  C  C   . TRP A 1 18  ? 4.129   -17.923 -4.721  1.00 10.68 ? 16   TRP A C   1 
ATOM   115  O  O   . TRP A 1 18  ? 2.931   -18.166 -4.918  1.00 10.15 ? 16   TRP A O   1 
ATOM   116  C  CB  A TRP A 1 18  ? 4.133   -16.659 -2.574  0.50 9.77  ? 16   TRP A CB  1 
ATOM   117  C  CB  B TRP A 1 18  ? 4.093   -16.666 -2.570  0.50 11.02 ? 16   TRP A CB  1 
ATOM   118  C  CG  A TRP A 1 18  ? 4.826   -17.732 -1.765  0.50 9.17  ? 16   TRP A CG  1 
ATOM   119  C  CG  B TRP A 1 18  ? 4.621   -17.855 -1.789  0.50 13.51 ? 16   TRP A CG  1 
ATOM   120  C  CD1 A TRP A 1 18  ? 6.122   -17.726 -1.333  0.50 9.03  ? 16   TRP A CD1 1 
ATOM   121  C  CD1 B TRP A 1 18  ? 3.892   -18.902 -1.290  0.50 14.88 ? 16   TRP A CD1 1 
ATOM   122  C  CD2 A TRP A 1 18  ? 4.244   -18.954 -1.279  0.50 9.44  ? 16   TRP A CD2 1 
ATOM   123  C  CD2 B TRP A 1 18  ? 5.983   -18.106 -1.422  0.50 16.65 ? 16   TRP A CD2 1 
ATOM   124  N  NE1 A TRP A 1 18  ? 6.389   -18.880 -0.615  0.50 8.36  ? 16   TRP A NE1 1 
ATOM   125  N  NE1 B TRP A 1 18  ? 4.718   -19.784 -0.632  0.50 16.69 ? 16   TRP A NE1 1 
ATOM   126  C  CE2 A TRP A 1 18  ? 5.250   -19.642 -0.564  0.50 10.00 ? 16   TRP A CE2 1 
ATOM   127  C  CE2 B TRP A 1 18  ? 6.008   -19.323 -0.702  0.50 16.98 ? 16   TRP A CE2 1 
ATOM   128  C  CE3 A TRP A 1 18  ? 2.970   -19.527 -1.376  0.50 9.58  ? 16   TRP A CE3 1 
ATOM   129  C  CE3 B TRP A 1 18  ? 7.185   -17.425 -1.636  0.50 17.78 ? 16   TRP A CE3 1 
ATOM   130  C  CZ2 A TRP A 1 18  ? 5.019   -20.874 0.054   0.50 10.80 ? 16   TRP A CZ2 1 
ATOM   131  C  CZ2 B TRP A 1 18  ? 7.189   -19.869 -0.189  0.50 19.59 ? 16   TRP A CZ2 1 
ATOM   132  C  CZ3 A TRP A 1 18  ? 2.742   -20.762 -0.765  0.50 10.91 ? 16   TRP A CZ3 1 
ATOM   133  C  CZ3 B TRP A 1 18  ? 8.360   -17.979 -1.135  0.50 19.89 ? 16   TRP A CZ3 1 
ATOM   134  C  CH2 A TRP A 1 18  ? 3.763   -21.416 -0.053  0.50 10.87 ? 16   TRP A CH2 1 
ATOM   135  C  CH2 B TRP A 1 18  ? 8.351   -19.184 -0.411  0.50 20.37 ? 16   TRP A CH2 1 
ATOM   136  N  N   . ASN A 1 19  ? 5.128   -18.722 -5.083  1.00 11.14 ? 17   ASN A N   1 
ATOM   137  C  CA  . ASN A 1 19  ? 4.912   -20.023 -5.724  1.00 12.51 ? 17   ASN A CA  1 
ATOM   138  C  C   . ASN A 1 19  ? 4.059   -19.920 -6.983  1.00 11.42 ? 17   ASN A C   1 
ATOM   139  O  O   . ASN A 1 19  ? 3.468   -20.908 -7.408  1.00 11.88 ? 17   ASN A O   1 
ATOM   140  C  CB  . ASN A 1 19  ? 4.318   -21.019 -4.716  1.00 13.43 ? 17   ASN A CB  1 
ATOM   141  C  CG  . ASN A 1 19  ? 5.387   -21.617 -3.791  1.00 20.07 ? 17   ASN A CG  1 
ATOM   142  O  OD1 . ASN A 1 19  ? 6.584   -21.441 -4.015  1.00 26.30 ? 17   ASN A OD1 1 
ATOM   143  N  ND2 . ASN A 1 19  ? 4.948   -22.324 -2.752  1.00 23.79 ? 17   ASN A ND2 1 
ATOM   144  N  N   . ASN A 1 20  ? 3.994   -18.725 -7.567  1.00 10.94 ? 18   ASN A N   1 
ATOM   145  C  CA  . ASN A 1 20  ? 3.220   -18.471 -8.786  1.00 11.13 ? 18   ASN A CA  1 
ATOM   146  C  C   . ASN A 1 20  ? 1.744   -18.829 -8.601  1.00 11.07 ? 18   ASN A C   1 
ATOM   147  O  O   . ASN A 1 20  ? 1.039   -19.132 -9.578  1.00 10.73 ? 18   ASN A O   1 
ATOM   148  C  CB  . ASN A 1 20  ? 3.815   -19.276 -9.969  1.00 11.85 ? 18   ASN A CB  1 
ATOM   149  C  CG  . ASN A 1 20  ? 3.166   -18.938 -11.307 1.00 11.68 ? 18   ASN A CG  1 
ATOM   150  O  OD1 . ASN A 1 20  ? 3.051   -17.769 -11.688 1.00 11.65 ? 18   ASN A OD1 1 
ATOM   151  N  ND2 . ASN A 1 20  ? 2.762   -19.984 -12.043 1.00 10.41 ? 18   ASN A ND2 1 
ATOM   152  N  N   . ILE A 1 21  ? 1.249   -18.772 -7.367  1.00 10.33 ? 19   ILE A N   1 
ATOM   153  C  CA  A ILE A 1 21  ? -0.155  -19.125 -7.092  0.50 10.65 ? 19   ILE A CA  1 
ATOM   154  C  CA  B ILE A 1 21  ? -0.145  -19.150 -7.137  0.50 10.56 ? 19   ILE A CA  1 
ATOM   155  C  C   . ILE A 1 21  ? -1.102  -18.087 -7.701  1.00 10.65 ? 19   ILE A C   1 
ATOM   156  O  O   . ILE A 1 21  ? -2.226  -18.414 -8.137  1.00 11.59 ? 19   ILE A O   1 
ATOM   157  C  CB  A ILE A 1 21  ? -0.411  -19.304 -5.563  0.50 10.48 ? 19   ILE A CB  1 
ATOM   158  C  CB  B ILE A 1 21  ? -0.387  -19.523 -5.650  0.50 10.47 ? 19   ILE A CB  1 
ATOM   159  C  CG1 A ILE A 1 21  ? 0.412   -20.481 -5.027  0.50 12.13 ? 19   ILE A CG1 1 
ATOM   160  C  CG1 B ILE A 1 21  ? 0.410   -20.802 -5.332  0.50 11.38 ? 19   ILE A CG1 1 
ATOM   161  C  CG2 A ILE A 1 21  ? -1.890  -19.517 -5.262  0.50 11.54 ? 19   ILE A CG2 1 
ATOM   162  C  CG2 B ILE A 1 21  ? -1.867  -19.723 -5.360  0.50 11.60 ? 19   ILE A CG2 1 
ATOM   163  C  CD1 A ILE A 1 21  ? 0.035   -21.804 -5.642  0.50 13.70 ? 19   ILE A CD1 1 
ATOM   164  C  CD1 B ILE A 1 21  ? 0.697   -21.024 -3.860  0.50 11.94 ? 19   ILE A CD1 1 
ATOM   165  N  N   . GLY A 1 22  ? -0.663  -16.832 -7.740  1.00 9.58  ? 20   GLY A N   1 
ATOM   166  C  CA  . GLY A 1 22  ? -1.491  -15.798 -8.348  1.00 8.94  ? 20   GLY A CA  1 
ATOM   167  C  C   . GLY A 1 22  ? -1.930  -14.696 -7.386  1.00 9.00  ? 20   GLY A C   1 
ATOM   168  O  O   . GLY A 1 22  ? -2.704  -13.843 -7.774  1.00 8.92  ? 20   GLY A O   1 
ATOM   169  N  N   . ASN A 1 23  ? -1.439  -14.716 -6.147  1.00 8.34  ? 21   ASN A N   1 
ATOM   170  C  CA  . ASN A 1 23  ? -1.783  -13.660 -5.184  1.00 8.79  ? 21   ASN A CA  1 
ATOM   171  C  C   . ASN A 1 23  ? -0.889  -12.437 -5.400  1.00 8.45  ? 21   ASN A C   1 
ATOM   172  O  O   . ASN A 1 23  ? -0.034  -12.115 -4.567  1.00 8.63  ? 21   ASN A O   1 
ATOM   173  C  CB  . ASN A 1 23  ? -1.705  -14.204 -3.751  1.00 8.43  ? 21   ASN A CB  1 
ATOM   174  C  CG  . ASN A 1 23  ? -2.827  -15.201 -3.462  1.00 9.95  ? 21   ASN A CG  1 
ATOM   175  O  OD1 . ASN A 1 23  ? -2.620  -16.221 -2.779  1.00 14.03 ? 21   ASN A OD1 1 
ATOM   176  N  ND2 . ASN A 1 23  ? -4.010  -14.914 -3.978  1.00 4.79  ? 21   ASN A ND2 1 
ATOM   177  N  N   . THR A 1 24  ? -1.089  -11.790 -6.550  1.00 8.00  ? 22   THR A N   1 
ATOM   178  C  CA  . THR A 1 24  ? -0.260  -10.642 -6.966  1.00 8.23  ? 22   THR A CA  1 
ATOM   179  C  C   . THR A 1 24  ? -0.695  -9.369  -6.212  1.00 8.30  ? 22   THR A C   1 
ATOM   180  O  O   . THR A 1 24  ? -1.671  -9.388  -5.437  1.00 7.82  ? 22   THR A O   1 
ATOM   181  C  CB  . THR A 1 24  ? -0.426  -10.361 -8.451  1.00 8.83  ? 22   THR A CB  1 
ATOM   182  O  OG1 . THR A 1 24  ? -1.773  -9.910  -8.667  1.00 8.73  ? 22   THR A OG1 1 
ATOM   183  C  CG2 . THR A 1 24  ? -0.129  -11.646 -9.328  1.00 8.49  ? 22   THR A CG2 1 
ATOM   184  N  N   . ILE A 1 25  ? -0.003  -8.259  -6.478  1.00 8.22  ? 23   ILE A N   1 
ATOM   185  C  CA  . ILE A 1 25  ? -0.335  -6.971  -5.844  1.00 7.98  ? 23   ILE A CA  1 
ATOM   186  C  C   . ILE A 1 25  ? -1.778  -6.541  -6.093  1.00 9.00  ? 23   ILE A C   1 
ATOM   187  O  O   . ILE A 1 25  ? -2.340  -5.774  -5.308  1.00 8.57  ? 23   ILE A O   1 
ATOM   188  C  CB  . ILE A 1 25  ? 0.633   -5.854  -6.288  1.00 7.53  ? 23   ILE A CB  1 
ATOM   189  C  CG1 . ILE A 1 25  ? 0.660   -5.737  -7.828  1.00 9.20  ? 23   ILE A CG1 1 
ATOM   190  C  CG2 . ILE A 1 25  ? 2.032   -6.182  -5.743  1.00 7.46  ? 23   ILE A CG2 1 
ATOM   191  C  CD1 . ILE A 1 25  ? 1.690   -4.679  -8.386  1.00 9.10  ? 23   ILE A CD1 1 
ATOM   192  N  N   . HIS A 1 26  ? -2.380  -7.024  -7.189  1.00 8.77  ? 24   HIS A N   1 
ATOM   193  C  CA  . HIS A 1 26  ? -3.761  -6.671  -7.476  1.00 9.12  ? 24   HIS A CA  1 
ATOM   194  C  C   . HIS A 1 26  ? -4.759  -7.132  -6.423  1.00 9.45  ? 24   HIS A C   1 
ATOM   195  O  O   . HIS A 1 26  ? -5.836  -6.527  -6.303  1.00 8.87  ? 24   HIS A O   1 
ATOM   196  C  CB  . HIS A 1 26  ? -4.165  -7.175  -8.875  1.00 9.19  ? 24   HIS A CB  1 
ATOM   197  C  CG  . HIS A 1 26  ? -3.500  -6.406  -9.971  1.00 9.73  ? 24   HIS A CG  1 
ATOM   198  N  ND1 . HIS A 1 26  ? -4.056  -5.273  -10.527 1.00 11.21 ? 24   HIS A ND1 1 
ATOM   199  C  CD2 . HIS A 1 26  ? -2.274  -6.550  -10.545 1.00 10.58 ? 24   HIS A CD2 1 
ATOM   200  C  CE1 . HIS A 1 26  ? -3.225  -4.779  -11.434 1.00 10.56 ? 24   HIS A CE1 1 
ATOM   201  N  NE2 . HIS A 1 26  ? -2.136  -5.529  -11.457 1.00 9.42  ? 24   HIS A NE2 1 
ATOM   202  N  N   . LYS A 1 27  ? -4.397  -8.162  -5.653  1.00 8.53  ? 25   LYS A N   1 
ATOM   203  C  CA  . LYS A 1 27  ? -5.274  -8.639  -4.578  1.00 9.37  ? 25   LYS A CA  1 
ATOM   204  C  C   . LYS A 1 27  ? -5.461  -7.609  -3.473  1.00 9.76  ? 25   LYS A C   1 
ATOM   205  O  O   . LYS A 1 27  ? -6.419  -7.712  -2.691  1.00 9.79  ? 25   LYS A O   1 
ATOM   206  C  CB  . LYS A 1 27  ? -4.735  -9.923  -3.939  1.00 8.61  ? 25   LYS A CB  1 
ATOM   207  C  CG  . LYS A 1 27  ? -4.562  -11.126 -4.889  1.00 10.91 ? 25   LYS A CG  1 
ATOM   208  C  CD  . LYS A 1 27  ? -5.864  -11.439 -5.620  1.00 15.82 ? 25   LYS A CD  1 
ATOM   209  C  CE  . LYS A 1 27  ? -5.680  -12.712 -6.406  1.00 19.35 ? 25   LYS A CE  1 
ATOM   210  N  NZ  . LYS A 1 27  ? -6.780  -12.856 -7.399  1.00 24.31 ? 25   LYS A NZ  1 
ATOM   211  N  N   . ALA A 1 28  ? -4.571  -6.616  -3.384  1.00 9.22  ? 26   ALA A N   1 
ATOM   212  C  CA  . ALA A 1 28  ? -4.699  -5.593  -2.338  1.00 9.16  ? 26   ALA A CA  1 
ATOM   213  C  C   . ALA A 1 28  ? -5.630  -4.456  -2.714  1.00 9.26  ? 26   ALA A C   1 
ATOM   214  O  O   . ALA A 1 28  ? -5.850  -3.526  -1.913  1.00 9.64  ? 26   ALA A O   1 
ATOM   215  C  CB  . ALA A 1 28  ? -3.293  -5.032  -1.965  1.00 9.66  ? 26   ALA A CB  1 
ATOM   216  N  N   . PHE A 1 29  ? -6.193  -4.520  -3.924  1.00 9.19  ? 27   PHE A N   1 
ATOM   217  C  CA  . PHE A 1 29  ? -7.055  -3.451  -4.415  1.00 9.52  ? 27   PHE A CA  1 
ATOM   218  C  C   . PHE A 1 29  ? -8.422  -3.952  -4.852  1.00 10.80 ? 27   PHE A C   1 
ATOM   219  O  O   . PHE A 1 29  ? -9.137  -3.252  -5.574  1.00 11.38 ? 27   PHE A O   1 
ATOM   220  C  CB  . PHE A 1 29  ? -6.364  -2.688  -5.551  1.00 10.37 ? 27   PHE A CB  1 
ATOM   221  C  CG  . PHE A 1 29  ? -5.056  -2.083  -5.140  1.00 10.65 ? 27   PHE A CG  1 
ATOM   222  C  CD1 . PHE A 1 29  ? -5.023  -0.852  -4.463  1.00 10.97 ? 27   PHE A CD1 1 
ATOM   223  C  CD2 . PHE A 1 29  ? -3.852  -2.752  -5.394  1.00 10.66 ? 27   PHE A CD2 1 
ATOM   224  C  CE1 . PHE A 1 29  ? -3.790  -0.286  -4.079  1.00 11.24 ? 27   PHE A CE1 1 
ATOM   225  C  CE2 . PHE A 1 29  ? -2.616  -2.178  -4.999  1.00 10.68 ? 27   PHE A CE2 1 
ATOM   226  C  CZ  . PHE A 1 29  ? -2.600  -0.956  -4.344  1.00 10.28 ? 27   PHE A CZ  1 
ATOM   227  N  N   . ASP A 1 30  ? -8.788  -5.164  -4.445  1.00 9.28  ? 28   ASP A N   1 
ATOM   228  C  CA  . ASP A 1 30  ? -9.991  -5.785  -5.011  1.00 10.34 ? 28   ASP A CA  1 
ATOM   229  C  C   . ASP A 1 30  ? -11.233 -5.664  -4.130  1.00 10.63 ? 28   ASP A C   1 
ATOM   230  O  O   . ASP A 1 30  ? -12.296 -6.191  -4.508  1.00 11.02 ? 28   ASP A O   1 
ATOM   231  C  CB  . ASP A 1 30  ? -9.761  -7.264  -5.371  1.00 9.97  ? 28   ASP A CB  1 
ATOM   232  C  CG  . ASP A 1 30  ? -9.415  -8.123  -4.185  1.00 9.67  ? 28   ASP A CG  1 
ATOM   233  O  OD1 . ASP A 1 30  ? -9.372  -7.624  -3.029  1.00 8.72  ? 28   ASP A OD1 1 
ATOM   234  O  OD2 . ASP A 1 30  ? -9.159  -9.324  -4.408  1.00 10.75 ? 28   ASP A OD2 1 
ATOM   235  N  N   . GLY A 1 31  ? -11.089 -5.007  -2.987  1.00 10.21 ? 29   GLY A N   1 
ATOM   236  C  CA  . GLY A 1 31  ? -12.219 -4.797  -2.048  1.00 11.26 ? 29   GLY A CA  1 
ATOM   237  C  C   . GLY A 1 31  ? -12.562 -6.012  -1.198  1.00 10.38 ? 29   GLY A C   1 
ATOM   238  O  O   . GLY A 1 31  ? -13.538 -5.979  -0.455  1.00 10.71 ? 29   GLY A O   1 
ATOM   239  N  N   . ASP A 1 32  ? -11.780 -7.082  -1.288  1.00 9.69  ? 30   ASP A N   1 
ATOM   240  C  CA  . ASP A 1 32  ? -12.057 -8.300  -0.504  1.00 8.72  ? 30   ASP A CA  1 
ATOM   241  C  C   . ASP A 1 32  ? -10.991 -8.437  0.591   1.00 9.30  ? 30   ASP A C   1 
ATOM   242  O  O   . ASP A 1 32  ? -9.811  -8.560  0.288   1.00 8.03  ? 30   ASP A O   1 
ATOM   243  C  CB  . ASP A 1 32  ? -12.037 -9.525  -1.416  1.00 9.83  ? 30   ASP A CB  1 
ATOM   244  C  CG  . ASP A 1 32  ? -12.488 -10.807 -0.715  1.00 10.83 ? 30   ASP A CG  1 
ATOM   245  O  OD1 . ASP A 1 32  ? -12.708 -10.803 0.505   1.00 12.24 ? 30   ASP A OD1 1 
ATOM   246  O  OD2 . ASP A 1 32  ? -12.645 -11.827 -1.412  1.00 12.02 ? 30   ASP A OD2 1 
ATOM   247  N  N   . LEU A 1 33  ? -11.384 -8.387  1.859   1.00 8.08  ? 31   LEU A N   1 
ATOM   248  C  CA  . LEU A 1 33  ? -10.401 -8.486  2.943   1.00 9.02  ? 31   LEU A CA  1 
ATOM   249  C  C   . LEU A 1 33  ? -9.876  -9.909  3.109   1.00 9.27  ? 31   LEU A C   1 
ATOM   250  O  O   . LEU A 1 33  ? -8.927  -10.131 3.876   1.00 9.92  ? 31   LEU A O   1 
ATOM   251  C  CB  . LEU A 1 33  ? -10.990 -7.969  4.267   1.00 8.83  ? 31   LEU A CB  1 
ATOM   252  C  CG  . LEU A 1 33  ? -11.615 -6.566  4.218   1.00 9.28  ? 31   LEU A CG  1 
ATOM   253  C  CD1 . LEU A 1 33  ? -12.021 -6.183  5.664   1.00 10.77 ? 31   LEU A CD1 1 
ATOM   254  C  CD2 . LEU A 1 33  ? -10.605 -5.524  3.615   1.00 10.77 ? 31   LEU A CD2 1 
ATOM   255  N  N   . ASN A 1 34  ? -10.497 -10.862 2.402   1.00 9.43  ? 32   ASN A N   1 
ATOM   256  C  CA  . ASN A 1 34  ? -10.046 -12.255 2.410   1.00 9.78  ? 32   ASN A CA  1 
ATOM   257  C  C   . ASN A 1 34  ? -8.922  -12.573 1.414   1.00 10.23 ? 32   ASN A C   1 
ATOM   258  O  O   . ASN A 1 34  ? -8.263  -13.615 1.524   1.00 11.04 ? 32   ASN A O   1 
ATOM   259  C  CB  . ASN A 1 34  ? -11.222 -13.202 2.110   1.00 10.91 ? 32   ASN A CB  1 
ATOM   260  C  CG  . ASN A 1 34  ? -12.343 -13.045 3.098   1.00 12.66 ? 32   ASN A CG  1 
ATOM   261  O  OD1 . ASN A 1 34  ? -13.399 -12.474 2.768   1.00 15.84 ? 32   ASN A OD1 1 
ATOM   262  N  ND2 . ASN A 1 34  ? -12.112 -13.483 4.328   1.00 11.51 ? 32   ASN A ND2 1 
ATOM   263  N  N   . THR A 1 35  ? -8.735  -11.719 0.428   1.00 9.62  ? 33   THR A N   1 
ATOM   264  C  CA  . THR A 1 35  ? -7.682  -11.958 -0.575  1.00 9.47  ? 33   THR A CA  1 
ATOM   265  C  C   . THR A 1 35  ? -6.493  -11.072 -0.239  1.00 10.20 ? 33   THR A C   1 
ATOM   266  O  O   . THR A 1 35  ? -6.675  -9.970  0.299   1.00 10.84 ? 33   THR A O   1 
ATOM   267  C  CB  . THR A 1 35  ? -8.133  -11.599 -1.985  1.00 10.03 ? 33   THR A CB  1 
ATOM   268  O  OG1 . THR A 1 35  ? -8.522  -10.230 -2.013  1.00 9.96  ? 33   THR A OG1 1 
ATOM   269  C  CG2 . THR A 1 35  ? -9.302  -12.487 -2.446  1.00 11.41 ? 33   THR A CG2 1 
ATOM   270  N  N   . PHE A 1 36  ? -5.286  -11.517 -0.574  1.00 9.26  ? 34   PHE A N   1 
ATOM   271  C  CA  . PHE A 1 36  ? -4.088  -10.818 -0.110  1.00 8.73  ? 34   PHE A CA  1 
ATOM   272  C  C   . PHE A 1 36  ? -2.984  -10.920 -1.153  1.00 8.72  ? 34   PHE A C   1 
ATOM   273  O  O   . PHE A 1 36  ? -2.971  -11.848 -1.967  1.00 9.20  ? 34   PHE A O   1 
ATOM   274  C  CB  . PHE A 1 36  ? -3.572  -11.418 1.218   1.00 8.63  ? 34   PHE A CB  1 
ATOM   275  C  CG  . PHE A 1 36  ? -3.450  -12.920 1.179   1.00 10.15 ? 34   PHE A CG  1 
ATOM   276  C  CD1 . PHE A 1 36  ? -2.289  -13.537 0.698   1.00 9.84  ? 34   PHE A CD1 1 
ATOM   277  C  CD2 . PHE A 1 36  ? -4.530  -13.718 1.572   1.00 9.98  ? 34   PHE A CD2 1 
ATOM   278  C  CE1 . PHE A 1 36  ? -2.205  -14.955 0.613   1.00 11.10 ? 34   PHE A CE1 1 
ATOM   279  C  CE2 . PHE A 1 36  ? -4.458  -15.113 1.507   1.00 12.60 ? 34   PHE A CE2 1 
ATOM   280  C  CZ  . PHE A 1 36  ? -3.295  -15.736 1.021   1.00 13.13 ? 34   PHE A CZ  1 
ATOM   281  N  N   . PHE A 1 37  ? -2.061  -9.961  -1.099  1.00 8.22  ? 35   PHE A N   1 
ATOM   282  C  CA  . PHE A 1 37  ? -0.810  -10.021 -1.869  1.00 7.93  ? 35   PHE A CA  1 
ATOM   283  C  C   . PHE A 1 37  ? 0.158   -10.920 -1.114  1.00 8.33  ? 35   PHE A C   1 
ATOM   284  O  O   . PHE A 1 37  ? 0.389   -10.716 0.087   1.00 7.56  ? 35   PHE A O   1 
ATOM   285  C  CB  . PHE A 1 37  ? -0.240  -8.594  -1.984  1.00 7.20  ? 35   PHE A CB  1 
ATOM   286  C  CG  . PHE A 1 37  ? 1.169   -8.518  -2.552  1.00 8.30  ? 35   PHE A CG  1 
ATOM   287  C  CD1 . PHE A 1 37  ? 1.550   -9.286  -3.658  1.00 7.78  ? 35   PHE A CD1 1 
ATOM   288  C  CD2 . PHE A 1 37  ? 2.101   -7.645  -1.968  1.00 7.86  ? 35   PHE A CD2 1 
ATOM   289  C  CE1 . PHE A 1 37  ? 2.862   -9.223  -4.172  1.00 8.16  ? 35   PHE A CE1 1 
ATOM   290  C  CE2 . PHE A 1 37  ? 3.422   -7.551  -2.462  1.00 7.76  ? 35   PHE A CE2 1 
ATOM   291  C  CZ  . PHE A 1 37  ? 3.799   -8.353  -3.587  1.00 8.85  ? 35   PHE A CZ  1 
ATOM   292  N  N   . ASP A 1 38  ? 0.687   -11.934 -1.814  1.00 8.22  ? 36   ASP A N   1 
ATOM   293  C  CA  . ASP A 1 38  ? 1.708   -12.811 -1.254  1.00 9.03  ? 36   ASP A CA  1 
ATOM   294  C  C   . ASP A 1 38  ? 2.865   -12.729 -2.268  1.00 9.07  ? 36   ASP A C   1 
ATOM   295  O  O   . ASP A 1 38  ? 2.783   -13.282 -3.365  1.00 9.09  ? 36   ASP A O   1 
ATOM   296  C  CB  . ASP A 1 38  ? 1.155   -14.247 -1.137  1.00 9.35  ? 36   ASP A CB  1 
ATOM   297  C  CG  . ASP A 1 38  ? 1.945   -15.124 -0.175  1.00 10.75 ? 36   ASP A CG  1 
ATOM   298  O  OD1 . ASP A 1 38  ? 2.792   -14.616 0.603   1.00 10.21 ? 36   ASP A OD1 1 
ATOM   299  O  OD2 . ASP A 1 38  ? 1.703   -16.356 -0.192  1.00 11.31 ? 36   ASP A OD2 1 
ATOM   300  N  N   . GLY A 1 39  ? 3.903   -11.963 -1.935  1.00 9.44  ? 37   GLY A N   1 
ATOM   301  C  CA  . GLY A 1 39  ? 4.974   -11.670 -2.905  1.00 8.81  ? 37   GLY A CA  1 
ATOM   302  C  C   . GLY A 1 39  ? 5.888   -12.860 -3.184  1.00 9.98  ? 37   GLY A C   1 
ATOM   303  O  O   . GLY A 1 39  ? 5.917   -13.826 -2.438  1.00 9.84  ? 37   GLY A O   1 
ATOM   304  N  N   . PRO A 1 40  ? 6.666   -12.778 -4.265  1.00 10.70 ? 38   PRO A N   1 
ATOM   305  C  CA  . PRO A 1 40  ? 7.493   -13.909 -4.666  1.00 11.37 ? 38   PRO A CA  1 
ATOM   306  C  C   . PRO A 1 40  ? 8.755   -14.067 -3.808  1.00 12.68 ? 38   PRO A C   1 
ATOM   307  O  O   . PRO A 1 40  ? 9.405   -15.124 -3.865  1.00 13.65 ? 38   PRO A O   1 
ATOM   308  C  CB  . PRO A 1 40  ? 7.870   -13.562 -6.109  1.00 11.47 ? 38   PRO A CB  1 
ATOM   309  C  CG  . PRO A 1 40  ? 7.906   -12.024 -6.121  1.00 11.04 ? 38   PRO A CG  1 
ATOM   310  C  CD  . PRO A 1 40  ? 6.697   -11.670 -5.242  1.00 10.84 ? 38   PRO A CD  1 
ATOM   311  N  N   . THR A 1 41  ? 9.113   -13.035 -3.045  1.00 11.80 ? 39   THR A N   1 
ATOM   312  C  CA  . THR A 1 41  ? 10.318  -13.076 -2.206  1.00 12.66 ? 39   THR A CA  1 
ATOM   313  C  C   . THR A 1 41  ? 9.988   -12.576 -0.810  1.00 11.52 ? 39   THR A C   1 
ATOM   314  O  O   . THR A 1 41  ? 9.032   -11.815 -0.629  1.00 10.60 ? 39   THR A O   1 
ATOM   315  C  CB  . THR A 1 41  ? 11.456  -12.202 -2.780  1.00 12.97 ? 39   THR A CB  1 
ATOM   316  O  OG1 . THR A 1 41  ? 11.000  -10.844 -2.910  1.00 14.74 ? 39   THR A OG1 1 
ATOM   317  C  CG2 . THR A 1 41  ? 11.910  -12.729 -4.155  1.00 15.90 ? 39   THR A CG2 1 
ATOM   318  N  N   . ALA A 1 42  ? 10.779  -12.992 0.176   1.00 10.71 ? 40   ALA A N   1 
ATOM   319  C  CA  . ALA A 1 42  ? 10.529  -12.569 1.554   1.00 10.71 ? 40   ALA A CA  1 
ATOM   320  C  C   . ALA A 1 42  ? 10.684  -11.060 1.718   1.00 10.18 ? 40   ALA A C   1 
ATOM   321  O  O   . ALA A 1 42  ? 9.914   -10.418 2.449   1.00 9.76  ? 40   ALA A O   1 
ATOM   322  C  CB  . ALA A 1 42  ? 11.478  -13.313 2.524   1.00 11.46 ? 40   ALA A CB  1 
ATOM   323  N  N   . ASN A 1 43  ? 11.711  -10.511 1.076   1.00 8.99  ? 41   ASN A N   1 
ATOM   324  C  CA  . ASN A 1 43  ? 12.070  -9.109  1.253   1.00 9.24  ? 41   ASN A CA  1 
ATOM   325  C  C   . ASN A 1 43  ? 11.870  -8.306  -0.020  1.00 9.52  ? 41   ASN A C   1 
ATOM   326  O  O   . ASN A 1 43  ? 11.899  -8.875  -1.132  1.00 10.27 ? 41   ASN A O   1 
ATOM   327  C  CB  . ASN A 1 43  ? 13.567  -8.976  1.633   1.00 10.42 ? 41   ASN A CB  1 
ATOM   328  C  CG  . ASN A 1 43  ? 13.939  -9.723  2.902   1.00 10.92 ? 41   ASN A CG  1 
ATOM   329  O  OD1 . ASN A 1 43  ? 13.078  -10.191 3.674   1.00 10.64 ? 41   ASN A OD1 1 
ATOM   330  N  ND2 . ASN A 1 43  ? 15.253  -9.842  3.126   1.00 12.72 ? 41   ASN A ND2 1 
ATOM   331  N  N   . GLY A 1 44  ? 11.723  -6.986  0.129   1.00 8.62  ? 42   GLY A N   1 
ATOM   332  C  CA  . GLY A 1 44  ? 11.744  -6.084  -1.021  1.00 9.23  ? 42   GLY A CA  1 
ATOM   333  C  C   . GLY A 1 44  ? 10.387  -5.814  -1.654  1.00 9.56  ? 42   GLY A C   1 
ATOM   334  O  O   . GLY A 1 44  ? 10.286  -5.003  -2.564  1.00 10.09 ? 42   GLY A O   1 
ATOM   335  N  N   . CYS A 1 45  ? 9.331   -6.482  -1.184  1.00 8.58  ? 43   CYS A N   1 
ATOM   336  C  CA  . CYS A 1 45  ? 8.047   -6.359  -1.869  1.00 8.28  ? 43   CYS A CA  1 
ATOM   337  C  C   . CYS A 1 45  ? 7.365   -5.034  -1.571  1.00 7.92  ? 43   CYS A C   1 
ATOM   338  O  O   . CYS A 1 45  ? 7.428   -4.537  -0.443  1.00 8.12  ? 43   CYS A O   1 
ATOM   339  C  CB  . CYS A 1 45  ? 7.104   -7.497  -1.488  1.00 8.31  ? 43   CYS A CB  1 
ATOM   340  S  SG  . CYS A 1 45  ? 7.684   -9.149  -2.013  1.00 10.77 ? 43   CYS A SG  1 
ATOM   341  N  N   . TRP A 1 46  ? 6.721   -4.465  -2.589  1.00 7.02  ? 44   TRP A N   1 
ATOM   342  C  CA  . TRP A 1 46  ? 6.008   -3.226  -2.410  1.00 7.57  ? 44   TRP A CA  1 
ATOM   343  C  C   . TRP A 1 46  ? 4.862   -3.133  -3.402  1.00 7.53  ? 44   TRP A C   1 
ATOM   344  O  O   . TRP A 1 46  ? 4.844   -3.861  -4.407  1.00 7.11  ? 44   TRP A O   1 
ATOM   345  C  CB  . TRP A 1 46  ? 6.969   -2.032  -2.540  1.00 7.33  ? 44   TRP A CB  1 
ATOM   346  C  CG  . TRP A 1 46  ? 7.545   -1.810  -3.909  1.00 8.51  ? 44   TRP A CG  1 
ATOM   347  C  CD1 . TRP A 1 46  ? 8.691   -2.364  -4.429  1.00 10.55 ? 44   TRP A CD1 1 
ATOM   348  C  CD2 . TRP A 1 46  ? 7.009   -0.952  -4.927  1.00 7.70  ? 44   TRP A CD2 1 
ATOM   349  N  NE1 . TRP A 1 46  ? 8.907   -1.886  -5.714  1.00 11.41 ? 44   TRP A NE1 1 
ATOM   350  C  CE2 . TRP A 1 46  ? 7.877   -1.034  -6.047  1.00 10.70 ? 44   TRP A CE2 1 
ATOM   351  C  CE3 . TRP A 1 46  ? 5.864   -0.121  -5.002  1.00 8.12  ? 44   TRP A CE3 1 
ATOM   352  C  CZ2 . TRP A 1 46  ? 7.658   -0.294  -7.237  1.00 11.48 ? 44   TRP A CZ2 1 
ATOM   353  C  CZ3 . TRP A 1 46  ? 5.640   0.619   -6.197  1.00 7.80  ? 44   TRP A CZ3 1 
ATOM   354  C  CH2 . TRP A 1 46  ? 6.542   0.522   -7.295  1.00 10.62 ? 44   TRP A CH2 1 
ATOM   355  N  N   . LEU A 1 47  ? 3.909   -2.251  -3.128  1.00 6.92  ? 45   LEU A N   1 
ATOM   356  C  CA  . LEU A 1 47  ? 2.792   -2.042  -4.059  1.00 7.25  ? 45   LEU A CA  1 
ATOM   357  C  C   . LEU A 1 47  ? 2.185   -0.691  -3.797  1.00 6.78  ? 45   LEU A C   1 
ATOM   358  O  O   . LEU A 1 47  ? 2.296   -0.152  -2.681  1.00 7.37  ? 45   LEU A O   1 
ATOM   359  C  CB  . LEU A 1 47  ? 1.727   -3.155  -3.929  1.00 7.47  ? 45   LEU A CB  1 
ATOM   360  C  CG  . LEU A 1 47  ? 0.906   -3.269  -2.625  1.00 10.79 ? 45   LEU A CG  1 
ATOM   361  C  CD1 . LEU A 1 47  ? -0.056  -4.447  -2.751  1.00 13.28 ? 45   LEU A CD1 1 
ATOM   362  C  CD2 . LEU A 1 47  ? 1.755   -3.456  -1.364  1.00 13.32 ? 45   LEU A CD2 1 
ATOM   363  N  N   . GLY A 1 48  ? 1.524   -0.149  -4.803  1.00 7.34  ? 46   GLY A N   1 
ATOM   364  C  CA  . GLY A 1 48  ? 0.956   1.175   -4.656  1.00 7.07  ? 46   GLY A CA  1 
ATOM   365  C  C   . GLY A 1 48  ? 0.250   1.618   -5.919  1.00 7.98  ? 46   GLY A C   1 
ATOM   366  O  O   . GLY A 1 48  ? -0.198  0.787   -6.716  1.00 8.31  ? 46   GLY A O   1 
ATOM   367  N  N   . LEU A 1 49  ? 0.167   2.943   -6.090  1.00 7.97  ? 47   LEU A N   1 
ATOM   368  C  CA  . LEU A 1 49  ? -0.579  3.527   -7.196  1.00 8.14  ? 47   LEU A CA  1 
ATOM   369  C  C   . LEU A 1 49  ? 0.222   4.623   -7.863  1.00 8.61  ? 47   LEU A C   1 
ATOM   370  O  O   . LEU A 1 49  ? 0.959   5.371   -7.186  1.00 8.23  ? 47   LEU A O   1 
ATOM   371  C  CB  . LEU A 1 49  ? -1.890  4.152   -6.703  1.00 8.21  ? 47   LEU A CB  1 
ATOM   372  C  CG  . LEU A 1 49  ? -2.911  3.183   -6.085  1.00 9.52  ? 47   LEU A CG  1 
ATOM   373  C  CD1 . LEU A 1 49  ? -4.021  4.013   -5.426  1.00 9.11  ? 47   LEU A CD1 1 
ATOM   374  C  CD2 . LEU A 1 49  ? -3.455  2.206   -7.154  1.00 9.32  ? 47   LEU A CD2 1 
ATOM   375  N  N   . ASP A 1 50  ? 0.082   4.682   -9.188  1.00 8.52  ? 48   ASP A N   1 
ATOM   376  C  CA  . ASP A 1 50  ? 0.452   5.853   -9.992  1.00 9.32  ? 48   ASP A CA  1 
ATOM   377  C  C   . ASP A 1 50  ? -0.872  6.528   -10.379 1.00 10.13 ? 48   ASP A C   1 
ATOM   378  O  O   . ASP A 1 50  ? -1.676  5.952   -11.146 1.00 10.21 ? 48   ASP A O   1 
ATOM   379  C  CB  . ASP A 1 50  ? 1.197   5.382   -11.248 1.00 9.66  ? 48   ASP A CB  1 
ATOM   380  C  CG  . ASP A 1 50  ? 1.554   6.527   -12.210 1.00 11.03 ? 48   ASP A CG  1 
ATOM   381  O  OD1 . ASP A 1 50  ? 1.187   7.682   -11.937 1.00 12.09 ? 48   ASP A OD1 1 
ATOM   382  O  OD2 . ASP A 1 50  ? 2.210   6.239   -13.245 1.00 13.01 ? 48   ASP A OD2 1 
ATOM   383  N  N   . PHE A 1 51  ? -1.097  7.730   -9.864  1.00 10.55 ? 49   PHE A N   1 
ATOM   384  C  CA  . PHE A 1 51  ? -2.362  8.438   -10.119 1.00 12.33 ? 49   PHE A CA  1 
ATOM   385  C  C   . PHE A 1 51  ? -2.455  8.927   -11.574 1.00 14.18 ? 49   PHE A C   1 
ATOM   386  O  O   . PHE A 1 51  ? -3.552  9.286   -12.034 1.00 14.83 ? 49   PHE A O   1 
ATOM   387  C  CB  . PHE A 1 51  ? -2.538  9.608   -9.155  1.00 11.71 ? 49   PHE A CB  1 
ATOM   388  C  CG  . PHE A 1 51  ? -2.611  9.201   -7.711  1.00 10.97 ? 49   PHE A CG  1 
ATOM   389  C  CD1 . PHE A 1 51  ? -3.511  8.207   -7.281  1.00 11.73 ? 49   PHE A CD1 1 
ATOM   390  C  CD2 . PHE A 1 51  ? -1.800  9.836   -6.768  1.00 10.60 ? 49   PHE A CD2 1 
ATOM   391  C  CE1 . PHE A 1 51  ? -3.566  7.814   -5.915  1.00 9.13  ? 49   PHE A CE1 1 
ATOM   392  C  CE2 . PHE A 1 51  ? -1.863  9.479   -5.404  1.00 12.14 ? 49   PHE A CE2 1 
ATOM   393  C  CZ  . PHE A 1 51  ? -2.744  8.463   -4.976  1.00 11.28 ? 49   PHE A CZ  1 
ATOM   394  N  N   . GLY A 1 52  ? -1.322  8.920   -12.278 1.00 14.32 ? 50   GLY A N   1 
ATOM   395  C  CA  . GLY A 1 52  ? -1.263  9.307   -13.690 1.00 15.96 ? 50   GLY A CA  1 
ATOM   396  C  C   . GLY A 1 52  ? -0.451  10.580  -13.940 1.00 16.70 ? 50   GLY A C   1 
ATOM   397  O  O   . GLY A 1 52  ? -0.349  11.448  -13.079 1.00 16.09 ? 50   GLY A O   1 
ATOM   398  N  N   . GLU A 1 53  ? 0.138   10.668  -15.132 1.00 18.57 ? 51   GLU A N   1 
ATOM   399  C  CA  . GLU A 1 53  ? 0.863   11.863  -15.573 1.00 20.97 ? 51   GLU A CA  1 
ATOM   400  C  C   . GLU A 1 53  ? 0.063   13.126  -15.326 1.00 20.15 ? 51   GLU A C   1 
ATOM   401  O  O   . GLU A 1 53  ? -1.082  13.213  -15.726 1.00 20.25 ? 51   GLU A O   1 
ATOM   402  C  CB  . GLU A 1 53  ? 1.074   11.804  -17.077 1.00 22.37 ? 51   GLU A CB  1 
ATOM   403  C  CG  . GLU A 1 53  ? 2.147   10.906  -17.575 1.00 28.73 ? 51   GLU A CG  1 
ATOM   404  C  CD  . GLU A 1 53  ? 2.617   11.362  -18.954 1.00 37.34 ? 51   GLU A CD  1 
ATOM   405  O  OE1 . GLU A 1 53  ? 1.842   11.212  -19.936 1.00 38.93 ? 51   GLU A OE1 1 
ATOM   406  O  OE2 . GLU A 1 53  ? 3.751   11.896  -19.036 1.00 39.60 ? 51   GLU A OE2 1 
ATOM   407  N  N   . GLY A 1 54  ? 0.657   14.101  -14.667 1.00 20.29 ? 52   GLY A N   1 
ATOM   408  C  CA  . GLY A 1 54  ? -0.053  15.352  -14.392 1.00 20.79 ? 52   GLY A CA  1 
ATOM   409  C  C   . GLY A 1 54  ? -1.091  15.321  -13.284 1.00 20.85 ? 52   GLY A C   1 
ATOM   410  O  O   . GLY A 1 54  ? -1.745  16.329  -13.021 1.00 20.76 ? 52   GLY A O   1 
ATOM   411  N  N   . VAL A 1 55  ? -1.252  14.172  -12.623 1.00 19.31 ? 53   VAL A N   1 
ATOM   412  C  CA  . VAL A 1 55  ? -2.190  14.079  -11.511 1.00 17.93 ? 53   VAL A CA  1 
ATOM   413  C  C   . VAL A 1 55  ? -1.394  14.018  -10.217 1.00 17.39 ? 53   VAL A C   1 
ATOM   414  O  O   . VAL A 1 55  ? -0.467  13.209  -10.096 1.00 17.20 ? 53   VAL A O   1 
ATOM   415  C  CB  . VAL A 1 55  ? -3.111  12.813  -11.624 1.00 17.74 ? 53   VAL A CB  1 
ATOM   416  C  CG1 . VAL A 1 55  ? -4.087  12.738  -10.450 1.00 17.56 ? 53   VAL A CG1 1 
ATOM   417  C  CG2 . VAL A 1 55  ? -3.870  12.813  -12.954 1.00 19.63 ? 53   VAL A CG2 1 
ATOM   418  N  N   . ARG A 1 56  ? -1.741  14.885  -9.272  1.00 16.34 ? 54   ARG A N   1 
ATOM   419  C  CA  A ARG A 1 56  ? -1.136  14.856  -7.948  0.50 16.43 ? 54   ARG A CA  1 
ATOM   420  C  CA  B ARG A 1 56  ? -1.125  14.904  -7.941  0.50 16.55 ? 54   ARG A CA  1 
ATOM   421  C  C   . ARG A 1 56  ? -2.249  14.967  -6.916  1.00 16.75 ? 54   ARG A C   1 
ATOM   422  O  O   . ARG A 1 56  ? -3.136  15.825  -7.030  1.00 17.64 ? 54   ARG A O   1 
ATOM   423  C  CB  A ARG A 1 56  ? -0.093  15.980  -7.777  0.50 16.54 ? 54   ARG A CB  1 
ATOM   424  C  CB  B ARG A 1 56  ? -0.234  16.142  -7.757  0.50 16.57 ? 54   ARG A CB  1 
ATOM   425  C  CG  A ARG A 1 56  ? 1.251   15.706  -8.501  0.50 16.57 ? 54   ARG A CG  1 
ATOM   426  C  CG  B ARG A 1 56  ? 1.026   16.186  -8.617  0.50 17.49 ? 54   ARG A CG  1 
ATOM   427  C  CD  A ARG A 1 56  ? 2.167   16.931  -8.493  0.50 17.06 ? 54   ARG A CD  1 
ATOM   428  C  CD  B ARG A 1 56  ? 1.578   17.615  -8.634  0.50 19.40 ? 54   ARG A CD  1 
ATOM   429  N  NE  A ARG A 1 56  ? 1.547   18.046  -9.219  0.50 20.11 ? 54   ARG A NE  1 
ATOM   430  N  NE  B ARG A 1 56  ? 1.630   18.207  -7.296  0.50 18.33 ? 54   ARG A NE  1 
ATOM   431  C  CZ  A ARG A 1 56  ? 1.635   18.217  -10.534 0.50 21.37 ? 54   ARG A CZ  1 
ATOM   432  C  CZ  B ARG A 1 56  ? 0.963   19.291  -6.900  0.50 16.55 ? 54   ARG A CZ  1 
ATOM   433  N  NH1 A ARG A 1 56  ? 2.335   17.361  -11.265 0.50 23.13 ? 54   ARG A NH1 1 
ATOM   434  N  NH1 B ARG A 1 56  ? 0.169   19.944  -7.756  0.50 14.53 ? 54   ARG A NH1 1 
ATOM   435  N  NH2 A ARG A 1 56  ? 1.036   19.246  -11.115 0.50 21.37 ? 54   ARG A NH2 1 
ATOM   436  N  NH2 B ARG A 1 56  ? 1.125   19.744  -5.648  0.50 13.55 ? 54   ARG A NH2 1 
ATOM   437  N  N   . ASN A 1 57  ? -2.217  14.086  -5.925  1.00 15.38 ? 55   ASN A N   1 
ATOM   438  C  CA  . ASN A 1 57  ? -3.201  14.130  -4.852  1.00 14.40 ? 55   ASN A CA  1 
ATOM   439  C  C   . ASN A 1 57  ? -2.530  14.401  -3.540  1.00 14.07 ? 55   ASN A C   1 
ATOM   440  O  O   . ASN A 1 57  ? -1.442  13.882  -3.264  1.00 13.25 ? 55   ASN A O   1 
ATOM   441  C  CB  . ASN A 1 57  ? -3.952  12.781  -4.743  1.00 14.38 ? 55   ASN A CB  1 
ATOM   442  C  CG  . ASN A 1 57  ? -4.845  12.503  -5.946  1.00 15.11 ? 55   ASN A CG  1 
ATOM   443  O  OD1 . ASN A 1 57  ? -4.765  11.430  -6.583  1.00 16.99 ? 55   ASN A OD1 1 
ATOM   444  N  ND2 . ASN A 1 57  ? -5.708  13.448  -6.257  1.00 12.76 ? 55   ASN A ND2 1 
ATOM   445  N  N   . VAL A 1 58  ? -3.189  15.209  -2.714  1.00 12.45 ? 56   VAL A N   1 
ATOM   446  C  CA  . VAL A 1 58  ? -2.834  15.326  -1.332  1.00 12.72 ? 56   VAL A CA  1 
ATOM   447  C  C   . VAL A 1 58  ? -3.500  14.163  -0.585  1.00 12.73 ? 56   VAL A C   1 
ATOM   448  O  O   . VAL A 1 58  ? -4.704  13.934  -0.735  1.00 13.61 ? 56   VAL A O   1 
ATOM   449  C  CB  . VAL A 1 58  ? -3.324  16.677  -0.751  1.00 12.94 ? 56   VAL A CB  1 
ATOM   450  C  CG1 . VAL A 1 58  ? -3.100  16.731  0.745   1.00 13.21 ? 56   VAL A CG1 1 
ATOM   451  C  CG2 . VAL A 1 58  ? -2.599  17.847  -1.455  1.00 14.89 ? 56   VAL A CG2 1 
ATOM   452  N  N   . ILE A 1 59  ? -2.719  13.434  0.207   1.00 12.48 ? 57   ILE A N   1 
ATOM   453  C  CA  . ILE A 1 59  ? -3.223  12.257  0.923   1.00 12.12 ? 57   ILE A CA  1 
ATOM   454  C  C   . ILE A 1 59  ? -3.643  12.666  2.332   1.00 12.82 ? 57   ILE A C   1 
ATOM   455  O  O   . ILE A 1 59  ? -2.860  13.287  3.060   1.00 13.87 ? 57   ILE A O   1 
ATOM   456  C  CB  . ILE A 1 59  ? -2.117  11.162  1.015   1.00 12.05 ? 57   ILE A CB  1 
ATOM   457  C  CG1 . ILE A 1 59  ? -1.544  10.857  -0.382  1.00 9.29  ? 57   ILE A CG1 1 
ATOM   458  C  CG2 . ILE A 1 59  ? -2.611  9.902   1.797   1.00 11.44 ? 57   ILE A CG2 1 
ATOM   459  C  CD1 . ILE A 1 59  ? -2.585  10.365  -1.411  1.00 8.43  ? 57   ILE A CD1 1 
ATOM   460  N  N   . THR A 1 60  ? -4.880  12.330  2.705   1.00 12.92 ? 58   THR A N   1 
ATOM   461  C  CA  . THR A 1 60  ? -5.427  12.729  3.997   1.00 13.52 ? 58   THR A CA  1 
ATOM   462  C  C   . THR A 1 60  ? -5.686  11.536  4.917   1.00 13.57 ? 58   THR A C   1 
ATOM   463  O  O   . THR A 1 60  ? -5.819  11.683  6.136   1.00 13.17 ? 58   THR A O   1 
ATOM   464  C  CB  . THR A 1 60  ? -6.755  13.489  3.802   1.00 13.79 ? 58   THR A CB  1 
ATOM   465  O  OG1 . THR A 1 60  ? -7.656  12.659  3.066   1.00 13.70 ? 58   THR A OG1 1 
ATOM   466  C  CG2 . THR A 1 60  ? -6.519  14.782  2.998   1.00 14.88 ? 58   THR A CG2 1 
ATOM   467  N  N   . GLN A 1 61  ? -5.733  10.345  4.328   1.00 12.93 ? 59   GLN A N   1 
ATOM   468  C  CA  . GLN A 1 61  ? -6.019  9.137   5.076   1.00 12.89 ? 59   GLN A CA  1 
ATOM   469  C  C   . GLN A 1 61  ? -5.506  7.924   4.304   1.00 11.58 ? 59   GLN A C   1 
ATOM   470  O  O   . GLN A 1 61  ? -5.544  7.907   3.079   1.00 11.00 ? 59   GLN A O   1 
ATOM   471  C  CB  . GLN A 1 61  ? -7.537  9.021   5.233   1.00 14.18 ? 59   GLN A CB  1 
ATOM   472  C  CG  . GLN A 1 61  ? -8.025  8.235   6.375   1.00 20.55 ? 59   GLN A CG  1 
ATOM   473  C  CD  . GLN A 1 61  ? -9.567  8.236   6.430   1.00 28.78 ? 59   GLN A CD  1 
ATOM   474  O  OE1 . GLN A 1 61  ? -10.231 8.947   5.666   1.00 35.26 ? 59   GLN A OE1 1 
ATOM   475  N  NE2 . GLN A 1 61  ? -10.131 7.449   7.325   1.00 31.52 ? 59   GLN A NE2 1 
ATOM   476  N  N   . ILE A 1 62  ? -5.009  6.931   5.037   1.00 10.74 ? 60   ILE A N   1 
ATOM   477  C  CA  . ILE A 1 62  ? -4.657  5.615   4.472   1.00 10.69 ? 60   ILE A CA  1 
ATOM   478  C  C   . ILE A 1 62  ? -5.416  4.568   5.291   1.00 10.60 ? 60   ILE A C   1 
ATOM   479  O  O   . ILE A 1 62  ? -5.539  4.699   6.505   1.00 11.43 ? 60   ILE A O   1 
ATOM   480  C  CB  . ILE A 1 62  ? -3.132  5.352   4.530   1.00 10.82 ? 60   ILE A CB  1 
ATOM   481  C  CG1 . ILE A 1 62  ? -2.392  6.386   3.661   1.00 11.42 ? 60   ILE A CG1 1 
ATOM   482  C  CG2 . ILE A 1 62  ? -2.766  3.917   4.060   1.00 10.74 ? 60   ILE A CG2 1 
ATOM   483  C  CD1 . ILE A 1 62  ? -0.862  6.443   3.933   1.00 12.73 ? 60   ILE A CD1 1 
ATOM   484  N  N   . LYS A 1 63  ? -5.979  3.577   4.607   1.00 9.93  ? 61   LYS A N   1 
ATOM   485  C  CA  . LYS A 1 63  ? -6.577  2.421   5.275   1.00 10.15 ? 61   LYS A CA  1 
ATOM   486  C  C   . LYS A 1 63  ? -5.937  1.148   4.788   1.00 9.77  ? 61   LYS A C   1 
ATOM   487  O  O   . LYS A 1 63  ? -5.644  1.011   3.585   1.00 10.25 ? 61   LYS A O   1 
ATOM   488  C  CB  . LYS A 1 63  ? -8.086  2.360   5.005   1.00 9.74  ? 61   LYS A CB  1 
ATOM   489  C  CG  . LYS A 1 63  ? -8.830  3.590   5.549   1.00 11.96 ? 61   LYS A CG  1 
ATOM   490  C  CD  . LYS A 1 63  ? -10.346 3.450   5.336   1.00 12.48 ? 61   LYS A CD  1 
ATOM   491  C  CE  . LYS A 1 63  ? -11.068 4.765   5.618   1.00 13.62 ? 61   LYS A CE  1 
ATOM   492  N  NZ  . LYS A 1 63  ? -12.515 4.581   5.216   1.00 16.22 ? 61   LYS A NZ  1 
ATOM   493  N  N   . PHE A 1 64  ? -5.737  0.205   5.701   1.00 8.61  ? 62   PHE A N   1 
ATOM   494  C  CA  . PHE A 1 64  ? -5.136  -1.078  5.326   1.00 8.63  ? 62   PHE A CA  1 
ATOM   495  C  C   . PHE A 1 64  ? -5.694  -2.218  6.156   1.00 8.35  ? 62   PHE A C   1 
ATOM   496  O  O   . PHE A 1 64  ? -6.159  -2.016  7.289   1.00 8.86  ? 62   PHE A O   1 
ATOM   497  C  CB  . PHE A 1 64  ? -3.586  -1.018  5.437   1.00 8.96  ? 62   PHE A CB  1 
ATOM   498  C  CG  . PHE A 1 64  ? -3.088  -0.602  6.812   1.00 9.83  ? 62   PHE A CG  1 
ATOM   499  C  CD1 . PHE A 1 64  ? -2.920  0.753   7.138   1.00 11.60 ? 62   PHE A CD1 1 
ATOM   500  C  CD2 . PHE A 1 64  ? -2.795  -1.577  7.783   1.00 11.75 ? 62   PHE A CD2 1 
ATOM   501  C  CE1 . PHE A 1 64  ? -2.469  1.130   8.436   1.00 12.44 ? 62   PHE A CE1 1 
ATOM   502  C  CE2 . PHE A 1 64  ? -2.338  -1.209  9.063   1.00 12.69 ? 62   PHE A CE2 1 
ATOM   503  C  CZ  . PHE A 1 64  ? -2.167  0.141   9.377   1.00 12.38 ? 62   PHE A CZ  1 
ATOM   504  N  N   . CYS A 1 65  ? -5.654  -3.417  5.583   1.00 7.28  ? 63   CYS A N   1 
ATOM   505  C  CA  . CYS A 1 65  ? -6.047  -4.623  6.294   1.00 8.22  ? 63   CYS A CA  1 
ATOM   506  C  C   . CYS A 1 65  ? -4.906  -5.644  6.102   1.00 8.48  ? 63   CYS A C   1 
ATOM   507  O  O   . CYS A 1 65  ? -4.440  -5.842  4.975   1.00 8.10  ? 63   CYS A O   1 
ATOM   508  C  CB  . CYS A 1 65  ? -7.362  -5.174  5.694   1.00 8.34  ? 63   CYS A CB  1 
ATOM   509  S  SG  . CYS A 1 65  ? -7.891  -6.726  6.499   1.00 9.66  ? 63   CYS A SG  1 
ATOM   510  N  N   . PRO A 1 66  ? -4.427  -6.257  7.196   1.00 8.99  ? 64   PRO A N   1 
ATOM   511  C  CA  . PRO A 1 66  ? -3.381  -7.264  7.081   1.00 9.14  ? 64   PRO A CA  1 
ATOM   512  C  C   . PRO A 1 66  ? -3.930  -8.573  6.501   1.00 9.59  ? 64   PRO A C   1 
ATOM   513  O  O   . PRO A 1 66  ? -5.161  -8.800  6.476   1.00 8.67  ? 64   PRO A O   1 
ATOM   514  C  CB  . PRO A 1 66  ? -2.945  -7.482  8.539   1.00 9.19  ? 64   PRO A CB  1 
ATOM   515  C  CG  . PRO A 1 66  ? -4.260  -7.234  9.332   1.00 9.41  ? 64   PRO A CG  1 
ATOM   516  C  CD  . PRO A 1 66  ? -4.908  -6.091  8.589   1.00 9.46  ? 64   PRO A CD  1 
ATOM   517  N  N   . ARG A 1 67  ? -3.028  -9.420  6.019   1.00 9.24  ? 65   ARG A N   1 
ATOM   518  C  CA  . ARG A 1 67  ? -3.410  -10.777 5.661   1.00 10.40 ? 65   ARG A CA  1 
ATOM   519  C  C   . ARG A 1 67  ? -3.801  -11.537 6.927   1.00 10.95 ? 65   ARG A C   1 
ATOM   520  O  O   . ARG A 1 67  ? -3.043  -11.590 7.898   1.00 11.50 ? 65   ARG A O   1 
ATOM   521  C  CB  . ARG A 1 67  ? -2.231  -11.502 5.011   1.00 9.74  ? 65   ARG A CB  1 
ATOM   522  C  CG  . ARG A 1 67  ? -2.538  -12.965 4.767   1.00 10.34 ? 65   ARG A CG  1 
ATOM   523  C  CD  . ARG A 1 67  ? -1.307  -13.625 4.166   1.00 10.50 ? 65   ARG A CD  1 
ATOM   524  N  NE  . ARG A 1 67  ? -1.541  -15.047 3.936   1.00 11.50 ? 65   ARG A NE  1 
ATOM   525  C  CZ  . ARG A 1 67  ? -0.603  -15.887 3.503   1.00 12.31 ? 65   ARG A CZ  1 
ATOM   526  N  NH1 . ARG A 1 67  ? 0.646   -15.465 3.295   1.00 11.21 ? 65   ARG A NH1 1 
ATOM   527  N  NH2 . ARG A 1 67  ? -0.917  -17.160 3.295   1.00 12.24 ? 65   ARG A NH2 1 
ATOM   528  N  N   . SER A 1 68  ? -4.997  -12.122 6.915   1.00 11.91 ? 66   SER A N   1 
ATOM   529  C  CA  . SER A 1 68  ? -5.482  -12.890 8.055   1.00 13.43 ? 66   SER A CA  1 
ATOM   530  C  C   . SER A 1 68  ? -4.493  -13.999 8.455   1.00 13.53 ? 66   SER A C   1 
ATOM   531  O  O   . SER A 1 68  ? -4.096  -14.824 7.619   1.00 13.09 ? 66   SER A O   1 
ATOM   532  C  CB  . SER A 1 68  ? -6.865  -13.493 7.690   1.00 14.79 ? 66   SER A CB  1 
ATOM   533  O  OG  . SER A 1 68  ? -7.342  -14.280 8.762   1.00 19.51 ? 66   SER A OG  1 
ATOM   534  N  N   . GLY A 1 69  ? -4.109  -14.006 9.728   1.00 13.51 ? 67   GLY A N   1 
ATOM   535  C  CA  . GLY A 1 69  ? -3.165  -14.992 10.259  1.00 13.63 ? 67   GLY A CA  1 
ATOM   536  C  C   . GLY A 1 69  ? -1.696  -14.585 10.136  1.00 13.99 ? 67   GLY A C   1 
ATOM   537  O  O   . GLY A 1 69  ? -0.808  -15.256 10.687  1.00 14.55 ? 67   GLY A O   1 
ATOM   538  N  N   . TYR A 1 70  ? -1.439  -13.494 9.404   1.00 12.66 ? 68   TYR A N   1 
ATOM   539  C  CA  . TYR A 1 70  ? -0.068  -13.021 9.137   1.00 11.90 ? 68   TYR A CA  1 
ATOM   540  C  C   . TYR A 1 70  ? 0.054   -11.526 9.442   1.00 11.83 ? 68   TYR A C   1 
ATOM   541  O  O   . TYR A 1 70  ? 0.817   -10.799 8.789   1.00 10.66 ? 68   TYR A O   1 
ATOM   542  C  CB  . TYR A 1 70  ? 0.303   -13.315 7.675   1.00 12.29 ? 68   TYR A CB  1 
ATOM   543  C  CG  . TYR A 1 70  ? 0.364   -14.808 7.395   1.00 12.37 ? 68   TYR A CG  1 
ATOM   544  C  CD1 . TYR A 1 70  ? -0.806  -15.538 7.115   1.00 13.08 ? 68   TYR A CD1 1 
ATOM   545  C  CD2 . TYR A 1 70  ? 1.575   -15.482 7.421   1.00 13.72 ? 68   TYR A CD2 1 
ATOM   546  C  CE1 . TYR A 1 70  ? -0.755  -16.926 6.864   1.00 14.77 ? 68   TYR A CE1 1 
ATOM   547  C  CE2 . TYR A 1 70  ? 1.644   -16.865 7.150   1.00 15.58 ? 68   TYR A CE2 1 
ATOM   548  C  CZ  . TYR A 1 70  ? 0.485   -17.562 6.884   1.00 15.53 ? 68   TYR A CZ  1 
ATOM   549  O  OH  . TYR A 1 70  ? 0.581   -18.908 6.649   1.00 19.51 ? 68   TYR A OH  1 
ATOM   550  N  N   . GLU A 1 71  ? -0.689  -11.069 10.455  1.00 11.03 ? 69   GLU A N   1 
ATOM   551  C  CA  . GLU A 1 71  ? -0.750  -9.627  10.775  1.00 11.13 ? 69   GLU A CA  1 
ATOM   552  C  C   . GLU A 1 71  ? 0.611   -9.071  11.206  1.00 10.71 ? 69   GLU A C   1 
ATOM   553  O  O   . GLU A 1 71  ? 0.924   -7.895  10.961  1.00 10.68 ? 69   GLU A O   1 
ATOM   554  C  CB  . GLU A 1 71  ? -1.816  -9.374  11.858  1.00 11.02 ? 69   GLU A CB  1 
ATOM   555  C  CG  . GLU A 1 71  ? -3.221  -9.859  11.439  1.00 11.03 ? 69   GLU A CG  1 
ATOM   556  C  CD  . GLU A 1 71  ? -3.508  -11.341 11.743  1.00 14.04 ? 69   GLU A CD  1 
ATOM   557  O  OE1 . GLU A 1 71  ? -2.614  -12.095 12.187  1.00 11.22 ? 69   GLU A OE1 1 
ATOM   558  O  OE2 . GLU A 1 71  ? -4.668  -11.742 11.538  1.00 15.06 ? 69   GLU A OE2 1 
ATOM   559  N  N   . GLN A 1 72  ? 1.423   -9.909  11.853  1.00 11.36 ? 70   GLN A N   1 
ATOM   560  C  CA  . GLN A 1 72  ? 2.754   -9.493  12.296  1.00 12.93 ? 70   GLN A CA  1 
ATOM   561  C  C   . GLN A 1 72  ? 3.637   -9.058  11.117  1.00 11.45 ? 70   GLN A C   1 
ATOM   562  O  O   . GLN A 1 72  ? 4.562   -8.253  11.281  1.00 10.09 ? 70   GLN A O   1 
ATOM   563  C  CB  . GLN A 1 72  ? 3.443   -10.642 13.030  1.00 14.59 ? 70   GLN A CB  1 
ATOM   564  C  CG  . GLN A 1 72  ? 4.800   -10.280 13.588  1.00 24.52 ? 70   GLN A CG  1 
ATOM   565  C  CD  . GLN A 1 72  ? 4.799   -10.064 15.111  1.00 32.54 ? 70   GLN A CD  1 
ATOM   566  O  OE1 . GLN A 1 72  ? 3.743   -9.869  15.741  1.00 35.75 ? 70   GLN A OE1 1 
ATOM   567  N  NE2 . GLN A 1 72  ? 5.995   -10.131 15.709  1.00 36.92 ? 70   GLN A NE2 1 
ATOM   568  N  N   . ARG A 1 73  ? 3.350   -9.601  9.939   1.00 10.13 ? 71   ARG A N   1 
ATOM   569  C  CA  . ARG A 1 73  ? 4.132   -9.252  8.752   1.00 9.27  ? 71   ARG A CA  1 
ATOM   570  C  C   . ARG A 1 73  ? 3.999   -7.808  8.259   1.00 9.23  ? 71   ARG A C   1 
ATOM   571  O  O   . ARG A 1 73  ? 4.759   -7.401  7.365   1.00 8.77  ? 71   ARG A O   1 
ATOM   572  C  CB  . ARG A 1 73  ? 3.865   -10.243 7.610   1.00 8.88  ? 71   ARG A CB  1 
ATOM   573  C  CG  . ARG A 1 73  ? 4.447   -11.628 7.895   1.00 9.56  ? 71   ARG A CG  1 
ATOM   574  C  CD  . ARG A 1 73  ? 4.122   -12.565 6.733   1.00 8.57  ? 71   ARG A CD  1 
ATOM   575  N  NE  . ARG A 1 73  ? 4.849   -13.824 6.888   1.00 10.88 ? 71   ARG A NE  1 
ATOM   576  C  CZ  . ARG A 1 73  ? 4.834   -14.823 6.009   1.00 14.22 ? 71   ARG A CZ  1 
ATOM   577  N  NH1 . ARG A 1 73  ? 4.124   -14.732 4.886   1.00 10.40 ? 71   ARG A NH1 1 
ATOM   578  N  NH2 . ARG A 1 73  ? 5.572   -15.920 6.248   1.00 15.91 ? 71   ARG A NH2 1 
ATOM   579  N  N   . MET A 1 74  ? 3.068   -7.045  8.838   1.00 7.93  ? 72   MET A N   1 
ATOM   580  C  CA  . MET A 1 74  ? 2.934   -5.621  8.519   1.00 8.43  ? 72   MET A CA  1 
ATOM   581  C  C   . MET A 1 74  ? 3.732   -4.728  9.451   1.00 8.27  ? 72   MET A C   1 
ATOM   582  O  O   . MET A 1 74  ? 3.928   -3.560  9.165   1.00 8.75  ? 72   MET A O   1 
ATOM   583  C  CB  . MET A 1 74  ? 1.458   -5.192  8.574   1.00 7.27  ? 72   MET A CB  1 
ATOM   584  C  CG  . MET A 1 74  ? 0.610   -5.858  7.467   1.00 7.76  ? 72   MET A CG  1 
ATOM   585  S  SD  . MET A 1 74  ? -0.854  -4.874  7.073   1.00 9.49  ? 72   MET A SD  1 
ATOM   586  C  CE  . MET A 1 74  ? -0.131  -3.566  6.008   1.00 8.37  ? 72   MET A CE  1 
ATOM   587  N  N   . ILE A 1 75  ? 4.151   -5.251  10.602  1.00 9.34  ? 73   ILE A N   1 
ATOM   588  C  CA  . ILE A 1 75  ? 4.782   -4.353  11.579  1.00 9.35  ? 73   ILE A CA  1 
ATOM   589  C  C   . ILE A 1 75  ? 6.126   -3.852  11.038  1.00 9.51  ? 73   ILE A C   1 
ATOM   590  O  O   . ILE A 1 75  ? 6.943   -4.645  10.584  1.00 9.75  ? 73   ILE A O   1 
ATOM   591  C  CB  . ILE A 1 75  ? 4.955   -5.023  12.964  1.00 9.84  ? 73   ILE A CB  1 
ATOM   592  C  CG1 . ILE A 1 75  ? 3.576   -5.476  13.479  1.00 10.97 ? 73   ILE A CG1 1 
ATOM   593  C  CG2 . ILE A 1 75  ? 5.524   -3.979  13.966  1.00 12.04 ? 73   ILE A CG2 1 
ATOM   594  C  CD1 . ILE A 1 75  ? 3.614   -6.281  14.826  1.00 13.82 ? 73   ILE A CD1 1 
ATOM   595  N  N   . GLY A 1 76  ? 6.324   -2.539  11.080  1.00 9.08  ? 74   GLY A N   1 
ATOM   596  C  CA  . GLY A 1 76  ? 7.501   -1.927  10.489  1.00 10.27 ? 74   GLY A CA  1 
ATOM   597  C  C   . GLY A 1 76  ? 7.298   -1.512  9.032   1.00 9.47  ? 74   GLY A C   1 
ATOM   598  O  O   . GLY A 1 76  ? 8.149   -0.799  8.481   1.00 10.28 ? 74   GLY A O   1 
ATOM   599  N  N   . GLY A 1 77  ? 6.202   -1.951  8.399   1.00 9.00  ? 75   GLY A N   1 
ATOM   600  C  CA  . GLY A 1 77  ? 5.911   -1.472  7.020   1.00 7.99  ? 75   GLY A CA  1 
ATOM   601  C  C   . GLY A 1 77  ? 5.710   0.039   7.041   1.00 8.81  ? 75   GLY A C   1 
ATOM   602  O  O   . GLY A 1 77  ? 5.245   0.588   8.053   1.00 8.83  ? 75   GLY A O   1 
ATOM   603  N  N   . ILE A 1 78  ? 5.998   0.715   5.929   1.00 7.80  ? 76   ILE A N   1 
ATOM   604  C  CA  . ILE A 1 78  ? 5.765   2.156   5.854   1.00 7.38  ? 76   ILE A CA  1 
ATOM   605  C  C   . ILE A 1 78  ? 4.968   2.482   4.594   1.00 8.16  ? 76   ILE A C   1 
ATOM   606  O  O   . ILE A 1 78  ? 4.941   1.681   3.644   1.00 7.06  ? 76   ILE A O   1 
ATOM   607  C  CB  . ILE A 1 78  ? 7.092   2.982   5.845   1.00 7.87  ? 76   ILE A CB  1 
ATOM   608  C  CG1 . ILE A 1 78  ? 7.926   2.710   4.575   1.00 7.22  ? 76   ILE A CG1 1 
ATOM   609  C  CG2 . ILE A 1 78  ? 7.917   2.728   7.139   1.00 7.52  ? 76   ILE A CG2 1 
ATOM   610  C  CD1 . ILE A 1 78  ? 9.088   3.753   4.362   1.00 7.57  ? 76   ILE A CD1 1 
ATOM   611  N  N   . PHE A 1 79  ? 4.348   3.663   4.588   1.00 7.38  ? 77   PHE A N   1 
ATOM   612  C  CA  . PHE A 1 79  ? 3.627   4.168   3.428   1.00 7.45  ? 77   PHE A CA  1 
ATOM   613  C  C   . PHE A 1 79  ? 4.341   5.435   3.012   1.00 7.79  ? 77   PHE A C   1 
ATOM   614  O  O   . PHE A 1 79  ? 4.724   6.235   3.864   1.00 8.15  ? 77   PHE A O   1 
ATOM   615  C  CB  . PHE A 1 79  ? 2.179   4.500   3.805   1.00 7.12  ? 77   PHE A CB  1 
ATOM   616  C  CG  . PHE A 1 79  ? 1.414   3.312   4.311   1.00 7.26  ? 77   PHE A CG  1 
ATOM   617  C  CD1 . PHE A 1 79  ? 0.772   2.452   3.409   1.00 9.15  ? 77   PHE A CD1 1 
ATOM   618  C  CD2 . PHE A 1 79  ? 1.388   3.011   5.674   1.00 10.05 ? 77   PHE A CD2 1 
ATOM   619  C  CE1 . PHE A 1 79  ? 0.069   1.355   3.848   1.00 8.66  ? 77   PHE A CE1 1 
ATOM   620  C  CE2 . PHE A 1 79  ? 0.690   1.885   6.130   1.00 8.96  ? 77   PHE A CE2 1 
ATOM   621  C  CZ  . PHE A 1 79  ? 0.040   1.054   5.205   1.00 9.05  ? 77   PHE A CZ  1 
ATOM   622  N  N   . GLN A 1 80  ? 4.563   5.591   1.704   1.00 8.35  ? 78   GLN A N   1 
ATOM   623  C  CA  . GLN A 1 80  ? 5.303   6.725   1.185   1.00 7.36  ? 78   GLN A CA  1 
ATOM   624  C  C   . GLN A 1 80  ? 4.522   7.437   0.106   1.00 8.41  ? 78   GLN A C   1 
ATOM   625  O  O   . GLN A 1 80  ? 3.729   6.821   -0.596  1.00 8.02  ? 78   GLN A O   1 
ATOM   626  C  CB  . GLN A 1 80  ? 6.611   6.237   0.545   1.00 7.89  ? 78   GLN A CB  1 
ATOM   627  C  CG  . GLN A 1 80  ? 7.622   5.721   1.571   1.00 7.82  ? 78   GLN A CG  1 
ATOM   628  C  CD  . GLN A 1 80  ? 8.809   5.076   0.882   1.00 10.19 ? 78   GLN A CD  1 
ATOM   629  O  OE1 . GLN A 1 80  ? 8.632   4.175   0.048   1.00 12.08 ? 78   GLN A OE1 1 
ATOM   630  N  NE2 . GLN A 1 80  ? 10.015  5.526   1.218   1.00 9.57  ? 78   GLN A NE2 1 
ATOM   631  N  N   . GLY A 1 81  ? 4.780   8.733   -0.037  1.00 7.97  ? 79   GLY A N   1 
ATOM   632  C  CA  . GLY A 1 81  ? 4.306   9.479   -1.210  1.00 8.32  ? 79   GLY A CA  1 
ATOM   633  C  C   . GLY A 1 81  ? 5.539   9.946   -1.972  1.00 8.26  ? 79   GLY A C   1 
ATOM   634  O  O   . GLY A 1 81  ? 6.599   10.185  -1.361  1.00 7.53  ? 79   GLY A O   1 
ATOM   635  N  N   . ALA A 1 82  ? 5.409   10.068  -3.294  1.00 7.56  ? 80   ALA A N   1 
ATOM   636  C  CA  . ALA A 1 82  ? 6.528   10.515  -4.120  1.00 8.13  ? 80   ALA A CA  1 
ATOM   637  C  C   . ALA A 1 82  ? 6.036   11.111  -5.431  1.00 8.14  ? 80   ALA A C   1 
ATOM   638  O  O   . ALA A 1 82  ? 4.868   10.948  -5.809  1.00 8.76  ? 80   ALA A O   1 
ATOM   639  C  CB  . ALA A 1 82  ? 7.490   9.341   -4.413  1.00 7.68  ? 80   ALA A CB  1 
ATOM   640  N  N   . ASN A 1 83  ? 6.948   11.774  -6.131  1.00 7.58  ? 81   ASN A N   1 
ATOM   641  C  CA  . ASN A 1 83  ? 6.690   12.258  -7.481  1.00 7.53  ? 81   ASN A CA  1 
ATOM   642  C  C   . ASN A 1 83  ? 7.694   11.718  -8.484  1.00 7.73  ? 81   ASN A C   1 
ATOM   643  O  O   . ASN A 1 83  ? 7.743   12.179  -9.639  1.00 7.99  ? 81   ASN A O   1 
ATOM   644  C  CB  . ASN A 1 83  ? 6.638   13.792  -7.470  1.00 8.05  ? 81   ASN A CB  1 
ATOM   645  C  CG  . ASN A 1 83  ? 5.370   14.292  -6.836  1.00 8.22  ? 81   ASN A CG  1 
ATOM   646  O  OD1 . ASN A 1 83  ? 5.364   14.801  -5.684  1.00 11.36 ? 81   ASN A OD1 1 
ATOM   647  N  ND2 . ASN A 1 83  ? 4.286   14.109  -7.543  1.00 5.36  ? 81   ASN A ND2 1 
ATOM   648  N  N   . LYS A 1 84  ? 8.446   10.696  -8.044  1.00 7.29  ? 82   LYS A N   1 
ATOM   649  C  CA  . LYS A 1 84  ? 9.284   9.901   -8.940  1.00 7.81  ? 82   LYS A CA  1 
ATOM   650  C  C   . LYS A 1 84  ? 8.900   8.438   -8.762  1.00 8.30  ? 82   LYS A C   1 
ATOM   651  O  O   . LYS A 1 84  ? 8.727   7.974   -7.615  1.00 7.85  ? 82   LYS A O   1 
ATOM   652  C  CB  . LYS A 1 84  ? 10.762  10.062  -8.598  1.00 7.58  ? 82   LYS A CB  1 
ATOM   653  C  CG  . LYS A 1 84  ? 11.262  11.541  -8.760  1.00 6.38  ? 82   LYS A CG  1 
ATOM   654  C  CD  . LYS A 1 84  ? 12.757  11.654  -8.426  1.00 6.95  ? 82   LYS A CD  1 
ATOM   655  C  CE  . LYS A 1 84  ? 13.611  10.739  -9.381  1.00 7.82  ? 82   LYS A CE  1 
ATOM   656  N  NZ  . LYS A 1 84  ? 15.068  10.944  -9.041  1.00 9.84  ? 82   LYS A NZ  1 
ATOM   657  N  N   . GLU A 1 85  ? 8.792   7.711   -9.873  1.00 9.33  ? 83   GLU A N   1 
ATOM   658  C  CA  . GLU A 1 85  ? 8.391   6.292   -9.785  1.00 10.90 ? 83   GLU A CA  1 
ATOM   659  C  C   . GLU A 1 85  ? 9.414   5.404   -9.067  1.00 11.44 ? 83   GLU A C   1 
ATOM   660  O  O   . GLU A 1 85  ? 9.074   4.284   -8.640  1.00 11.37 ? 83   GLU A O   1 
ATOM   661  C  CB  . GLU A 1 85  ? 8.089   5.707   -11.169 1.00 11.37 ? 83   GLU A CB  1 
ATOM   662  C  CG  . GLU A 1 85  ? 9.292   5.712   -12.091 1.00 14.49 ? 83   GLU A CG  1 
ATOM   663  C  CD  . GLU A 1 85  ? 9.028   5.004   -13.427 1.00 20.91 ? 83   GLU A CD  1 
ATOM   664  O  OE1 . GLU A 1 85  ? 7.879   4.568   -13.691 1.00 20.67 ? 83   GLU A OE1 1 
ATOM   665  O  OE2 . GLU A 1 85  ? 9.991   4.884   -14.199 1.00 22.00 ? 83   GLU A OE2 1 
ATOM   666  N  N   . ASP A 1 86  ? 10.654  5.870   -8.930  1.00 10.85 ? 84   ASP A N   1 
ATOM   667  C  CA  . ASP A 1 86  ? 11.632  5.096   -8.178  1.00 11.08 ? 84   ASP A CA  1 
ATOM   668  C  C   . ASP A 1 86  ? 11.663  5.486   -6.710  1.00 10.36 ? 84   ASP A C   1 
ATOM   669  O  O   . ASP A 1 86  ? 12.503  4.989   -5.938  1.00 10.42 ? 84   ASP A O   1 
ATOM   670  C  CB  . ASP A 1 86  ? 13.031  5.157   -8.809  1.00 11.50 ? 84   ASP A CB  1 
ATOM   671  C  CG  . ASP A 1 86  ? 13.718  6.510   -8.633  1.00 12.53 ? 84   ASP A CG  1 
ATOM   672  O  OD1 . ASP A 1 86  ? 13.155  7.475   -8.059  1.00 11.33 ? 84   ASP A OD1 1 
ATOM   673  O  OD2 . ASP A 1 86  ? 14.871  6.605   -9.091  1.00 13.62 ? 84   ASP A OD2 1 
ATOM   674  N  N   . PHE A 1 87  ? 10.770  6.394   -6.320  1.00 8.65  ? 85   PHE A N   1 
ATOM   675  C  CA  . PHE A 1 87  ? 10.634  6.804   -4.914  1.00 9.41  ? 85   PHE A CA  1 
ATOM   676  C  C   . PHE A 1 87  ? 11.891  7.435   -4.285  1.00 8.88  ? 85   PHE A C   1 
ATOM   677  O  O   . PHE A 1 87  ? 12.008  7.522   -3.056  1.00 8.64  ? 85   PHE A O   1 
ATOM   678  C  CB  . PHE A 1 87  ? 10.038  5.646   -4.046  1.00 8.50  ? 85   PHE A CB  1 
ATOM   679  C  CG  . PHE A 1 87  ? 8.593   5.369   -4.355  1.00 10.31 ? 85   PHE A CG  1 
ATOM   680  C  CD1 . PHE A 1 87  ? 8.246   4.588   -5.454  1.00 11.47 ? 85   PHE A CD1 1 
ATOM   681  C  CD2 . PHE A 1 87  ? 7.584   5.928   -3.572  1.00 10.12 ? 85   PHE A CD2 1 
ATOM   682  C  CE1 . PHE A 1 87  ? 6.894   4.367   -5.783  1.00 11.76 ? 85   PHE A CE1 1 
ATOM   683  C  CE2 . PHE A 1 87  ? 6.235   5.727   -3.885  1.00 13.36 ? 85   PHE A CE2 1 
ATOM   684  C  CZ  . PHE A 1 87  ? 5.885   4.951   -4.993  1.00 10.72 ? 85   PHE A CZ  1 
ATOM   685  N  N   . SER A 1 88  ? 12.824  7.907   -5.116  1.00 8.88  ? 86   SER A N   1 
ATOM   686  C  CA  . SER A 1 88  ? 14.042  8.522   -4.566  1.00 9.25  ? 86   SER A CA  1 
ATOM   687  C  C   . SER A 1 88  ? 13.777  9.879   -3.892  1.00 9.28  ? 86   SER A C   1 
ATOM   688  O  O   . SER A 1 88  ? 14.621  10.371  -3.125  1.00 10.43 ? 86   SER A O   1 
ATOM   689  C  CB  . SER A 1 88  ? 15.141  8.648   -5.649  1.00 9.93  ? 86   SER A CB  1 
ATOM   690  O  OG  . SER A 1 88  ? 14.640  9.384   -6.766  1.00 9.56  ? 86   SER A OG  1 
ATOM   691  N  N   . ASP A 1 89  ? 12.615  10.486  -4.169  1.00 8.28  ? 87   ASP A N   1 
ATOM   692  C  CA  . ASP A 1 89  ? 12.209  11.733  -3.524  1.00 8.97  ? 87   ASP A CA  1 
ATOM   693  C  C   . ASP A 1 89  ? 11.169  11.491  -2.415  1.00 9.33  ? 87   ASP A C   1 
ATOM   694  O  O   . ASP A 1 89  ? 10.567  12.441  -1.912  1.00 9.42  ? 87   ASP A O   1 
ATOM   695  C  CB  . ASP A 1 89  ? 11.591  12.686  -4.564  1.00 8.63  ? 87   ASP A CB  1 
ATOM   696  C  CG  . ASP A 1 89  ? 10.284  12.119  -5.168  1.00 10.90 ? 87   ASP A CG  1 
ATOM   697  O  OD1 . ASP A 1 89  ? 10.193  10.885  -5.374  1.00 8.25  ? 87   ASP A OD1 1 
ATOM   698  O  OD2 . ASP A 1 89  ? 9.354   12.908  -5.435  1.00 12.23 ? 87   ASP A OD2 1 
ATOM   699  N  N   . ALA A 1 90  ? 10.977  10.227  -2.015  1.00 9.43  ? 88   ALA A N   1 
ATOM   700  C  CA  . ALA A 1 90  ? 9.814   9.867   -1.168  1.00 9.58  ? 88   ALA A CA  1 
ATOM   701  C  C   . ALA A 1 90  ? 9.839   10.467  0.227   1.00 9.99  ? 88   ALA A C   1 
ATOM   702  O  O   . ALA A 1 90  ? 10.910  10.669  0.820   1.00 10.02 ? 88   ALA A O   1 
ATOM   703  C  CB  . ALA A 1 90  ? 9.660   8.309   -1.065  1.00 9.47  ? 88   ALA A CB  1 
ATOM   704  N  N   . VAL A 1 91  ? 8.651   10.665  0.791   1.00 8.95  ? 89   VAL A N   1 
ATOM   705  C  CA  . VAL A 1 91  ? 8.533   11.008  2.203   1.00 9.66  ? 89   VAL A CA  1 
ATOM   706  C  C   . VAL A 1 91  ? 7.622   9.950   2.856   1.00 9.91  ? 89   VAL A C   1 
ATOM   707  O  O   . VAL A 1 91  ? 6.674   9.437   2.219   1.00 8.77  ? 89   VAL A O   1 
ATOM   708  C  CB  . VAL A 1 91  ? 7.973   12.432  2.375   1.00 11.12 ? 89   VAL A CB  1 
ATOM   709  C  CG1 . VAL A 1 91  ? 6.701   12.624  1.576   1.00 11.19 ? 89   VAL A CG1 1 
ATOM   710  C  CG2 . VAL A 1 91  ? 7.757   12.760  3.882   1.00 12.27 ? 89   VAL A CG2 1 
ATOM   711  N  N   . THR A 1 92  ? 7.948   9.577   4.087   1.00 8.80  ? 90   THR A N   1 
ATOM   712  C  CA  . THR A 1 92  ? 7.136   8.592   4.810   1.00 9.85  ? 90   THR A CA  1 
ATOM   713  C  C   . THR A 1 92  ? 5.890   9.262   5.368   1.00 10.26 ? 90   THR A C   1 
ATOM   714  O  O   . THR A 1 92  ? 5.989   10.256  6.108   1.00 11.16 ? 90   THR A O   1 
ATOM   715  C  CB  . THR A 1 92  ? 7.965   7.952   5.922   1.00 10.19 ? 90   THR A CB  1 
ATOM   716  O  OG1 . THR A 1 92  ? 9.080   7.261   5.329   1.00 9.87  ? 90   THR A OG1 1 
ATOM   717  C  CG2 . THR A 1 92  ? 7.118   6.953   6.761   1.00 11.06 ? 90   THR A CG2 1 
ATOM   718  N  N   . LEU A 1 93  ? 4.726   8.724   5.011   1.00 9.53  ? 91   LEU A N   1 
ATOM   719  C  CA  . LEU A 1 93  ? 3.425   9.265   5.435   1.00 9.30  ? 91   LEU A CA  1 
ATOM   720  C  C   . LEU A 1 93  ? 2.931   8.622   6.714   1.00 10.37 ? 91   LEU A C   1 
ATOM   721  O  O   . LEU A 1 93  ? 2.151   9.241   7.465   1.00 10.11 ? 91   LEU A O   1 
ATOM   722  C  CB  . LEU A 1 93  ? 2.379   9.054   4.337   1.00 9.62  ? 91   LEU A CB  1 
ATOM   723  C  CG  . LEU A 1 93  ? 2.730   9.634   2.954   1.00 10.05 ? 91   LEU A CG  1 
ATOM   724  C  CD1 . LEU A 1 93  ? 1.658   9.267   1.934   1.00 10.98 ? 91   LEU A CD1 1 
ATOM   725  C  CD2 . LEU A 1 93  ? 2.970   11.165  3.025   1.00 10.23 ? 91   LEU A CD2 1 
ATOM   726  N  N   . PHE A 1 94  ? 3.322   7.363   6.939   1.00 9.58  ? 92   PHE A N   1 
ATOM   727  C  CA  . PHE A 1 94  ? 2.922   6.654   8.159   1.00 10.21 ? 92   PHE A CA  1 
ATOM   728  C  C   . PHE A 1 94  ? 3.805   5.424   8.310   1.00 9.89  ? 92   PHE A C   1 
ATOM   729  O  O   . PHE A 1 94  ? 4.220   4.832   7.308   1.00 10.11 ? 92   PHE A O   1 
ATOM   730  C  CB  . PHE A 1 94  ? 1.445   6.218   8.105   1.00 9.56  ? 92   PHE A CB  1 
ATOM   731  C  CG  . PHE A 1 94  ? 0.981   5.525   9.376   1.00 9.93  ? 92   PHE A CG  1 
ATOM   732  C  CD1 . PHE A 1 94  ? 0.702   6.275   10.534  1.00 12.88 ? 92   PHE A CD1 1 
ATOM   733  C  CD2 . PHE A 1 94  ? 0.852   4.137   9.421   1.00 11.35 ? 92   PHE A CD2 1 
ATOM   734  C  CE1 . PHE A 1 94  ? 0.306   5.637   11.739  1.00 12.98 ? 92   PHE A CE1 1 
ATOM   735  C  CE2 . PHE A 1 94  ? 0.438   3.485   10.604  1.00 12.50 ? 92   PHE A CE2 1 
ATOM   736  C  CZ  . PHE A 1 94  ? 0.170   4.243   11.770  1.00 12.86 ? 92   PHE A CZ  1 
ATOM   737  N  N   . THR A 1 95  ? 4.084   5.055   9.556   1.00 9.84  ? 93   THR A N   1 
ATOM   738  C  CA  . THR A 1 95  ? 4.850   3.854   9.878   1.00 10.31 ? 93   THR A CA  1 
ATOM   739  C  C   . THR A 1 95  ? 4.025   2.979   10.799  1.00 10.89 ? 93   THR A C   1 
ATOM   740  O  O   . THR A 1 95  ? 3.527   3.446   11.841  1.00 11.30 ? 93   THR A O   1 
ATOM   741  C  CB  . THR A 1 95  ? 6.179   4.231   10.577  1.00 11.13 ? 93   THR A CB  1 
ATOM   742  O  OG1 . THR A 1 95  ? 6.919   5.121   9.711   1.00 10.84 ? 93   THR A OG1 1 
ATOM   743  C  CG2 . THR A 1 95  ? 7.027   2.982   10.889  1.00 11.73 ? 93   THR A CG2 1 
ATOM   744  N  N   . ILE A 1 96  ? 3.865   1.720   10.415  1.00 10.47 ? 94   ILE A N   1 
ATOM   745  C  CA  . ILE A 1 96  ? 3.095   0.759   11.220  1.00 10.99 ? 94   ILE A CA  1 
ATOM   746  C  C   . ILE A 1 96  ? 3.951   0.291   12.393  1.00 12.01 ? 94   ILE A C   1 
ATOM   747  O  O   . ILE A 1 96  ? 5.016   -0.308  12.205  1.00 11.59 ? 94   ILE A O   1 
ATOM   748  C  CB  . ILE A 1 96  ? 2.634   -0.454  10.373  1.00 10.42 ? 94   ILE A CB  1 
ATOM   749  C  CG1 . ILE A 1 96  ? 1.759   0.032   9.200   1.00 9.93  ? 94   ILE A CG1 1 
ATOM   750  C  CG2 . ILE A 1 96  ? 1.868   -1.504  11.251  1.00 10.89 ? 94   ILE A CG2 1 
ATOM   751  C  CD1 . ILE A 1 96  ? 1.345   -1.128  8.214   1.00 9.18  ? 94   ILE A CD1 1 
ATOM   752  N  N   . THR A 1 97  ? 3.497   0.600   13.607  1.00 13.52 ? 95   THR A N   1 
ATOM   753  C  CA  . THR A 1 97  ? 4.296   0.267   14.794  1.00 15.31 ? 95   THR A CA  1 
ATOM   754  C  C   . THR A 1 97  ? 3.606   -0.726  15.715  1.00 16.68 ? 95   THR A C   1 
ATOM   755  O  O   . THR A 1 97  ? 4.257   -1.311  16.579  1.00 18.11 ? 95   THR A O   1 
ATOM   756  C  CB  . THR A 1 97  ? 4.657   1.528   15.607  1.00 16.11 ? 95   THR A CB  1 
ATOM   757  O  OG1 . THR A 1 97  ? 3.454   2.222   15.942  1.00 15.79 ? 95   THR A OG1 1 
ATOM   758  C  CG2 . THR A 1 97  ? 5.530   2.458   14.780  1.00 15.44 ? 95   THR A CG2 1 
ATOM   759  N  N   . SER A 1 98  ? 2.300   -0.909  15.555  1.00 16.83 ? 96   SER A N   1 
ATOM   760  C  CA  . SER A 1 98  ? 1.630   -1.940  16.338  1.00 17.93 ? 96   SER A CA  1 
ATOM   761  C  C   . SER A 1 98  ? 0.893   -2.934  15.435  1.00 17.02 ? 96   SER A C   1 
ATOM   762  O  O   . SER A 1 98  ? 0.640   -2.667  14.250  1.00 15.01 ? 96   SER A O   1 
ATOM   763  C  CB  . SER A 1 98  ? 0.701   -1.314  17.371  1.00 19.34 ? 96   SER A CB  1 
ATOM   764  O  OG  . SER A 1 98  ? -0.269  -0.544  16.713  1.00 24.22 ? 96   SER A OG  1 
ATOM   765  N  N   . LEU A 1 99  ? 0.589   -4.096  16.002  1.00 15.70 ? 97   LEU A N   1 
ATOM   766  C  CA  . LEU A 1 99  ? -0.099  -5.156  15.286  1.00 15.54 ? 97   LEU A CA  1 
ATOM   767  C  C   . LEU A 1 99  ? -1.461  -4.676  14.754  1.00 14.82 ? 97   LEU A C   1 
ATOM   768  O  O   . LEU A 1 99  ? -2.312  -4.298  15.526  1.00 14.11 ? 97   LEU A O   1 
ATOM   769  C  CB  . LEU A 1 99  ? -0.278  -6.334  16.256  1.00 15.48 ? 97   LEU A CB  1 
ATOM   770  C  CG  . LEU A 1 99  ? -0.773  -7.660  15.721  1.00 16.81 ? 97   LEU A CG  1 
ATOM   771  C  CD1 . LEU A 1 99  ? 0.239   -8.221  14.721  1.00 17.55 ? 97   LEU A CD1 1 
ATOM   772  C  CD2 . LEU A 1 99  ? -1.007  -8.645  16.900  1.00 17.24 ? 97   LEU A CD2 1 
ATOM   773  N  N   . PRO A 1 100 ? -1.664  -4.662  13.422  1.00 14.55 ? 98   PRO A N   1 
ATOM   774  C  CA  . PRO A 1 100 ? -2.985  -4.273  12.907  1.00 14.63 ? 98   PRO A CA  1 
ATOM   775  C  C   . PRO A 1 100 ? -4.041  -5.313  13.227  1.00 13.97 ? 98   PRO A C   1 
ATOM   776  O  O   . PRO A 1 100 ? -3.765  -6.508  13.189  1.00 13.62 ? 98   PRO A O   1 
ATOM   777  C  CB  . PRO A 1 100 ? -2.786  -4.218  11.384  1.00 14.18 ? 98   PRO A CB  1 
ATOM   778  C  CG  . PRO A 1 100 ? -1.284  -4.276  11.175  1.00 15.96 ? 98   PRO A CG  1 
ATOM   779  C  CD  . PRO A 1 100 ? -0.699  -4.959  12.349  1.00 14.77 ? 98   PRO A CD  1 
ATOM   780  N  N   . GLY A 1 101 ? -5.247  -4.852  13.549  1.00 14.95 ? 99   GLY A N   1 
ATOM   781  C  CA  . GLY A 1 101 ? -6.353  -5.775  13.802  1.00 14.77 ? 99   GLY A CA  1 
ATOM   782  C  C   . GLY A 1 101 ? -6.738  -6.600  12.590  1.00 14.20 ? 99   GLY A C   1 
ATOM   783  O  O   . GLY A 1 101 ? -6.740  -6.106  11.456  1.00 13.67 ? 99   GLY A O   1 
ATOM   784  N  N   . SER A 1 102 ? -7.084  -7.866  12.830  1.00 14.41 ? 100  SER A N   1 
ATOM   785  C  CA  A SER A 1 102 ? -7.444  -8.786  11.770  0.50 14.06 ? 100  SER A CA  1 
ATOM   786  C  CA  B SER A 1 102 ? -7.451  -8.793  11.760  0.50 14.47 ? 100  SER A CA  1 
ATOM   787  C  C   . SER A 1 102 ? -8.816  -8.473  11.158  1.00 14.10 ? 100  SER A C   1 
ATOM   788  O  O   . SER A 1 102 ? -9.724  -8.007  11.857  1.00 14.74 ? 100  SER A O   1 
ATOM   789  C  CB  A SER A 1 102 ? -7.465  -10.205 12.343  0.50 14.83 ? 100  SER A CB  1 
ATOM   790  C  CB  B SER A 1 102 ? -7.500  -10.240 12.288  0.50 15.27 ? 100  SER A CB  1 
ATOM   791  O  OG  A SER A 1 102 ? -7.406  -11.151 11.307  0.50 14.31 ? 100  SER A OG  1 
ATOM   792  O  OG  B SER A 1 102 ? -6.421  -10.513 13.158  0.50 17.15 ? 100  SER A OG  1 
ATOM   793  N  N   . GLY A 1 103 ? -8.962  -8.739  9.863   1.00 13.94 ? 101  GLY A N   1 
ATOM   794  C  CA  . GLY A 1 103 ? -10.256 -8.688  9.189   1.00 13.29 ? 101  GLY A CA  1 
ATOM   795  C  C   . GLY A 1 103 ? -10.978 -7.356  9.179   1.00 12.44 ? 101  GLY A C   1 
ATOM   796  O  O   . GLY A 1 103 ? -12.216 -7.312  9.099   1.00 12.20 ? 101  GLY A O   1 
ATOM   797  N  N   . THR A 1 104 ? -10.215 -6.263  9.201   1.00 11.23 ? 102  THR A N   1 
ATOM   798  C  CA  . THR A 1 104 ? -10.816 -4.942  9.157   1.00 10.85 ? 102  THR A CA  1 
ATOM   799  C  C   . THR A 1 104 ? -9.823  -3.956  8.562   1.00 10.97 ? 102  THR A C   1 
ATOM   800  O  O   . THR A 1 104 ? -8.643  -4.284  8.423   1.00 10.71 ? 102  THR A O   1 
ATOM   801  C  CB  . THR A 1 104 ? -11.292 -4.454  10.578  1.00 10.25 ? 102  THR A CB  1 
ATOM   802  O  OG1 . THR A 1 104 ? -12.118 -3.296  10.419  1.00 11.34 ? 102  THR A OG1 1 
ATOM   803  C  CG2 . THR A 1 104 ? -10.095 -4.126  11.483  1.00 10.97 ? 102  THR A CG2 1 
ATOM   804  N  N   . LEU A 1 105 ? -10.311 -2.770  8.222   1.00 10.53 ? 103  LEU A N   1 
ATOM   805  C  CA  . LEU A 1 105 ? -9.454  -1.697  7.719   1.00 11.40 ? 103  LEU A CA  1 
ATOM   806  C  C   . LEU A 1 105 ? -9.091  -0.794  8.882   1.00 12.42 ? 103  LEU A C   1 
ATOM   807  O  O   . LEU A 1 105 ? -9.975  -0.246  9.560   1.00 13.55 ? 103  LEU A O   1 
ATOM   808  C  CB  . LEU A 1 105 ? -10.162 -0.882  6.632   1.00 10.64 ? 103  LEU A CB  1 
ATOM   809  C  CG  . LEU A 1 105 ? -10.361 -1.604  5.303   1.00 10.63 ? 103  LEU A CG  1 
ATOM   810  C  CD1 . LEU A 1 105 ? -11.371 -0.829  4.451   1.00 10.87 ? 103  LEU A CD1 1 
ATOM   811  C  CD2 . LEU A 1 105 ? -9.000  -1.739  4.579   1.00 8.70  ? 103  LEU A CD2 1 
ATOM   812  N  N   . THR A 1 106 ? -7.796  -0.694  9.140   1.00 11.91 ? 104  THR A N   1 
ATOM   813  C  CA  . THR A 1 106 ? -7.247  0.248   10.084  1.00 13.12 ? 104  THR A CA  1 
ATOM   814  C  C   . THR A 1 106 ? -7.069  1.551   9.340   1.00 13.45 ? 104  THR A C   1 
ATOM   815  O  O   . THR A 1 106 ? -6.518  1.564   8.233   1.00 11.75 ? 104  THR A O   1 
ATOM   816  C  CB  . THR A 1 106 ? -5.902  -0.276  10.639  1.00 13.85 ? 104  THR A CB  1 
ATOM   817  O  OG1 . THR A 1 106 ? -6.174  -1.442  11.427  1.00 15.97 ? 104  THR A OG1 1 
ATOM   818  C  CG2 . THR A 1 106 ? -5.200  0.782   11.511  1.00 14.68 ? 104  THR A CG2 1 
ATOM   819  N  N   . SER A 1 107 ? -7.578  2.643   9.923   1.00 13.13 ? 105  SER A N   1 
ATOM   820  C  CA  . SER A 1 107 ? -7.526  3.933   9.263   1.00 13.68 ? 105  SER A CA  1 
ATOM   821  C  C   . SER A 1 107 ? -6.533  4.835   9.972   1.00 14.35 ? 105  SER A C   1 
ATOM   822  O  O   . SER A 1 107 ? -6.505  4.886   11.207  1.00 14.16 ? 105  SER A O   1 
ATOM   823  C  CB  . SER A 1 107 ? -8.915  4.584   9.251   1.00 14.88 ? 105  SER A CB  1 
ATOM   824  O  OG  . SER A 1 107 ? -8.866  5.794   8.517   1.00 16.97 ? 105  SER A OG  1 
ATOM   825  N  N   . VAL A 1 108 ? -5.679  5.503   9.207   1.00 12.97 ? 106  VAL A N   1 
ATOM   826  C  CA  . VAL A 1 108 ? -4.733  6.431   9.821   1.00 14.27 ? 106  VAL A CA  1 
ATOM   827  C  C   . VAL A 1 108 ? -4.784  7.767   9.100   1.00 14.35 ? 106  VAL A C   1 
ATOM   828  O  O   . VAL A 1 108 ? -4.881  7.823   7.876   1.00 13.05 ? 106  VAL A O   1 
ATOM   829  C  CB  . VAL A 1 108 ? -3.277  5.882   9.889   1.00 14.24 ? 106  VAL A CB  1 
ATOM   830  C  CG1 . VAL A 1 108 ? -3.228  4.581   10.728  1.00 15.97 ? 106  VAL A CG1 1 
ATOM   831  C  CG2 . VAL A 1 108 ? -2.692  5.660   8.503   1.00 14.06 ? 106  VAL A CG2 1 
ATOM   832  N  N   . ASP A 1 109 ? -4.732  8.848   9.873   1.00 15.44 ? 107  ASP A N   1 
ATOM   833  C  CA  . ASP A 1 109 ? -4.689  10.180  9.273   1.00 17.08 ? 107  ASP A CA  1 
ATOM   834  C  C   . ASP A 1 109 ? -3.292  10.534  8.765   1.00 16.42 ? 107  ASP A C   1 
ATOM   835  O  O   . ASP A 1 109 ? -2.281  10.145  9.355   1.00 17.26 ? 107  ASP A O   1 
ATOM   836  C  CB  . ASP A 1 109 ? -5.108  11.236  10.290  1.00 18.28 ? 107  ASP A CB  1 
ATOM   837  C  CG  . ASP A 1 109 ? -6.593  11.194  10.597  1.00 21.87 ? 107  ASP A CG  1 
ATOM   838  O  OD1 . ASP A 1 109 ? -7.400  10.643  9.800   1.00 24.00 ? 107  ASP A OD1 1 
ATOM   839  O  OD2 . ASP A 1 109 ? -6.951  11.737  11.662  1.00 28.01 ? 107  ASP A OD2 1 
ATOM   840  N  N   . VAL A 1 110 ? -3.257  11.270  7.665   1.00 16.53 ? 108  VAL A N   1 
ATOM   841  C  CA  . VAL A 1 110 ? -1.994  11.769  7.109   1.00 16.97 ? 108  VAL A CA  1 
ATOM   842  C  C   . VAL A 1 110 ? -2.068  13.290  7.121   1.00 17.66 ? 108  VAL A C   1 
ATOM   843  O  O   . VAL A 1 110 ? -3.065  13.867  6.696   1.00 17.73 ? 108  VAL A O   1 
ATOM   844  C  CB  . VAL A 1 110 ? -1.750  11.240  5.674   1.00 16.46 ? 108  VAL A CB  1 
ATOM   845  C  CG1 . VAL A 1 110 ? -0.506  11.904  5.045   1.00 15.44 ? 108  VAL A CG1 1 
ATOM   846  C  CG2 . VAL A 1 110 ? -1.597  9.701   5.677   1.00 15.61 ? 108  VAL A CG2 1 
ATOM   847  N  N   . ASP A 1 111 ? -1.005  13.912  7.612   1.00 18.90 ? 109  ASP A N   1 
ATOM   848  C  CA  . ASP A 1 111 ? -0.896  15.369  7.686   1.00 20.94 ? 109  ASP A CA  1 
ATOM   849  C  C   . ASP A 1 111 ? 0.363   15.759  6.902   1.00 20.63 ? 109  ASP A C   1 
ATOM   850  O  O   . ASP A 1 111 ? 1.473   15.859  7.449   1.00 21.88 ? 109  ASP A O   1 
ATOM   851  C  CB  . ASP A 1 111 ? -0.777  15.803  9.156   1.00 22.49 ? 109  ASP A CB  1 
ATOM   852  C  CG  . ASP A 1 111 ? -0.681  17.320  9.330   1.00 27.36 ? 109  ASP A CG  1 
ATOM   853  O  OD1 . ASP A 1 111 ? -1.156  18.090  8.447   1.00 30.16 ? 109  ASP A OD1 1 
ATOM   854  O  OD2 . ASP A 1 111 ? -0.125  17.730  10.383  1.00 32.82 ? 109  ASP A OD2 1 
ATOM   855  N  N   . ASN A 1 112 ? 0.193   15.904  5.604   1.00 19.42 ? 110  ASN A N   1 
ATOM   856  C  CA  . ASN A 1 112 ? 1.278   16.302  4.727   1.00 18.34 ? 110  ASN A CA  1 
ATOM   857  C  C   . ASN A 1 112 ? 0.624   16.995  3.553   1.00 17.73 ? 110  ASN A C   1 
ATOM   858  O  O   . ASN A 1 112 ? -0.172  16.389  2.845   1.00 17.93 ? 110  ASN A O   1 
ATOM   859  C  CB  . ASN A 1 112 ? 2.116   15.082  4.279   1.00 18.12 ? 110  ASN A CB  1 
ATOM   860  C  CG  . ASN A 1 112 ? 3.338   15.486  3.486   1.00 18.64 ? 110  ASN A CG  1 
ATOM   861  O  OD1 . ASN A 1 112 ? 3.270   16.406  2.672   1.00 17.03 ? 110  ASN A OD1 1 
ATOM   862  N  ND2 . ASN A 1 112 ? 4.474   14.817  3.729   1.00 16.96 ? 110  ASN A ND2 1 
ATOM   863  N  N   . PRO A 1 113 ? 0.922   18.291  3.357   1.00 18.00 ? 111  PRO A N   1 
ATOM   864  C  CA  . PRO A 1 113 ? 0.225   19.040  2.319   1.00 17.26 ? 111  PRO A CA  1 
ATOM   865  C  C   . PRO A 1 113 ? 0.752   18.816  0.911   1.00 16.34 ? 111  PRO A C   1 
ATOM   866  O  O   . PRO A 1 113 ? 0.218   19.403  -0.025  1.00 16.75 ? 111  PRO A O   1 
ATOM   867  C  CB  . PRO A 1 113 ? 0.461   20.515  2.731   1.00 17.77 ? 111  PRO A CB  1 
ATOM   868  C  CG  . PRO A 1 113 ? 1.828   20.484  3.413   1.00 18.83 ? 111  PRO A CG  1 
ATOM   869  C  CD  . PRO A 1 113 ? 1.820   19.147  4.172   1.00 18.40 ? 111  PRO A CD  1 
ATOM   870  N  N   . THR A 1 114 ? 1.789   17.992  0.743   1.00 15.34 ? 112  THR A N   1 
ATOM   871  C  CA  . THR A 1 114 ? 2.379   17.774  -0.579  1.00 14.92 ? 112  THR A CA  1 
ATOM   872  C  C   . THR A 1 114 ? 1.475   16.990  -1.512  1.00 14.51 ? 112  THR A C   1 
ATOM   873  O  O   . THR A 1 114 ? 0.879   15.990  -1.098  1.00 15.10 ? 112  THR A O   1 
ATOM   874  C  CB  . THR A 1 114 ? 3.721   16.999  -0.448  1.00 14.95 ? 112  THR A CB  1 
ATOM   875  O  OG1 . THR A 1 114 ? 4.554   17.656  0.511   1.00 16.10 ? 112  THR A OG1 1 
ATOM   876  C  CG2 . THR A 1 114 ? 4.427   16.877  -1.793  1.00 14.59 ? 112  THR A CG2 1 
ATOM   877  N  N   . GLY A 1 115 ? 1.373   17.424  -2.764  1.00 13.56 ? 113  GLY A N   1 
ATOM   878  C  CA  . GLY A 1 115 ? 0.691   16.641  -3.794  1.00 12.60 ? 113  GLY A CA  1 
ATOM   879  C  C   . GLY A 1 115 ? 1.634   15.549  -4.313  1.00 12.39 ? 113  GLY A C   1 
ATOM   880  O  O   . GLY A 1 115 ? 2.800   15.824  -4.608  1.00 12.72 ? 113  GLY A O   1 
ATOM   881  N  N   . PHE A 1 116 ? 1.135   14.313  -4.416  1.00 10.80 ? 114  PHE A N   1 
ATOM   882  C  CA  . PHE A 1 116 ? 1.916   13.187  -4.932  1.00 10.04 ? 114  PHE A CA  1 
ATOM   883  C  C   . PHE A 1 116 ? 1.282   12.537  -6.138  1.00 10.55 ? 114  PHE A C   1 
ATOM   884  O  O   . PHE A 1 116 ? 0.069   12.296  -6.154  1.00 11.24 ? 114  PHE A O   1 
ATOM   885  C  CB  . PHE A 1 116 ? 2.066   12.080  -3.867  1.00 10.21 ? 114  PHE A CB  1 
ATOM   886  C  CG  . PHE A 1 116 ? 2.738   12.540  -2.609  1.00 10.06 ? 114  PHE A CG  1 
ATOM   887  C  CD1 . PHE A 1 116 ? 4.085   12.905  -2.622  1.00 9.18  ? 114  PHE A CD1 1 
ATOM   888  C  CD2 . PHE A 1 116 ? 2.025   12.619  -1.414  1.00 10.90 ? 114  PHE A CD2 1 
ATOM   889  C  CE1 . PHE A 1 116 ? 4.719   13.336  -1.448  1.00 10.72 ? 114  PHE A CE1 1 
ATOM   890  C  CE2 . PHE A 1 116 ? 2.639   13.044  -0.228  1.00 11.50 ? 114  PHE A CE2 1 
ATOM   891  C  CZ  . PHE A 1 116 ? 3.996   13.405  -0.240  1.00 12.13 ? 114  PHE A CZ  1 
ATOM   892  N  N   . ARG A 1 117 ? 2.109   12.179  -7.115  1.00 9.29  ? 115  ARG A N   1 
ATOM   893  C  CA  . ARG A 1 117 ? 1.662   11.355  -8.215  1.00 9.39  ? 115  ARG A CA  1 
ATOM   894  C  C   . ARG A 1 117 ? 1.672   9.865   -7.829  1.00 9.19  ? 115  ARG A C   1 
ATOM   895  O  O   . ARG A 1 117 ? 0.869   9.069   -8.353  1.00 9.27  ? 115  ARG A O   1 
ATOM   896  C  CB  . ARG A 1 117 ? 2.581   11.543  -9.423  1.00 9.22  ? 115  ARG A CB  1 
ATOM   897  C  CG  . ARG A 1 117 ? 2.230   10.597  -10.581 1.00 10.01 ? 115  ARG A CG  1 
ATOM   898  C  CD  . ARG A 1 117 ? 3.008   10.937  -11.865 1.00 10.38 ? 115  ARG A CD  1 
ATOM   899  N  NE  . ARG A 1 117 ? 2.873   9.822   -12.793 1.00 10.88 ? 115  ARG A NE  1 
ATOM   900  C  CZ  . ARG A 1 117 ? 3.518   9.721   -13.956 1.00 14.21 ? 115  ARG A CZ  1 
ATOM   901  N  NH1 . ARG A 1 117 ? 4.343   10.695  -14.338 1.00 15.06 ? 115  ARG A NH1 1 
ATOM   902  N  NH2 . ARG A 1 117 ? 3.348   8.642   -14.727 1.00 12.04 ? 115  ARG A NH2 1 
ATOM   903  N  N   . TYR A 1 118 ? 2.603   9.483   -6.955  1.00 8.68  ? 116  TYR A N   1 
ATOM   904  C  CA  . TYR A 1 118 ? 2.778   8.058   -6.596  1.00 8.19  ? 116  TYR A CA  1 
ATOM   905  C  C   . TYR A 1 118 ? 2.642   7.858   -5.102  1.00 8.41  ? 116  TYR A C   1 
ATOM   906  O  O   . TYR A 1 118 ? 3.079   8.705   -4.309  1.00 8.77  ? 116  TYR A O   1 
ATOM   907  C  CB  . TYR A 1 118 ? 4.173   7.538   -6.989  1.00 8.57  ? 116  TYR A CB  1 
ATOM   908  C  CG  . TYR A 1 118 ? 4.592   7.780   -8.414  1.00 9.28  ? 116  TYR A CG  1 
ATOM   909  C  CD1 . TYR A 1 118 ? 4.233   6.872   -9.427  1.00 9.00  ? 116  TYR A CD1 1 
ATOM   910  C  CD2 . TYR A 1 118 ? 5.382   8.899   -8.746  1.00 8.28  ? 116  TYR A CD2 1 
ATOM   911  C  CE1 . TYR A 1 118 ? 4.643   7.077   -10.766 1.00 10.00 ? 116  TYR A CE1 1 
ATOM   912  C  CE2 . TYR A 1 118 ? 5.793   9.118   -10.071 1.00 7.29  ? 116  TYR A CE2 1 
ATOM   913  C  CZ  . TYR A 1 118 ? 5.421   8.209   -11.073 1.00 9.93  ? 116  TYR A CZ  1 
ATOM   914  O  OH  . TYR A 1 118 ? 5.837   8.387   -12.388 1.00 8.48  ? 116  TYR A OH  1 
ATOM   915  N  N   . VAL A 1 119 ? 2.073   6.717   -4.708  1.00 7.65  ? 117  VAL A N   1 
ATOM   916  C  CA  . VAL A 1 119 ? 2.048   6.331   -3.288  1.00 6.94  ? 117  VAL A CA  1 
ATOM   917  C  C   . VAL A 1 119 ? 2.327   4.833   -3.216  1.00 6.86  ? 117  VAL A C   1 
ATOM   918  O  O   . VAL A 1 119 ? 2.058   4.099   -4.183  1.00 7.53  ? 117  VAL A O   1 
ATOM   919  C  CB  . VAL A 1 119 ? 0.655   6.626   -2.622  1.00 6.94  ? 117  VAL A CB  1 
ATOM   920  C  CG1 . VAL A 1 119 ? 0.481   8.114   -2.395  1.00 8.11  ? 117  VAL A CG1 1 
ATOM   921  C  CG2 . VAL A 1 119 ? -0.491  6.062   -3.489  1.00 5.68  ? 117  VAL A CG2 1 
ATOM   922  N  N   . ARG A 1 120 ? 2.869   4.362   -2.100  1.00 7.05  ? 118  ARG A N   1 
ATOM   923  C  CA  . ARG A 1 120 ? 3.061   2.916   -1.958  1.00 7.04  ? 118  ARG A CA  1 
ATOM   924  C  C   . ARG A 1 120 ? 3.164   2.486   -0.514  1.00 7.85  ? 118  ARG A C   1 
ATOM   925  O  O   . ARG A 1 120 ? 3.386   3.304   0.386   1.00 8.80  ? 118  ARG A O   1 
ATOM   926  C  CB  . ARG A 1 120 ? 4.335   2.431   -2.694  1.00 6.88  ? 118  ARG A CB  1 
ATOM   927  C  CG  . ARG A 1 120 ? 5.653   2.806   -1.963  1.00 6.74  ? 118  ARG A CG  1 
ATOM   928  C  CD  . ARG A 1 120 ? 6.842   2.176   -2.705  1.00 8.64  ? 118  ARG A CD  1 
ATOM   929  N  NE  . ARG A 1 120 ? 8.146   2.602   -2.165  1.00 7.09  ? 118  ARG A NE  1 
ATOM   930  C  CZ  . ARG A 1 120 ? 9.308   2.245   -2.699  1.00 8.78  ? 118  ARG A CZ  1 
ATOM   931  N  NH1 . ARG A 1 120 ? 9.335   1.442   -3.786  1.00 7.62  ? 118  ARG A NH1 1 
ATOM   932  N  NH2 . ARG A 1 120 ? 10.450  2.665   -2.135  1.00 8.60  ? 118  ARG A NH2 1 
ATOM   933  N  N   . TYR A 1 121 ? 2.982   1.179   -0.331  1.00 6.99  ? 119  TYR A N   1 
ATOM   934  C  CA  . TYR A 1 121 ? 3.282   0.491   0.894   1.00 6.96  ? 119  TYR A CA  1 
ATOM   935  C  C   . TYR A 1 121 ? 4.606   -0.249  0.662   1.00 7.00  ? 119  TYR A C   1 
ATOM   936  O  O   . TYR A 1 121 ? 4.750   -0.967  -0.327  1.00 6.33  ? 119  TYR A O   1 
ATOM   937  C  CB  . TYR A 1 121 ? 2.157   -0.502  1.194   1.00 6.39  ? 119  TYR A CB  1 
ATOM   938  C  CG  . TYR A 1 121 ? 2.492   -1.433  2.338   1.00 6.05  ? 119  TYR A CG  1 
ATOM   939  C  CD1 . TYR A 1 121 ? 2.697   -0.929  3.626   1.00 6.86  ? 119  TYR A CD1 1 
ATOM   940  C  CD2 . TYR A 1 121 ? 2.596   -2.812  2.133   1.00 6.57  ? 119  TYR A CD2 1 
ATOM   941  C  CE1 . TYR A 1 121 ? 3.041   -1.789  4.694   1.00 6.46  ? 119  TYR A CE1 1 
ATOM   942  C  CE2 . TYR A 1 121 ? 2.942   -3.666  3.191   1.00 5.66  ? 119  TYR A CE2 1 
ATOM   943  C  CZ  . TYR A 1 121 ? 3.139   -3.133  4.462   1.00 7.47  ? 119  TYR A CZ  1 
ATOM   944  O  OH  . TYR A 1 121 ? 3.449   -3.994  5.493   1.00 8.28  ? 119  TYR A OH  1 
ATOM   945  N  N   . LEU A 1 122 ? 5.568   -0.064  1.572   1.00 6.67  ? 120  LEU A N   1 
ATOM   946  C  CA  . LEU A 1 122 ? 6.899   -0.683  1.438   1.00 7.22  ? 120  LEU A CA  1 
ATOM   947  C  C   . LEU A 1 122 ? 7.052   -1.662  2.607   1.00 7.71  ? 120  LEU A C   1 
ATOM   948  O  O   . LEU A 1 122 ? 7.116   -1.251  3.757   1.00 8.57  ? 120  LEU A O   1 
ATOM   949  C  CB  . LEU A 1 122 ? 7.988   0.411   1.497   1.00 7.49  ? 120  LEU A CB  1 
ATOM   950  C  CG  . LEU A 1 122 ? 9.429   -0.035  1.202   1.00 8.50  ? 120  LEU A CG  1 
ATOM   951  C  CD1 . LEU A 1 122 ? 9.561   -0.461  -0.270  1.00 7.78  ? 120  LEU A CD1 1 
ATOM   952  C  CD2 . LEU A 1 122 ? 10.371  1.149   1.502   1.00 8.87  ? 120  LEU A CD2 1 
ATOM   953  N  N   . SER A 1 123 ? 7.051   -2.962  2.309   1.00 7.31  ? 121  SER A N   1 
ATOM   954  C  CA  . SER A 1 123 ? 6.915   -3.977  3.356   1.00 7.08  ? 121  SER A CA  1 
ATOM   955  C  C   . SER A 1 123 ? 8.265   -4.331  4.026   1.00 7.66  ? 121  SER A C   1 
ATOM   956  O  O   . SER A 1 123 ? 9.335   -4.236  3.400   1.00 8.14  ? 121  SER A O   1 
ATOM   957  C  CB  . SER A 1 123 ? 6.293   -5.239  2.775   1.00 7.87  ? 121  SER A CB  1 
ATOM   958  O  OG  . SER A 1 123 ? 7.214   -5.861  1.881   1.00 7.57  ? 121  SER A OG  1 
ATOM   959  N  N   . PRO A 1 124 ? 8.218   -4.755  5.298   1.00 8.24  ? 122  PRO A N   1 
ATOM   960  C  CA  . PRO A 1 124 ? 9.462   -5.042  6.036   1.00 7.80  ? 122  PRO A CA  1 
ATOM   961  C  C   . PRO A 1 124 ? 10.029  -6.417  5.683   1.00 8.60  ? 122  PRO A C   1 
ATOM   962  O  O   . PRO A 1 124 ? 9.330   -7.247  5.089   1.00 8.39  ? 122  PRO A O   1 
ATOM   963  C  CB  . PRO A 1 124 ? 9.000   -5.009  7.493   1.00 8.40  ? 122  PRO A CB  1 
ATOM   964  C  CG  . PRO A 1 124 ? 7.561   -5.571  7.413   1.00 8.34  ? 122  PRO A CG  1 
ATOM   965  C  CD  . PRO A 1 124 ? 7.007   -4.972  6.124   1.00 7.39  ? 122  PRO A CD  1 
ATOM   966  N  N   . ASP A 1 125 ? 11.288  -6.664  6.042   1.00 8.68  ? 123  ASP A N   1 
ATOM   967  C  CA  . ASP A 1 125 ? 11.902  -7.943  5.717   1.00 9.04  ? 123  ASP A CA  1 
ATOM   968  C  C   . ASP A 1 125 ? 11.096  -9.069  6.363   1.00 9.12  ? 123  ASP A C   1 
ATOM   969  O  O   . ASP A 1 125 ? 10.584  -8.912  7.474   1.00 9.68  ? 123  ASP A O   1 
ATOM   970  C  CB  . ASP A 1 125 ? 13.353  -8.000  6.216   1.00 8.98  ? 123  ASP A CB  1 
ATOM   971  C  CG  . ASP A 1 125 ? 14.314  -7.174  5.352   1.00 8.97  ? 123  ASP A CG  1 
ATOM   972  O  OD1 . ASP A 1 125 ? 13.907  -6.629  4.300   1.00 8.65  ? 123  ASP A OD1 1 
ATOM   973  O  OD2 . ASP A 1 125 ? 15.497  -7.064  5.741   1.00 9.31  ? 123  ASP A OD2 1 
ATOM   974  N  N   . GLY A 1 126 ? 10.991  -10.177 5.645   1.00 9.73  ? 124  GLY A N   1 
ATOM   975  C  CA  . GLY A 1 126 ? 10.357  -11.390 6.150   1.00 10.07 ? 124  GLY A CA  1 
ATOM   976  C  C   . GLY A 1 126 ? 8.851   -11.399 5.942   1.00 10.21 ? 124  GLY A C   1 
ATOM   977  O  O   . GLY A 1 126 ? 8.163   -12.300 6.446   1.00 11.25 ? 124  GLY A O   1 
ATOM   978  N  N   . SER A 1 127 ? 8.327   -10.410 5.213   1.00 8.71  ? 125  SER A N   1 
ATOM   979  C  CA  . SER A 1 127 ? 6.865   -10.250 5.117   1.00 8.34  ? 125  SER A CA  1 
ATOM   980  C  C   . SER A 1 127 ? 6.246   -10.833 3.854   1.00 8.36  ? 125  SER A C   1 
ATOM   981  O  O   . SER A 1 127 ? 5.024   -11.008 3.823   1.00 7.91  ? 125  SER A O   1 
ATOM   982  C  CB  . SER A 1 127 ? 6.500   -8.750  5.144   1.00 7.89  ? 125  SER A CB  1 
ATOM   983  O  OG  . SER A 1 127 ? 7.090   -8.116  3.999   1.00 7.59  ? 125  SER A OG  1 
ATOM   984  N  N   . ASN A 1 128 ? 7.049   -11.080 2.806   1.00 8.58  ? 126  ASN A N   1 
ATOM   985  C  CA  . ASN A 1 128 ? 6.496   -11.342 1.456   1.00 9.27  ? 126  ASN A CA  1 
ATOM   986  C  C   . ASN A 1 128 ? 5.431   -10.294 1.083   1.00 8.65  ? 126  ASN A C   1 
ATOM   987  O  O   . ASN A 1 128 ? 4.480   -10.573 0.333   1.00 8.84  ? 126  ASN A O   1 
ATOM   988  C  CB  . ASN A 1 128 ? 5.869   -12.749 1.350   1.00 9.42  ? 126  ASN A CB  1 
ATOM   989  C  CG  . ASN A 1 128 ? 6.907   -13.851 1.265   1.00 11.49 ? 126  ASN A CG  1 
ATOM   990  O  OD1 . ASN A 1 128 ? 7.075   -14.511 0.216   1.00 15.51 ? 126  ASN A OD1 1 
ATOM   991  N  ND2 . ASN A 1 128 ? 7.603   -14.059 2.344   1.00 6.94  ? 126  ASN A ND2 1 
ATOM   992  N  N   . GLY A 1 129 ? 5.603   -9.079  1.593   1.00 8.32  ? 127  GLY A N   1 
ATOM   993  C  CA  . GLY A 1 129 ? 4.699   -7.974  1.258   1.00 8.12  ? 127  GLY A CA  1 
ATOM   994  C  C   . GLY A 1 129 ? 3.268   -8.172  1.748   1.00 8.69  ? 127  GLY A C   1 
ATOM   995  O  O   . GLY A 1 129 ? 2.385   -7.439  1.328   1.00 8.78  ? 127  GLY A O   1 
ATOM   996  N  N   . ASN A 1 130 ? 3.042   -9.127  2.655   1.00 7.87  ? 128  ASN A N   1 
ATOM   997  C  CA  . ASN A 1 130 ? 1.668   -9.531  2.966   1.00 7.93  ? 128  ASN A CA  1 
ATOM   998  C  C   . ASN A 1 130 ? 0.772   -8.394  3.445   1.00 7.38  ? 128  ASN A C   1 
ATOM   999  O  O   . ASN A 1 130 ? 1.057   -7.729  4.460   1.00 8.33  ? 128  ASN A O   1 
ATOM   1000 C  CB  . ASN A 1 130 ? 1.628   -10.661 3.990   1.00 7.63  ? 128  ASN A CB  1 
ATOM   1001 C  CG  . ASN A 1 130 ? 1.970   -12.017 3.403   1.00 8.79  ? 128  ASN A CG  1 
ATOM   1002 O  OD1 . ASN A 1 130 ? 2.239   -12.190 2.187   1.00 12.79 ? 128  ASN A OD1 1 
ATOM   1003 N  ND2 . ASN A 1 130 ? 1.953   -12.990 4.263   1.00 5.36  ? 128  ASN A ND2 1 
ATOM   1004 N  N   . ILE A 1 131 ? -0.326  -8.221  2.720   1.00 7.74  ? 129  ILE A N   1 
ATOM   1005 C  CA  . ILE A 1 131 ? -1.329  -7.210  3.017   1.00 7.65  ? 129  ILE A CA  1 
ATOM   1006 C  C   . ILE A 1 131 ? -2.587  -7.648  2.276   1.00 7.97  ? 129  ILE A C   1 
ATOM   1007 O  O   . ILE A 1 131 ? -2.495  -8.143  1.148   1.00 8.57  ? 129  ILE A O   1 
ATOM   1008 C  CB  . ILE A 1 131 ? -0.848  -5.787  2.572   1.00 7.97  ? 129  ILE A CB  1 
ATOM   1009 C  CG1 . ILE A 1 131 ? -1.867  -4.698  2.934   1.00 8.28  ? 129  ILE A CG1 1 
ATOM   1010 C  CG2 . ILE A 1 131 ? -0.522  -5.748  1.043   1.00 7.94  ? 129  ILE A CG2 1 
ATOM   1011 C  CD1 . ILE A 1 131 ? -1.355  -3.223  2.661   1.00 7.59  ? 129  ILE A CD1 1 
ATOM   1012 N  N   . ALA A 1 132 ? -3.752  -7.485  2.892   1.00 7.67  ? 130  ALA A N   1 
ATOM   1013 C  CA  . ALA A 1 132 ? -5.011  -7.887  2.221   1.00 7.19  ? 130  ALA A CA  1 
ATOM   1014 C  C   . ALA A 1 132 ? -5.673  -6.775  1.427   1.00 7.64  ? 130  ALA A C   1 
ATOM   1015 O  O   . ALA A 1 132 ? -6.296  -7.031  0.393   1.00 7.60  ? 130  ALA A O   1 
ATOM   1016 C  CB  . ALA A 1 132 ? -6.034  -8.498  3.244   1.00 7.83  ? 130  ALA A CB  1 
ATOM   1017 N  N   . GLU A 1 133 ? -5.612  -5.546  1.917   1.00 6.87  ? 131  GLU A N   1 
ATOM   1018 C  CA  . GLU A 1 133 ? -6.303  -4.447  1.231   1.00 8.16  ? 131  GLU A CA  1 
ATOM   1019 C  C   . GLU A 1 133 ? -5.597  -3.141  1.583   1.00 8.01  ? 131  GLU A C   1 
ATOM   1020 O  O   . GLU A 1 133 ? -5.140  -2.947  2.711   1.00 8.41  ? 131  GLU A O   1 
ATOM   1021 C  CB  . GLU A 1 133 ? -7.798  -4.389  1.625   1.00 7.99  ? 131  GLU A CB  1 
ATOM   1022 C  CG  . GLU A 1 133 ? -8.653  -3.651  0.630   1.00 10.96 ? 131  GLU A CG  1 
ATOM   1023 C  CD  . GLU A 1 133 ? -8.839  -4.415  -0.697  1.00 9.88  ? 131  GLU A CD  1 
ATOM   1024 O  OE1 . GLU A 1 133 ? -8.679  -5.660  -0.760  1.00 15.91 ? 131  GLU A OE1 1 
ATOM   1025 O  OE2 . GLU A 1 133 ? -9.179  -3.765  -1.678  1.00 15.38 ? 131  GLU A OE2 1 
ATOM   1026 N  N   . LEU A 1 134 ? -5.515  -2.261  0.591   1.00 8.55  ? 132  LEU A N   1 
ATOM   1027 C  CA  . LEU A 1 134 ? -4.779  -1.017  0.706   1.00 8.93  ? 132  LEU A CA  1 
ATOM   1028 C  C   . LEU A 1 134 ? -5.592  0.065   0.030   1.00 9.23  ? 132  LEU A C   1 
ATOM   1029 O  O   . LEU A 1 134 ? -5.977  -0.103  -1.136  1.00 9.78  ? 132  LEU A O   1 
ATOM   1030 C  CB  . LEU A 1 134 ? -3.418  -1.157  -0.004  1.00 8.72  ? 132  LEU A CB  1 
ATOM   1031 C  CG  . LEU A 1 134 ? -2.580  0.147   -0.040  1.00 9.60  ? 132  LEU A CG  1 
ATOM   1032 C  CD1 . LEU A 1 134 ? -2.323  0.662   1.373   1.00 10.48 ? 132  LEU A CD1 1 
ATOM   1033 C  CD2 . LEU A 1 134 ? -1.252  -0.128  -0.771  1.00 9.68  ? 132  LEU A CD2 1 
ATOM   1034 N  N   . GLN A 1 135 ? -5.856  1.160   0.757   1.00 9.23  ? 133  GLN A N   1 
ATOM   1035 C  CA  . GLN A 1 135 ? -6.661  2.272   0.243   1.00 9.11  ? 133  GLN A CA  1 
ATOM   1036 C  C   . GLN A 1 135 ? -6.058  3.632   0.632   1.00 8.57  ? 133  GLN A C   1 
ATOM   1037 O  O   . GLN A 1 135 ? -5.556  3.808   1.737   1.00 9.01  ? 133  GLN A O   1 
ATOM   1038 C  CB  . GLN A 1 135 ? -8.099  2.197   0.785   1.00 8.97  ? 133  GLN A CB  1 
ATOM   1039 C  CG  . GLN A 1 135 ? -8.747  0.822   0.649   1.00 10.22 ? 133  GLN A CG  1 
ATOM   1040 C  CD  . GLN A 1 135 ? -10.204 0.845   1.067   1.00 13.05 ? 133  GLN A CD  1 
ATOM   1041 O  OE1 . GLN A 1 135 ? -10.588 1.609   1.950   1.00 12.38 ? 133  GLN A OE1 1 
ATOM   1042 N  NE2 . GLN A 1 135 ? -11.020 0.009   0.431   1.00 12.77 ? 133  GLN A NE2 1 
ATOM   1043 N  N   . PHE A 1 136 ? -6.110  4.566   -0.308  1.00 8.77  ? 134  PHE A N   1 
ATOM   1044 C  CA  . PHE A 1 136 ? -5.642  5.924   -0.097  1.00 9.14  ? 134  PHE A CA  1 
ATOM   1045 C  C   . PHE A 1 136 ? -6.800  6.876   -0.326  1.00 9.63  ? 134  PHE A C   1 
ATOM   1046 O  O   . PHE A 1 136 ? -7.588  6.690   -1.264  1.00 10.38 ? 134  PHE A O   1 
ATOM   1047 C  CB  . PHE A 1 136 ? -4.510  6.263   -1.082  1.00 9.39  ? 134  PHE A CB  1 
ATOM   1048 C  CG  . PHE A 1 136 ? -3.283  5.409   -0.900  1.00 7.87  ? 134  PHE A CG  1 
ATOM   1049 C  CD1 . PHE A 1 136 ? -2.269  5.801   -0.017  1.00 10.15 ? 134  PHE A CD1 1 
ATOM   1050 C  CD2 . PHE A 1 136 ? -3.147  4.208   -1.599  1.00 10.46 ? 134  PHE A CD2 1 
ATOM   1051 C  CE1 . PHE A 1 136 ? -1.130  4.981   0.152   1.00 10.99 ? 134  PHE A CE1 1 
ATOM   1052 C  CE2 . PHE A 1 136 ? -2.004  3.409   -1.442  1.00 11.38 ? 134  PHE A CE2 1 
ATOM   1053 C  CZ  . PHE A 1 136 ? -1.009  3.797   -0.568  1.00 10.55 ? 134  PHE A CZ  1 
ATOM   1054 N  N   . PHE A 1 137 ? -6.874  7.898   0.527   1.00 10.31 ? 135  PHE A N   1 
ATOM   1055 C  CA  . PHE A 1 137 ? -7.919  8.929   0.453   1.00 11.09 ? 135  PHE A CA  1 
ATOM   1056 C  C   . PHE A 1 137 ? -7.285  10.292  0.383   1.00 11.31 ? 135  PHE A C   1 
ATOM   1057 O  O   . PHE A 1 137 ? -6.235  10.533  0.972   1.00 11.25 ? 135  PHE A O   1 
ATOM   1058 C  CB  . PHE A 1 137 ? -8.814  8.868   1.699   1.00 11.08 ? 135  PHE A CB  1 
ATOM   1059 C  CG  . PHE A 1 137 ? -9.539  7.552   1.818   1.00 11.25 ? 135  PHE A CG  1 
ATOM   1060 C  CD1 . PHE A 1 137 ? -8.871  6.424   2.279   1.00 10.08 ? 135  PHE A CD1 1 
ATOM   1061 C  CD2 . PHE A 1 137 ? -10.861 7.439   1.394   1.00 12.36 ? 135  PHE A CD2 1 
ATOM   1062 C  CE1 . PHE A 1 137 ? -9.516  5.176   2.353   1.00 10.63 ? 135  PHE A CE1 1 
ATOM   1063 C  CE2 . PHE A 1 137 ? -11.512 6.209   1.454   1.00 14.30 ? 135  PHE A CE2 1 
ATOM   1064 C  CZ  . PHE A 1 137 ? -10.837 5.075   1.935   1.00 11.77 ? 135  PHE A CZ  1 
ATOM   1065 N  N   . GLY A 1 138 ? -7.942  11.200  -0.317  1.00 12.54 ? 136  GLY A N   1 
ATOM   1066 C  CA  . GLY A 1 138 ? -7.434  12.554  -0.355  1.00 14.06 ? 136  GLY A CA  1 
ATOM   1067 C  C   . GLY A 1 138 ? -8.083  13.353  -1.461  1.00 15.37 ? 136  GLY A C   1 
ATOM   1068 O  O   . GLY A 1 138 ? -9.200  13.053  -1.899  1.00 14.62 ? 136  GLY A O   1 
ATOM   1069 N  N   . THR A 1 139 ? -7.350  14.349  -1.944  1.00 15.77 ? 137  THR A N   1 
ATOM   1070 C  CA  . THR A 1 139 ? -7.946  15.376  -2.792  1.00 17.68 ? 137  THR A CA  1 
ATOM   1071 C  C   . THR A 1 139 ? -6.904  15.924  -3.805  1.00 18.05 ? 137  THR A C   1 
ATOM   1072 O  O   . THR A 1 139 ? -5.712  15.955  -3.485  1.00 16.54 ? 137  THR A O   1 
ATOM   1073 C  CB  . THR A 1 139 ? -8.559  16.489  -1.887  1.00 18.19 ? 137  THR A CB  1 
ATOM   1074 O  OG1 . THR A 1 139 ? -9.468  17.295  -2.648  1.00 21.71 ? 137  THR A OG1 1 
ATOM   1075 C  CG2 . THR A 1 139 ? -7.491  17.357  -1.228  1.00 18.30 ? 137  THR A CG2 1 
ATOM   1076 N  N   . PRO A 1 140 ? -7.343  16.317  -5.024  1.00 19.16 ? 138  PRO A N   1 
ATOM   1077 C  CA  . PRO A 1 140 ? -6.369  16.855  -5.982  1.00 20.36 ? 138  PRO A CA  1 
ATOM   1078 C  C   . PRO A 1 140 ? -5.629  18.044  -5.388  1.00 21.47 ? 138  PRO A C   1 
ATOM   1079 O  O   . PRO A 1 140 ? -6.230  18.865  -4.685  1.00 20.75 ? 138  PRO A O   1 
ATOM   1080 C  CB  . PRO A 1 140 ? -7.234  17.287  -7.171  1.00 21.08 ? 138  PRO A CB  1 
ATOM   1081 C  CG  . PRO A 1 140 ? -8.485  16.478  -7.048  1.00 20.96 ? 138  PRO A CG  1 
ATOM   1082 C  CD  . PRO A 1 140 ? -8.711  16.301  -5.587  1.00 19.37 ? 138  PRO A CD  1 
ATOM   1083 N  N   . ALA A 1 141 ? -4.318  18.113  -5.620  1.00 22.40 ? 139  ALA A N   1 
ATOM   1084 C  CA  . ALA A 1 141 ? -3.529  19.194  -5.049  1.00 24.04 ? 139  ALA A CA  1 
ATOM   1085 C  C   . ALA A 1 141 ? -3.928  20.525  -5.702  1.00 25.63 ? 139  ALA A C   1 
ATOM   1086 O  O   . ALA A 1 141 ? -4.199  20.568  -6.896  1.00 25.43 ? 139  ALA A O   1 
ATOM   1087 C  CB  . ALA A 1 141 ? -2.032  18.922  -5.217  1.00 24.12 ? 139  ALA A CB  1 
ATOM   1088 N  N   . GLY A 1 142 ? -3.991  21.587  -4.903  1.00 27.57 ? 140  GLY A N   1 
ATOM   1089 C  CA  . GLY A 1 142 ? -4.396  22.904  -5.406  1.00 30.22 ? 140  GLY A CA  1 
ATOM   1090 C  C   . GLY A 1 142 ? -3.172  23.710  -5.802  1.00 31.55 ? 140  GLY A C   1 
ATOM   1091 O  O   . GLY A 1 142 ? -2.353  24.051  -4.937  1.00 33.59 ? 140  GLY A O   1 
HETATM 1092 C  C2  . BGC B 2 .   ? 0.394   -21.607 9.149   1.00 49.15 ? 1    BGC B C2  1 
HETATM 1093 C  C3  . BGC B 2 .   ? 1.089   -20.777 10.232  1.00 48.64 ? 1    BGC B C3  1 
HETATM 1094 C  C4  . BGC B 2 .   ? 0.342   -19.448 10.393  1.00 46.99 ? 1    BGC B C4  1 
HETATM 1095 C  C5  . BGC B 2 .   ? -1.104  -19.774 10.773  1.00 48.20 ? 1    BGC B C5  1 
HETATM 1096 C  C6  . BGC B 2 .   ? -1.918  -18.521 11.094  1.00 49.94 ? 1    BGC B C6  1 
HETATM 1097 C  C1  . BGC B 2 .   ? -1.091  -21.784 9.487   1.00 49.53 ? 1    BGC B C1  1 
HETATM 1098 O  O1  . BGC B 2 .   ? -1.758  -22.472 8.444   1.00 49.94 ? 1    BGC B O1  1 
HETATM 1099 O  O2  . BGC B 2 .   ? 1.029   -22.856 9.008   1.00 50.43 ? 1    BGC B O2  1 
HETATM 1100 O  O3  . BGC B 2 .   ? 2.450   -20.573 9.911   1.00 48.76 ? 1    BGC B O3  1 
HETATM 1101 O  O4  . BGC B 2 .   ? 0.971   -18.592 11.325  1.00 43.32 ? 1    BGC B O4  1 
HETATM 1102 O  O5  . BGC B 2 .   ? -1.696  -20.514 9.709   1.00 48.52 ? 1    BGC B O5  1 
HETATM 1103 O  O6  . BGC B 2 .   ? -3.301  -18.814 11.145  1.00 51.29 ? 1    BGC B O6  1 
HETATM 1104 C  C2  A BGC B 2 .   ? 2.205   -16.541 12.348  0.50 41.08 ? 2    BGC B C2  1 
HETATM 1105 C  C2  B BGC B 2 .   ? 2.205   -16.541 12.348  0.50 41.54 ? 2    BGC B C2  1 
HETATM 1106 C  C3  A BGC B 2 .   ? 2.971   -15.352 11.794  0.50 41.26 ? 2    BGC B C3  1 
HETATM 1107 C  C3  B BGC B 2 .   ? 2.971   -15.352 11.794  0.50 41.76 ? 2    BGC B C3  1 
HETATM 1108 C  C4  A BGC B 2 .   ? 4.232   -15.870 11.141  0.50 41.07 ? 2    BGC B C4  1 
HETATM 1109 C  C4  B BGC B 2 .   ? 4.232   -15.870 11.141  0.50 41.46 ? 2    BGC B C4  1 
HETATM 1110 C  C5  A BGC B 2 .   ? 3.830   -16.923 10.090  0.50 40.23 ? 2    BGC B C5  1 
HETATM 1111 C  C5  B BGC B 2 .   ? 3.830   -16.923 10.089  0.50 40.58 ? 2    BGC B C5  1 
HETATM 1112 C  C6  A BGC B 2 .   ? 5.043   -17.581 9.424   0.50 38.96 ? 2    BGC B C6  1 
HETATM 1113 C  C6  B BGC B 2 .   ? 5.043   -17.581 9.424   0.50 39.27 ? 2    BGC B C6  1 
HETATM 1114 C  C1  A BGC B 2 .   ? 1.834   -17.602 11.317  0.50 41.21 ? 2    BGC B C1  1 
HETATM 1115 C  C1  B BGC B 2 .   ? 1.834   -17.602 11.317  0.50 41.52 ? 2    BGC B C1  1 
HETATM 1116 O  O2  A BGC B 2 .   ? 1.035   -16.122 13.029  0.50 40.99 ? 2    BGC B O2  1 
HETATM 1117 O  O2  B BGC B 2 .   ? 1.035   -16.122 13.029  0.50 41.41 ? 2    BGC B O2  1 
HETATM 1118 O  O3  A BGC B 2 .   ? 3.255   -14.367 12.792  0.50 41.92 ? 2    BGC B O3  1 
HETATM 1119 O  O3  B BGC B 2 .   ? 3.255   -14.367 12.792  0.50 42.55 ? 2    BGC B O3  1 
HETATM 1120 O  O4  A BGC B 2 .   ? 5.001   -14.794 10.590  0.50 42.24 ? 2    BGC B O4  1 
HETATM 1121 O  O4  B BGC B 2 .   ? 5.001   -14.794 10.590  0.50 42.58 ? 2    BGC B O4  1 
HETATM 1122 O  O5  A BGC B 2 .   ? 2.987   -17.955 10.579  0.50 40.02 ? 2    BGC B O5  1 
HETATM 1123 O  O5  B BGC B 2 .   ? 2.987   -17.955 10.579  0.50 40.36 ? 2    BGC B O5  1 
HETATM 1124 O  O6  A BGC B 2 .   ? 4.632   -18.673 8.568   0.50 36.64 ? 2    BGC B O6  1 
HETATM 1125 O  O6  B BGC B 2 .   ? 4.632   -18.673 8.568   0.50 36.82 ? 2    BGC B O6  1 
HETATM 1126 C  C1  . XYS B 2 .   ? 5.557   -19.083 7.822   1.00 34.85 ? 3    XYS B C1  1 
HETATM 1127 C  C2  . XYS B 2 .   ? 4.921   -19.768 6.624   1.00 31.11 ? 3    XYS B C2  1 
HETATM 1128 C  C3  . XYS B 2 .   ? 4.289   -21.088 7.072   1.00 32.72 ? 3    XYS B C3  1 
HETATM 1129 C  C4  . XYS B 2 .   ? 5.243   -21.900 7.962   1.00 33.98 ? 3    XYS B C4  1 
HETATM 1130 C  C5  . XYS B 2 .   ? 5.872   -21.037 9.049   1.00 32.71 ? 3    XYS B C5  1 
HETATM 1131 O  O2  . XYS B 2 .   ? 3.992   -19.142 5.899   1.00 21.56 ? 3    XYS B O2  1 
HETATM 1132 O  O3  . XYS B 2 .   ? 3.929   -21.841 5.937   1.00 30.97 ? 3    XYS B O3  1 
HETATM 1133 O  O4  . XYS B 2 .   ? 4.514   -22.934 8.575   1.00 35.71 ? 3    XYS B O4  1 
HETATM 1134 O  O5  . XYS B 2 .   ? 6.473   -19.902 8.439   1.00 34.54 ? 3    XYS B O5  1 
HETATM 1135 C  C1  . GAL B 2 .   ? 4.093   -19.012 4.483   1.00 16.63 ? 4    GAL B C1  1 
HETATM 1136 C  C2  . GAL B 2 .   ? 2.778   -18.492 3.925   1.00 16.38 ? 4    GAL B C2  1 
HETATM 1137 C  C3  . GAL B 2 .   ? 2.955   -18.363 2.409   1.00 15.36 ? 4    GAL B C3  1 
HETATM 1138 C  C4  . GAL B 2 .   ? 4.171   -17.481 2.054   1.00 14.81 ? 4    GAL B C4  1 
HETATM 1139 C  C5  . GAL B 2 .   ? 5.412   -18.050 2.748   1.00 14.72 ? 4    GAL B C5  1 
HETATM 1140 C  C6  . GAL B 2 .   ? 6.662   -17.214 2.504   1.00 16.34 ? 4    GAL B C6  1 
HETATM 1141 O  O2  . GAL B 2 .   ? 1.715   -19.405 4.238   1.00 16.21 ? 4    GAL B O2  1 
HETATM 1142 O  O3  . GAL B 2 .   ? 1.738   -17.852 1.873   1.00 14.64 ? 4    GAL B O3  1 
HETATM 1143 O  O4  . GAL B 2 .   ? 3.953   -16.110 2.494   1.00 12.53 ? 4    GAL B O4  1 
HETATM 1144 O  O5  . GAL B 2 .   ? 5.152   -18.101 4.163   1.00 16.05 ? 4    GAL B O5  1 
HETATM 1145 O  O6  . GAL B 2 .   ? 7.795   -17.931 3.014   1.00 17.69 ? 4    GAL B O6  1 
HETATM 1146 C  C2  . BGC B 2 .   ? 6.824   -13.417 10.115  1.00 45.10 ? 5    BGC B C2  1 
HETATM 1147 C  C3  . BGC B 2 .   ? 8.129   -12.911 10.742  1.00 45.52 ? 5    BGC B C3  1 
HETATM 1148 C  C4  . BGC B 2 .   ? 7.916   -12.432 12.186  1.00 46.51 ? 5    BGC B C4  1 
HETATM 1149 C  C5  . BGC B 2 .   ? 7.188   -13.502 13.021  1.00 46.84 ? 5    BGC B C5  1 
HETATM 1150 C  C6  . BGC B 2 .   ? 6.895   -13.069 14.464  1.00 47.77 ? 5    BGC B C6  1 
HETATM 1151 C  C1  . BGC B 2 .   ? 6.092   -14.375 11.062  1.00 44.58 ? 5    BGC B C1  1 
HETATM 1152 O  O2  . BGC B 2 .   ? 7.079   -14.040 8.870   1.00 42.50 ? 5    BGC B O2  1 
HETATM 1153 O  O3  . BGC B 2 .   ? 8.653   -11.866 9.951   1.00 44.62 ? 5    BGC B O3  1 
HETATM 1154 O  O4  . BGC B 2 .   ? 9.172   -12.101 12.734  1.00 46.58 ? 5    BGC B O4  1 
HETATM 1155 O  O5  . BGC B 2 .   ? 5.962   -13.815 12.372  1.00 46.18 ? 5    BGC B O5  1 
HETATM 1156 O  O6  . BGC B 2 .   ? 6.091   -14.022 15.141  1.00 48.36 ? 5    BGC B O6  1 
HETATM 1157 CA CA  . CA  C 3 .   ? -7.936  -8.034  -1.034  1.00 13.23 ? 1141 CA  A CA  1 
HETATM 1158 C  C1  . GOL D 4 .   ? -6.747  0.190   -8.338  1.00 54.24 ? 1142 GOL A C1  1 
HETATM 1159 O  O1  . GOL D 4 .   ? -7.443  -0.922  -8.849  1.00 54.40 ? 1142 GOL A O1  1 
HETATM 1160 C  C2  . GOL D 4 .   ? -7.714  1.342   -8.162  1.00 55.21 ? 1142 GOL A C2  1 
HETATM 1161 O  O2  . GOL D 4 .   ? -7.093  2.275   -7.335  1.00 54.12 ? 1142 GOL A O2  1 
HETATM 1162 C  C3  . GOL D 4 .   ? -8.038  1.986   -9.507  1.00 56.99 ? 1142 GOL A C3  1 
HETATM 1163 O  O3  . GOL D 4 .   ? -9.414  1.834   -9.819  1.00 59.30 ? 1142 GOL A O3  1 
HETATM 1164 O  O   . HOH E 5 .   ? -6.709  18.729  2.546   1.00 40.55 ? 2001 HOH A O   1 
HETATM 1165 O  O   . HOH E 5 .   ? -9.552  11.753  4.611   1.00 26.00 ? 2002 HOH A O   1 
HETATM 1166 O  O   . HOH E 5 .   ? -11.823 9.935   4.072   1.00 38.23 ? 2003 HOH A O   1 
HETATM 1167 O  O   . HOH E 5 .   ? -14.787 7.618   -2.322  1.00 25.61 ? 2004 HOH A O   1 
HETATM 1168 O  O   . HOH E 5 .   ? -14.890 1.504   -4.616  1.00 33.26 ? 2005 HOH A O   1 
HETATM 1169 O  O   . HOH E 5 .   ? -7.069  3.750   -2.942  1.00 13.89 ? 2006 HOH A O   1 
HETATM 1170 O  O   . HOH E 5 .   ? -8.812  9.322   -7.773  1.00 20.76 ? 2007 HOH A O   1 
HETATM 1171 O  O   . HOH E 5 .   ? -5.904  9.180   -10.822 1.00 21.22 ? 2008 HOH A O   1 
HETATM 1172 O  O   . HOH E 5 .   ? -6.611  10.536  -8.674  1.00 23.77 ? 2009 HOH A O   1 
HETATM 1173 O  O   . HOH E 5 .   ? -6.560  4.974   -13.172 1.00 38.31 ? 2010 HOH A O   1 
HETATM 1174 O  O   . HOH E 5 .   ? -2.515  6.074   -13.702 1.00 28.97 ? 2011 HOH A O   1 
HETATM 1175 O  O   . HOH E 5 .   ? -4.230  -0.792  -12.424 1.00 16.42 ? 2012 HOH A O   1 
HETATM 1176 O  O   . HOH E 5 .   ? -1.301  -2.389  -13.256 1.00 23.70 ? 2013 HOH A O   1 
HETATM 1177 O  O   . HOH E 5 .   ? -0.966  -19.664 -1.081  1.00 25.67 ? 2014 HOH A O   1 
HETATM 1178 O  O   . HOH E 5 .   ? 5.279   -1.337  -11.213 1.00 13.40 ? 2015 HOH A O   1 
HETATM 1179 O  O   . HOH E 5 .   ? 8.299   -2.942  -10.507 1.00 36.47 ? 2016 HOH A O   1 
HETATM 1180 O  O   . HOH E 5 .   ? 2.486   -8.904  -7.963  1.00 10.75 ? 2017 HOH A O   1 
HETATM 1181 O  O   . HOH E 5 .   ? 9.965   -5.371  -6.164  1.00 20.11 ? 2018 HOH A O   1 
HETATM 1182 O  O   . HOH E 5 .   ? 9.110   -6.880  -9.556  1.00 18.81 ? 2019 HOH A O   1 
HETATM 1183 O  O   . HOH E 5 .   ? 9.350   -9.921  -8.967  1.00 26.18 ? 2020 HOH A O   1 
HETATM 1184 O  O   . HOH E 5 .   ? 2.567   -5.533  -15.161 1.00 36.34 ? 2021 HOH A O   1 
HETATM 1185 O  O   . HOH E 5 .   ? 2.340   -14.950 -10.297 1.00 19.73 ? 2022 HOH A O   1 
HETATM 1186 O  O   A HOH E 5 .   ? 6.207   -15.032 -9.337  0.50 6.75  ? 2023 HOH A O   1 
HETATM 1187 O  O   B HOH E 5 .   ? 4.790   -15.223 -10.883 0.50 19.88 ? 2023 HOH A O   1 
HETATM 1188 O  O   . HOH E 5 .   ? 7.478   -17.117 -7.844  1.00 34.03 ? 2025 HOH A O   1 
HETATM 1189 O  O   . HOH E 5 .   ? 0.701   -16.437 -4.566  1.00 8.15  ? 2026 HOH A O   1 
HETATM 1190 O  O   . HOH E 5 .   ? 7.905   -17.689 -4.986  1.00 19.08 ? 2027 HOH A O   1 
HETATM 1191 O  O   . HOH E 5 .   ? 3.522   -22.634 -10.852 1.00 17.77 ? 2028 HOH A O   1 
HETATM 1192 O  O   . HOH E 5 .   ? -4.824  -18.817 -7.519  1.00 31.06 ? 2029 HOH A O   1 
HETATM 1193 O  O   . HOH E 5 .   ? -5.369  -14.322 -8.795  0.50 11.45 ? 2030 HOH A O   1 
HETATM 1194 O  O   . HOH E 5 .   ? -4.560  -18.368 -2.172  1.00 27.63 ? 2031 HOH A O   1 
HETATM 1195 O  O   . HOH E 5 .   ? -0.020  -17.277 -1.930  1.00 12.84 ? 2032 HOH A O   1 
HETATM 1196 O  O   . HOH E 5 .   ? -5.192  -16.429 -5.903  1.00 30.29 ? 2033 HOH A O   1 
HETATM 1197 O  O   . HOH E 5 .   ? -5.788  -14.052 -2.063  1.00 12.64 ? 2034 HOH A O   1 
HETATM 1198 O  O   . HOH E 5 .   ? -15.035 7.369   1.911   1.00 28.41 ? 2035 HOH A O   1 
HETATM 1199 O  O   . HOH E 5 .   ? -7.761  -5.470  -8.120  1.00 25.03 ? 2036 HOH A O   1 
HETATM 1200 O  O   . HOH E 5 .   ? -6.590  -4.181  -9.864  1.00 27.30 ? 2037 HOH A O   1 
HETATM 1201 O  O   . HOH E 5 .   ? -9.263  -10.571 -6.767  1.00 26.07 ? 2038 HOH A O   1 
HETATM 1202 O  O   . HOH E 5 .   ? -9.147  -13.254 -6.425  1.00 40.24 ? 2039 HOH A O   1 
HETATM 1203 O  O   . HOH E 5 .   ? -8.020  -15.207 -5.598  1.00 45.06 ? 2040 HOH A O   1 
HETATM 1204 O  O   . HOH E 5 .   ? -8.441  -1.215  -2.213  1.00 27.11 ? 2041 HOH A O   1 
HETATM 1205 O  O   . HOH E 5 .   ? -13.663 -14.028 -0.594  1.00 25.65 ? 2042 HOH A O   1 
HETATM 1206 O  O   . HOH E 5 .   ? -12.724 -11.875 -4.146  1.00 22.72 ? 2043 HOH A O   1 
HETATM 1207 O  O   . HOH E 5 .   ? -6.603  -11.884 4.465   1.00 13.31 ? 2044 HOH A O   1 
HETATM 1208 O  O   . HOH E 5 .   ? -9.431  -10.723 6.530   1.00 21.83 ? 2045 HOH A O   1 
HETATM 1209 O  O   . HOH E 5 .   ? 14.367  9.826   3.705   0.33 22.82 ? 2046 HOH A O   1 
HETATM 1210 O  O   . HOH E 5 .   ? -7.361  -15.822 -0.768  1.00 34.35 ? 2047 HOH A O   1 
HETATM 1211 O  O   . HOH E 5 .   ? -7.415  -14.438 4.065   1.00 18.69 ? 2048 HOH A O   1 
HETATM 1212 O  O   . HOH E 5 .   ? -12.121 -11.406 6.615   1.00 36.09 ? 2049 HOH A O   1 
HETATM 1213 O  O   . HOH E 5 .   ? -9.851  -14.708 5.439   1.00 35.90 ? 2050 HOH A O   1 
HETATM 1214 O  O   . HOH E 5 .   ? 9.953   9.892   9.231   1.00 30.92 ? 2051 HOH A O   1 
HETATM 1215 O  O   . HOH E 5 .   ? 1.852   9.409   11.831  1.00 29.61 ? 2052 HOH A O   1 
HETATM 1216 O  O   . HOH E 5 .   ? -3.442  -0.717  14.859  1.00 28.74 ? 2053 HOH A O   1 
HETATM 1217 O  O   A HOH E 5 .   ? 10.756  -9.480  -5.127  0.50 13.66 ? 2054 HOH A O   1 
HETATM 1218 O  O   B HOH E 5 .   ? 11.101  -8.182  -4.572  0.50 21.03 ? 2054 HOH A O   1 
HETATM 1219 O  O   . HOH E 5 .   ? 9.475   -16.279 -0.279  1.00 30.67 ? 2056 HOH A O   1 
HETATM 1220 O  O   . HOH E 5 .   ? 12.608  -15.018 -0.369  1.00 27.85 ? 2057 HOH A O   1 
HETATM 1221 O  O   . HOH E 5 .   ? 13.970  -11.831 -0.222  1.00 13.99 ? 2058 HOH A O   1 
HETATM 1222 O  O   . HOH E 5 .   ? 8.832   -8.130  1.236   1.00 8.62  ? 2059 HOH A O   1 
HETATM 1223 O  O   . HOH E 5 .   ? 13.554  -12.385 5.287   1.00 21.33 ? 2060 HOH A O   1 
HETATM 1224 O  O   . HOH E 5 .   ? 16.595  -10.980 5.401   1.00 25.16 ? 2061 HOH A O   1 
HETATM 1225 O  O   . HOH E 5 .   ? 11.565  -6.111  2.789   1.00 7.21  ? 2062 HOH A O   1 
HETATM 1226 O  O   A HOH E 5 .   ? 15.908  8.668   -10.471 0.50 10.19 ? 2063 HOH A O   1 
HETATM 1227 O  O   B HOH E 5 .   ? 14.773  -5.223  -0.119  0.50 12.34 ? 2063 HOH A O   1 
HETATM 1228 O  O   . HOH E 5 .   ? 9.900   -3.839  0.787   1.00 7.99  ? 2064 HOH A O   1 
HETATM 1229 O  O   . HOH E 5 .   ? 12.161  -3.095  -3.118  1.00 32.47 ? 2065 HOH A O   1 
HETATM 1230 O  O   . HOH E 5 .   ? 0.371   6.303   -15.434 1.00 26.63 ? 2066 HOH A O   1 
HETATM 1231 O  O   . HOH E 5 .   ? 3.367   3.897   -13.691 1.00 20.32 ? 2067 HOH A O   1 
HETATM 1232 O  O   . HOH E 5 .   ? -2.968  11.260  -16.759 1.00 37.09 ? 2068 HOH A O   1 
HETATM 1233 O  O   . HOH E 5 .   ? -0.154  8.546   -16.930 1.00 28.19 ? 2069 HOH A O   1 
HETATM 1234 O  O   . HOH E 5 .   ? 4.610   13.810  -17.636 1.00 33.82 ? 2070 HOH A O   1 
HETATM 1235 O  O   . HOH E 5 .   ? 5.792   10.936  -16.796 1.00 30.10 ? 2071 HOH A O   1 
HETATM 1236 O  O   . HOH E 5 .   ? 3.294   14.225  -14.212 1.00 36.25 ? 2072 HOH A O   1 
HETATM 1237 O  O   . HOH E 5 .   ? 1.805   14.414  -11.622 1.00 23.03 ? 2073 HOH A O   1 
HETATM 1238 O  O   . HOH E 5 .   ? -4.216  16.544  -10.031 1.00 28.16 ? 2074 HOH A O   1 
HETATM 1239 O  O   . HOH E 5 .   ? 4.205   14.642  -10.304 1.00 19.26 ? 2075 HOH A O   1 
HETATM 1240 O  O   . HOH E 5 .   ? 3.555   18.582  -4.728  1.00 20.91 ? 2076 HOH A O   1 
HETATM 1241 O  O   . HOH E 5 .   ? -0.055  20.457  -2.798  1.00 30.69 ? 2077 HOH A O   1 
HETATM 1242 O  O   . HOH E 5 .   ? -0.119  14.381  0.975   1.00 10.43 ? 2078 HOH A O   1 
HETATM 1243 O  O   . HOH E 5 .   ? -2.547  15.633  4.403   1.00 16.40 ? 2079 HOH A O   1 
HETATM 1244 O  O   . HOH E 5 .   ? -11.973 6.457   9.739   1.00 34.70 ? 2080 HOH A O   1 
HETATM 1245 O  O   . HOH E 5 .   ? -8.137  8.006   10.130  1.00 29.93 ? 2081 HOH A O   1 
HETATM 1246 O  O   . HOH E 5 .   ? -14.683 6.447   4.865   1.00 40.45 ? 2082 HOH A O   1 
HETATM 1247 O  O   . HOH E 5 .   ? -6.447  -3.702  10.211  1.00 11.37 ? 2083 HOH A O   1 
HETATM 1248 O  O   . HOH E 5 .   ? -7.081  -9.888  8.109   1.00 14.66 ? 2084 HOH A O   1 
HETATM 1249 O  O   . HOH E 5 .   ? -0.234  -9.063  6.694   1.00 8.87  ? 2085 HOH A O   1 
HETATM 1250 O  O   . HOH E 5 .   ? -4.265  -15.774 5.014   1.00 23.29 ? 2086 HOH A O   1 
HETATM 1251 O  O   . HOH E 5 .   ? -3.780  -18.050 3.808   1.00 28.20 ? 2087 HOH A O   1 
HETATM 1252 O  O   . HOH E 5 .   ? -9.491  -12.402 10.272  1.00 40.24 ? 2088 HOH A O   1 
HETATM 1253 O  O   . HOH E 5 .   ? 0.924   -12.656 12.589  1.00 19.96 ? 2089 HOH A O   1 
HETATM 1254 O  O   . HOH E 5 .   ? -3.022  -14.188 13.839  1.00 32.64 ? 2090 HOH A O   1 
HETATM 1255 O  O   . HOH E 5 .   ? 7.079   -7.637  10.515  1.00 26.47 ? 2091 HOH A O   1 
HETATM 1256 O  O   . HOH E 5 .   ? 3.643   -6.566  4.924   1.00 7.68  ? 2092 HOH A O   1 
HETATM 1257 O  O   . HOH E 5 .   ? 9.553   -1.709  5.911   1.00 16.72 ? 2093 HOH A O   1 
HETATM 1258 O  O   . HOH E 5 .   ? 10.516  7.715   3.031   1.00 12.63 ? 2094 HOH A O   1 
HETATM 1259 O  O   . HOH E 5 .   ? 8.050   14.950  -4.350  1.00 10.27 ? 2095 HOH A O   1 
HETATM 1260 O  O   . HOH E 5 .   ? 17.728  9.796   -8.004  1.00 31.66 ? 2096 HOH A O   1 
HETATM 1261 O  O   . HOH E 5 .   ? 5.910   6.543   -14.458 1.00 21.64 ? 2098 HOH A O   1 
HETATM 1262 O  O   . HOH E 5 .   ? 5.757   3.289   -12.415 1.00 20.64 ? 2099 HOH A O   1 
HETATM 1263 O  O   . HOH E 5 .   ? 12.020  6.576   -13.936 1.00 24.00 ? 2100 HOH A O   1 
HETATM 1264 O  O   . HOH E 5 .   ? 16.015  4.494   -10.398 1.00 29.06 ? 2101 HOH A O   1 
HETATM 1265 O  O   A HOH E 5 .   ? 13.786  10.799  -0.042  0.50 15.71 ? 2103 HOH A O   1 
HETATM 1266 O  O   B HOH E 5 .   ? 13.711  8.923   -0.046  0.50 24.22 ? 2103 HOH A O   1 
HETATM 1267 O  O   . HOH E 5 .   ? 17.246  10.858  -2.716  1.00 11.47 ? 2104 HOH A O   1 
HETATM 1268 O  O   . HOH E 5 .   ? 8.239   14.115  -1.766  1.00 13.11 ? 2105 HOH A O   1 
HETATM 1269 O  O   . HOH E 5 .   ? 11.946  10.624  3.331   1.00 28.29 ? 2106 HOH A O   1 
HETATM 1270 O  O   . HOH E 5 .   ? 10.348  10.565  5.372   1.00 15.37 ? 2107 HOH A O   1 
HETATM 1271 O  O   . HOH E 5 .   ? 4.527   12.924  5.989   1.00 17.09 ? 2108 HOH A O   1 
HETATM 1272 O  O   . HOH E 5 .   ? 11.395  8.788   7.360   1.00 19.23 ? 2109 HOH A O   1 
HETATM 1273 O  O   . HOH E 5 .   ? 10.660  6.117   7.210   1.00 14.98 ? 2110 HOH A O   1 
HETATM 1274 O  O   . HOH E 5 .   ? 0.617   9.949   9.559   1.00 27.24 ? 2111 HOH A O   1 
HETATM 1275 O  O   . HOH E 5 .   ? 6.048   7.762   10.210  1.00 18.70 ? 2112 HOH A O   1 
HETATM 1276 O  O   . HOH E 5 .   ? 3.747   7.142   11.610  1.00 15.76 ? 2113 HOH A O   1 
HETATM 1277 O  O   . HOH E 5 .   ? 3.743   5.634   13.672  1.00 35.37 ? 2114 HOH A O   1 
HETATM 1278 O  O   . HOH E 5 .   ? 9.672   5.355   9.700   1.00 11.75 ? 2115 HOH A O   1 
HETATM 1279 O  O   . HOH E 5 .   ? 0.761   1.375   13.963  1.00 18.75 ? 2116 HOH A O   1 
HETATM 1280 O  O   . HOH E 5 .   ? -1.476  -1.031  13.114  1.00 19.01 ? 2117 HOH A O   1 
HETATM 1281 O  O   . HOH E 5 .   ? 1.198   -4.272  19.019  1.00 33.44 ? 2118 HOH A O   1 
HETATM 1282 O  O   . HOH E 5 .   ? -4.159  -8.840  14.870  1.00 25.35 ? 2119 HOH A O   1 
HETATM 1283 O  O   . HOH E 5 .   ? -5.576  -2.004  13.944  1.00 23.82 ? 2120 HOH A O   1 
HETATM 1284 O  O   . HOH E 5 .   ? -9.989  -6.511  14.140  1.00 19.69 ? 2121 HOH A O   1 
HETATM 1285 O  O   . HOH E 5 .   ? -6.750  -8.840  15.578  1.00 30.41 ? 2122 HOH A O   1 
HETATM 1286 O  O   . HOH E 5 .   ? -11.325 2.049   10.358  1.00 24.77 ? 2123 HOH A O   1 
HETATM 1287 O  O   . HOH E 5 .   ? -8.735  2.344   12.544  1.00 25.72 ? 2124 HOH A O   1 
HETATM 1288 O  O   . HOH E 5 .   ? -4.105  8.453   12.685  1.00 30.97 ? 2125 HOH A O   1 
HETATM 1289 O  O   . HOH E 5 .   ? -2.784  18.371  4.378   1.00 37.14 ? 2126 HOH A O   1 
HETATM 1290 O  O   . HOH E 5 .   ? 6.796   16.217  2.178   1.00 20.94 ? 2127 HOH A O   1 
HETATM 1291 O  O   . HOH E 5 .   ? -1.996  20.882  0.272   1.00 29.43 ? 2128 HOH A O   1 
HETATM 1292 O  O   . HOH E 5 .   ? 5.236   19.990  1.755   1.00 32.37 ? 2129 HOH A O   1 
HETATM 1293 O  O   . HOH E 5 .   ? 4.368   8.607   -17.453 1.00 36.82 ? 2130 HOH A O   1 
HETATM 1294 O  O   . HOH E 5 .   ? 11.377  0.899   -5.754  1.00 29.80 ? 2131 HOH A O   1 
HETATM 1295 O  O   . HOH E 5 .   ? 12.977  1.550   -2.744  1.00 27.35 ? 2132 HOH A O   1 
HETATM 1296 O  O   . HOH E 5 .   ? 7.932   -9.397  8.520   1.00 12.62 ? 2133 HOH A O   1 
HETATM 1297 O  O   . HOH E 5 .   ? 11.988  -8.276  9.682   1.00 25.38 ? 2134 HOH A O   1 
HETATM 1298 O  O   . HOH E 5 .   ? 15.643  -5.517  2.442   1.00 12.90 ? 2135 HOH A O   1 
HETATM 1299 O  O   . HOH E 5 .   ? -11.039 -1.019  -2.801  1.00 43.78 ? 2136 HOH A O   1 
HETATM 1300 O  O   . HOH E 5 .   ? -7.768  1.268   -3.153  1.00 29.57 ? 2137 HOH A O   1 
HETATM 1301 O  O   . HOH E 5 .   ? -10.376 13.132  -4.414  1.00 24.53 ? 2138 HOH A O   1 
# 
loop_
_pdbx_poly_seq_scheme.asym_id 
_pdbx_poly_seq_scheme.entity_id 
_pdbx_poly_seq_scheme.seq_id 
_pdbx_poly_seq_scheme.mon_id 
_pdbx_poly_seq_scheme.ndb_seq_num 
_pdbx_poly_seq_scheme.pdb_seq_num 
_pdbx_poly_seq_scheme.auth_seq_num 
_pdbx_poly_seq_scheme.pdb_mon_id 
_pdbx_poly_seq_scheme.auth_mon_id 
_pdbx_poly_seq_scheme.pdb_strand_id 
_pdbx_poly_seq_scheme.pdb_ins_code 
_pdbx_poly_seq_scheme.hetero 
A 1 1   MET 1   -1  ?   ?   ?   A . n 
A 1 2   ALA 2   0   ?   ?   ?   A . n 
A 1 3   SER 3   1   1   SER SER A . n 
A 1 4   TYR 4   2   2   TYR TYR A . n 
A 1 5   PRO 5   3   3   PRO PRO A . n 
A 1 6   LYS 6   4   4   LYS LYS A . n 
A 1 7   LEU 7   5   5   LEU LEU A . n 
A 1 8   THR 8   6   6   THR THR A . n 
A 1 9   GLY 9   7   7   GLY GLY A . n 
A 1 10  THR 10  8   8   THR THR A . n 
A 1 11  VAL 11  9   9   VAL VAL A . n 
A 1 12  ILE 12  10  10  ILE ILE A . n 
A 1 13  GLY 13  11  11  GLY GLY A . n 
A 1 14  THR 14  12  12  THR THR A . n 
A 1 15  GLN 15  13  13  GLN GLN A . n 
A 1 16  GLY 16  14  14  GLY GLY A . n 
A 1 17  SER 17  15  15  SER SER A . n 
A 1 18  TRP 18  16  16  TRP TRP A . n 
A 1 19  ASN 19  17  17  ASN ASN A . n 
A 1 20  ASN 20  18  18  ASN ASN A . n 
A 1 21  ILE 21  19  19  ILE ILE A . n 
A 1 22  GLY 22  20  20  GLY GLY A . n 
A 1 23  ASN 23  21  21  ASN ASN A . n 
A 1 24  THR 24  22  22  THR THR A . n 
A 1 25  ILE 25  23  23  ILE ILE A . n 
A 1 26  HIS 26  24  24  HIS HIS A . n 
A 1 27  LYS 27  25  25  LYS LYS A . n 
A 1 28  ALA 28  26  26  ALA ALA A . n 
A 1 29  PHE 29  27  27  PHE PHE A . n 
A 1 30  ASP 30  28  28  ASP ASP A . n 
A 1 31  GLY 31  29  29  GLY GLY A . n 
A 1 32  ASP 32  30  30  ASP ASP A . n 
A 1 33  LEU 33  31  31  LEU LEU A . n 
A 1 34  ASN 34  32  32  ASN ASN A . n 
A 1 35  THR 35  33  33  THR THR A . n 
A 1 36  PHE 36  34  34  PHE PHE A . n 
A 1 37  PHE 37  35  35  PHE PHE A . n 
A 1 38  ASP 38  36  36  ASP ASP A . n 
A 1 39  GLY 39  37  37  GLY GLY A . n 
A 1 40  PRO 40  38  38  PRO PRO A . n 
A 1 41  THR 41  39  39  THR THR A . n 
A 1 42  ALA 42  40  40  ALA ALA A . n 
A 1 43  ASN 43  41  41  ASN ASN A . n 
A 1 44  GLY 44  42  42  GLY GLY A . n 
A 1 45  CYS 45  43  43  CYS CYS A . n 
A 1 46  TRP 46  44  44  TRP TRP A . n 
A 1 47  LEU 47  45  45  LEU LEU A . n 
A 1 48  GLY 48  46  46  GLY GLY A . n 
A 1 49  LEU 49  47  47  LEU LEU A . n 
A 1 50  ASP 50  48  48  ASP ASP A . n 
A 1 51  PHE 51  49  49  PHE PHE A . n 
A 1 52  GLY 52  50  50  GLY GLY A . n 
A 1 53  GLU 53  51  51  GLU GLU A . n 
A 1 54  GLY 54  52  52  GLY GLY A . n 
A 1 55  VAL 55  53  53  VAL VAL A . n 
A 1 56  ARG 56  54  54  ARG ARG A . n 
A 1 57  ASN 57  55  55  ASN ASN A . n 
A 1 58  VAL 58  56  56  VAL VAL A . n 
A 1 59  ILE 59  57  57  ILE ILE A . n 
A 1 60  THR 60  58  58  THR THR A . n 
A 1 61  GLN 61  59  59  GLN GLN A . n 
A 1 62  ILE 62  60  60  ILE ILE A . n 
A 1 63  LYS 63  61  61  LYS LYS A . n 
A 1 64  PHE 64  62  62  PHE PHE A . n 
A 1 65  CYS 65  63  63  CYS CYS A . n 
A 1 66  PRO 66  64  64  PRO PRO A . n 
A 1 67  ARG 67  65  65  ARG ARG A . n 
A 1 68  SER 68  66  66  SER SER A . n 
A 1 69  GLY 69  67  67  GLY GLY A . n 
A 1 70  TYR 70  68  68  TYR TYR A . n 
A 1 71  GLU 71  69  69  GLU GLU A . n 
A 1 72  GLN 72  70  70  GLN GLN A . n 
A 1 73  ARG 73  71  71  ARG ARG A . n 
A 1 74  MET 74  72  72  MET MET A . n 
A 1 75  ILE 75  73  73  ILE ILE A . n 
A 1 76  GLY 76  74  74  GLY GLY A . n 
A 1 77  GLY 77  75  75  GLY GLY A . n 
A 1 78  ILE 78  76  76  ILE ILE A . n 
A 1 79  PHE 79  77  77  PHE PHE A . n 
A 1 80  GLN 80  78  78  GLN GLN A . n 
A 1 81  GLY 81  79  79  GLY GLY A . n 
A 1 82  ALA 82  80  80  ALA ALA A . n 
A 1 83  ASN 83  81  81  ASN ASN A . n 
A 1 84  LYS 84  82  82  LYS LYS A . n 
A 1 85  GLU 85  83  83  GLU GLU A . n 
A 1 86  ASP 86  84  84  ASP ASP A . n 
A 1 87  PHE 87  85  85  PHE PHE A . n 
A 1 88  SER 88  86  86  SER SER A . n 
A 1 89  ASP 89  87  87  ASP ASP A . n 
A 1 90  ALA 90  88  88  ALA ALA A . n 
A 1 91  VAL 91  89  89  VAL VAL A . n 
A 1 92  THR 92  90  90  THR THR A . n 
A 1 93  LEU 93  91  91  LEU LEU A . n 
A 1 94  PHE 94  92  92  PHE PHE A . n 
A 1 95  THR 95  93  93  THR THR A . n 
A 1 96  ILE 96  94  94  ILE ILE A . n 
A 1 97  THR 97  95  95  THR THR A . n 
A 1 98  SER 98  96  96  SER SER A . n 
A 1 99  LEU 99  97  97  LEU LEU A . n 
A 1 100 PRO 100 98  98  PRO PRO A . n 
A 1 101 GLY 101 99  99  GLY GLY A . n 
A 1 102 SER 102 100 100 SER SER A . n 
A 1 103 GLY 103 101 101 GLY GLY A . n 
A 1 104 THR 104 102 102 THR THR A . n 
A 1 105 LEU 105 103 103 LEU LEU A . n 
A 1 106 THR 106 104 104 THR THR A . n 
A 1 107 SER 107 105 105 SER SER A . n 
A 1 108 VAL 108 106 106 VAL VAL A . n 
A 1 109 ASP 109 107 107 ASP ASP A . n 
A 1 110 VAL 110 108 108 VAL VAL A . n 
A 1 111 ASP 111 109 109 ASP ASP A . n 
A 1 112 ASN 112 110 110 ASN ASN A . n 
A 1 113 PRO 113 111 111 PRO PRO A . n 
A 1 114 THR 114 112 112 THR THR A . n 
A 1 115 GLY 115 113 113 GLY GLY A . n 
A 1 116 PHE 116 114 114 PHE PHE A . n 
A 1 117 ARG 117 115 115 ARG ARG A . n 
A 1 118 TYR 118 116 116 TYR TYR A . n 
A 1 119 VAL 119 117 117 VAL VAL A . n 
A 1 120 ARG 120 118 118 ARG ARG A . n 
A 1 121 TYR 121 119 119 TYR TYR A . n 
A 1 122 LEU 122 120 120 LEU LEU A . n 
A 1 123 SER 123 121 121 SER SER A . n 
A 1 124 PRO 124 122 122 PRO PRO A . n 
A 1 125 ASP 125 123 123 ASP ASP A . n 
A 1 126 GLY 126 124 124 GLY GLY A . n 
A 1 127 SER 127 125 125 SER SER A . n 
A 1 128 ASN 128 126 126 ASN ASN A . n 
A 1 129 GLY 129 127 127 GLY GLY A . n 
A 1 130 ASN 130 128 128 ASN ASN A . n 
A 1 131 ILE 131 129 129 ILE ILE A . n 
A 1 132 ALA 132 130 130 ALA ALA A . n 
A 1 133 GLU 133 131 131 GLU GLU A . n 
A 1 134 LEU 134 132 132 LEU LEU A . n 
A 1 135 GLN 135 133 133 GLN GLN A . n 
A 1 136 PHE 136 134 134 PHE PHE A . n 
A 1 137 PHE 137 135 135 PHE PHE A . n 
A 1 138 GLY 138 136 136 GLY GLY A . n 
A 1 139 THR 139 137 137 THR THR A . n 
A 1 140 PRO 140 138 138 PRO PRO A . n 
A 1 141 ALA 141 139 139 ALA ALA A . n 
A 1 142 GLY 142 140 140 GLY GLY A . n 
A 1 143 GLU 143 141 ?   ?   ?   A . n 
A 1 144 GLU 144 142 ?   ?   ?   A . n 
A 1 145 ASN 145 143 ?   ?   ?   A . n 
A 1 146 ASP 146 144 ?   ?   ?   A . n 
A 1 147 ASP 147 145 ?   ?   ?   A . n 
A 1 148 LEU 148 146 ?   ?   ?   A . n 
A 1 149 GLU 149 147 ?   ?   ?   A . n 
A 1 150 HIS 150 148 ?   ?   ?   A . n 
A 1 151 HIS 151 149 ?   ?   ?   A . n 
A 1 152 HIS 152 150 ?   ?   ?   A . n 
A 1 153 HIS 153 151 ?   ?   ?   A . n 
A 1 154 HIS 154 152 ?   ?   ?   A . n 
A 1 155 HIS 155 153 ?   ?   ?   A . n 
# 
loop_
_pdbx_nonpoly_scheme.asym_id 
_pdbx_nonpoly_scheme.entity_id 
_pdbx_nonpoly_scheme.mon_id 
_pdbx_nonpoly_scheme.ndb_seq_num 
_pdbx_nonpoly_scheme.pdb_seq_num 
_pdbx_nonpoly_scheme.auth_seq_num 
_pdbx_nonpoly_scheme.pdb_mon_id 
_pdbx_nonpoly_scheme.auth_mon_id 
_pdbx_nonpoly_scheme.pdb_strand_id 
_pdbx_nonpoly_scheme.pdb_ins_code 
C 3 CA  1   1141 1141 CA  CA  A . 
D 4 GOL 1   1142 1142 GOL GOL A . 
E 5 HOH 1   2001 2001 HOH HOH A . 
E 5 HOH 2   2002 2002 HOH HOH A . 
E 5 HOH 3   2003 2003 HOH HOH A . 
E 5 HOH 4   2004 2004 HOH HOH A . 
E 5 HOH 5   2005 2005 HOH HOH A . 
E 5 HOH 6   2006 2006 HOH HOH A . 
E 5 HOH 7   2007 2007 HOH HOH A . 
E 5 HOH 8   2008 2008 HOH HOH A . 
E 5 HOH 9   2009 2009 HOH HOH A . 
E 5 HOH 10  2010 2010 HOH HOH A . 
E 5 HOH 11  2011 2011 HOH HOH A . 
E 5 HOH 12  2012 2012 HOH HOH A . 
E 5 HOH 13  2013 2013 HOH HOH A . 
E 5 HOH 14  2014 2014 HOH HOH A . 
E 5 HOH 15  2015 2015 HOH HOH A . 
E 5 HOH 16  2016 2016 HOH HOH A . 
E 5 HOH 17  2017 2017 HOH HOH A . 
E 5 HOH 18  2018 2018 HOH HOH A . 
E 5 HOH 19  2019 2019 HOH HOH A . 
E 5 HOH 20  2020 2020 HOH HOH A . 
E 5 HOH 21  2021 2021 HOH HOH A . 
E 5 HOH 22  2022 2022 HOH HOH A . 
E 5 HOH 23  2023 2023 HOH HOH A . 
E 5 HOH 24  2025 2025 HOH HOH A . 
E 5 HOH 25  2026 2026 HOH HOH A . 
E 5 HOH 26  2027 2027 HOH HOH A . 
E 5 HOH 27  2028 2028 HOH HOH A . 
E 5 HOH 28  2029 2029 HOH HOH A . 
E 5 HOH 29  2030 2030 HOH HOH A . 
E 5 HOH 30  2031 2031 HOH HOH A . 
E 5 HOH 31  2032 2032 HOH HOH A . 
E 5 HOH 32  2033 2033 HOH HOH A . 
E 5 HOH 33  2034 2034 HOH HOH A . 
E 5 HOH 34  2035 2035 HOH HOH A . 
E 5 HOH 35  2036 2036 HOH HOH A . 
E 5 HOH 36  2037 2037 HOH HOH A . 
E 5 HOH 37  2038 2038 HOH HOH A . 
E 5 HOH 38  2039 2039 HOH HOH A . 
E 5 HOH 39  2040 2040 HOH HOH A . 
E 5 HOH 40  2041 2041 HOH HOH A . 
E 5 HOH 41  2042 2042 HOH HOH A . 
E 5 HOH 42  2043 2043 HOH HOH A . 
E 5 HOH 43  2044 2044 HOH HOH A . 
E 5 HOH 44  2045 2045 HOH HOH A . 
E 5 HOH 45  2046 2046 HOH HOH A . 
E 5 HOH 46  2047 2047 HOH HOH A . 
E 5 HOH 47  2048 2048 HOH HOH A . 
E 5 HOH 48  2049 2049 HOH HOH A . 
E 5 HOH 49  2050 2050 HOH HOH A . 
E 5 HOH 50  2051 2051 HOH HOH A . 
E 5 HOH 51  2052 2052 HOH HOH A . 
E 5 HOH 52  2053 2053 HOH HOH A . 
E 5 HOH 53  2054 2054 HOH HOH A . 
E 5 HOH 54  2056 2056 HOH HOH A . 
E 5 HOH 55  2057 2057 HOH HOH A . 
E 5 HOH 56  2058 2058 HOH HOH A . 
E 5 HOH 57  2059 2059 HOH HOH A . 
E 5 HOH 58  2060 2060 HOH HOH A . 
E 5 HOH 59  2061 2061 HOH HOH A . 
E 5 HOH 60  2062 2062 HOH HOH A . 
E 5 HOH 61  2063 2063 HOH HOH A . 
E 5 HOH 62  2064 2064 HOH HOH A . 
E 5 HOH 63  2065 2065 HOH HOH A . 
E 5 HOH 64  2066 2066 HOH HOH A . 
E 5 HOH 65  2067 2067 HOH HOH A . 
E 5 HOH 66  2068 2068 HOH HOH A . 
E 5 HOH 67  2069 2069 HOH HOH A . 
E 5 HOH 68  2070 2070 HOH HOH A . 
E 5 HOH 69  2071 2071 HOH HOH A . 
E 5 HOH 70  2072 2072 HOH HOH A . 
E 5 HOH 71  2073 2073 HOH HOH A . 
E 5 HOH 72  2074 2074 HOH HOH A . 
E 5 HOH 73  2075 2075 HOH HOH A . 
E 5 HOH 74  2076 2076 HOH HOH A . 
E 5 HOH 75  2077 2077 HOH HOH A . 
E 5 HOH 76  2078 2078 HOH HOH A . 
E 5 HOH 77  2079 2079 HOH HOH A . 
E 5 HOH 78  2080 2080 HOH HOH A . 
E 5 HOH 79  2081 2081 HOH HOH A . 
E 5 HOH 80  2082 2082 HOH HOH A . 
E 5 HOH 81  2083 2083 HOH HOH A . 
E 5 HOH 82  2084 2084 HOH HOH A . 
E 5 HOH 83  2085 2085 HOH HOH A . 
E 5 HOH 84  2086 2086 HOH HOH A . 
E 5 HOH 85  2087 2087 HOH HOH A . 
E 5 HOH 86  2088 2088 HOH HOH A . 
E 5 HOH 87  2089 2089 HOH HOH A . 
E 5 HOH 88  2090 2090 HOH HOH A . 
E 5 HOH 89  2091 2091 HOH HOH A . 
E 5 HOH 90  2092 2092 HOH HOH A . 
E 5 HOH 91  2093 2093 HOH HOH A . 
E 5 HOH 92  2094 2094 HOH HOH A . 
E 5 HOH 93  2095 2095 HOH HOH A . 
E 5 HOH 94  2096 2096 HOH HOH A . 
E 5 HOH 95  2098 2098 HOH HOH A . 
E 5 HOH 96  2099 2099 HOH HOH A . 
E 5 HOH 97  2100 2100 HOH HOH A . 
E 5 HOH 98  2101 2101 HOH HOH A . 
E 5 HOH 99  2103 2103 HOH HOH A . 
E 5 HOH 100 2104 2104 HOH HOH A . 
E 5 HOH 101 2105 2105 HOH HOH A . 
E 5 HOH 102 2106 2106 HOH HOH A . 
E 5 HOH 103 2107 2107 HOH HOH A . 
E 5 HOH 104 2108 2108 HOH HOH A . 
E 5 HOH 105 2109 2109 HOH HOH A . 
E 5 HOH 106 2110 2110 HOH HOH A . 
E 5 HOH 107 2111 2111 HOH HOH A . 
E 5 HOH 108 2112 2112 HOH HOH A . 
E 5 HOH 109 2113 2113 HOH HOH A . 
E 5 HOH 110 2114 2114 HOH HOH A . 
E 5 HOH 111 2115 2115 HOH HOH A . 
E 5 HOH 112 2116 2116 HOH HOH A . 
E 5 HOH 113 2117 2117 HOH HOH A . 
E 5 HOH 114 2118 2118 HOH HOH A . 
E 5 HOH 115 2119 2119 HOH HOH A . 
E 5 HOH 116 2120 2120 HOH HOH A . 
E 5 HOH 117 2121 2121 HOH HOH A . 
E 5 HOH 118 2122 2122 HOH HOH A . 
E 5 HOH 119 2123 2123 HOH HOH A . 
E 5 HOH 120 2124 2124 HOH HOH A . 
E 5 HOH 121 2125 2125 HOH HOH A . 
E 5 HOH 122 2126 2126 HOH HOH A . 
E 5 HOH 123 2127 2127 HOH HOH A . 
E 5 HOH 124 2128 2128 HOH HOH A . 
E 5 HOH 125 2129 2129 HOH HOH A . 
E 5 HOH 126 2130 2130 HOH HOH A . 
E 5 HOH 127 2131 2131 HOH HOH A . 
E 5 HOH 128 2132 2132 HOH HOH A . 
E 5 HOH 129 2133 2133 HOH HOH A . 
E 5 HOH 130 2134 2134 HOH HOH A . 
E 5 HOH 131 2135 2135 HOH HOH A . 
E 5 HOH 132 2136 2136 HOH HOH A . 
E 5 HOH 133 2137 2137 HOH HOH A . 
E 5 HOH 134 2138 2138 HOH HOH A . 
# 
_pdbx_struct_assembly.id                   1 
_pdbx_struct_assembly.details              author_and_software_defined_assembly 
_pdbx_struct_assembly.method_details       PISA 
_pdbx_struct_assembly.oligomeric_details   monomeric 
_pdbx_struct_assembly.oligomeric_count     1 
# 
_pdbx_struct_assembly_gen.assembly_id       1 
_pdbx_struct_assembly_gen.oper_expression   1 
_pdbx_struct_assembly_gen.asym_id_list      A,B,C,D,E 
# 
_pdbx_struct_oper_list.id                   1 
_pdbx_struct_oper_list.type                 'identity operation' 
_pdbx_struct_oper_list.name                 1_555 
_pdbx_struct_oper_list.symmetry_operation   x,y,z 
_pdbx_struct_oper_list.matrix[1][1]         1.0000000000 
_pdbx_struct_oper_list.matrix[1][2]         0.0000000000 
_pdbx_struct_oper_list.matrix[1][3]         0.0000000000 
_pdbx_struct_oper_list.vector[1]            0.0000000000 
_pdbx_struct_oper_list.matrix[2][1]         0.0000000000 
_pdbx_struct_oper_list.matrix[2][2]         1.0000000000 
_pdbx_struct_oper_list.matrix[2][3]         0.0000000000 
_pdbx_struct_oper_list.vector[2]            0.0000000000 
_pdbx_struct_oper_list.matrix[3][1]         0.0000000000 
_pdbx_struct_oper_list.matrix[3][2]         0.0000000000 
_pdbx_struct_oper_list.matrix[3][3]         1.0000000000 
_pdbx_struct_oper_list.vector[3]            0.0000000000 
# 
_pdbx_struct_special_symmetry.id              1 
_pdbx_struct_special_symmetry.PDB_model_num   1 
_pdbx_struct_special_symmetry.auth_asym_id    A 
_pdbx_struct_special_symmetry.auth_comp_id    HOH 
_pdbx_struct_special_symmetry.auth_seq_id     2046 
_pdbx_struct_special_symmetry.PDB_ins_code    ? 
_pdbx_struct_special_symmetry.label_asym_id   E 
_pdbx_struct_special_symmetry.label_comp_id   HOH 
_pdbx_struct_special_symmetry.label_seq_id    . 
# 
loop_
_pdbx_struct_conn_angle.id 
_pdbx_struct_conn_angle.ptnr1_label_atom_id 
_pdbx_struct_conn_angle.ptnr1_label_alt_id 
_pdbx_struct_conn_angle.ptnr1_label_asym_id 
_pdbx_struct_conn_angle.ptnr1_label_comp_id 
_pdbx_struct_conn_angle.ptnr1_label_seq_id 
_pdbx_struct_conn_angle.ptnr1_auth_atom_id 
_pdbx_struct_conn_angle.ptnr1_auth_asym_id 
_pdbx_struct_conn_angle.ptnr1_auth_comp_id 
_pdbx_struct_conn_angle.ptnr1_auth_seq_id 
_pdbx_struct_conn_angle.ptnr1_PDB_ins_code 
_pdbx_struct_conn_angle.ptnr1_symmetry 
_pdbx_struct_conn_angle.ptnr2_label_atom_id 
_pdbx_struct_conn_angle.ptnr2_label_alt_id 
_pdbx_struct_conn_angle.ptnr2_label_asym_id 
_pdbx_struct_conn_angle.ptnr2_label_comp_id 
_pdbx_struct_conn_angle.ptnr2_label_seq_id 
_pdbx_struct_conn_angle.ptnr2_auth_atom_id 
_pdbx_struct_conn_angle.ptnr2_auth_asym_id 
_pdbx_struct_conn_angle.ptnr2_auth_comp_id 
_pdbx_struct_conn_angle.ptnr2_auth_seq_id 
_pdbx_struct_conn_angle.ptnr2_PDB_ins_code 
_pdbx_struct_conn_angle.ptnr2_symmetry 
_pdbx_struct_conn_angle.ptnr3_label_atom_id 
_pdbx_struct_conn_angle.ptnr3_label_alt_id 
_pdbx_struct_conn_angle.ptnr3_label_asym_id 
_pdbx_struct_conn_angle.ptnr3_label_comp_id 
_pdbx_struct_conn_angle.ptnr3_label_seq_id 
_pdbx_struct_conn_angle.ptnr3_auth_atom_id 
_pdbx_struct_conn_angle.ptnr3_auth_asym_id 
_pdbx_struct_conn_angle.ptnr3_auth_comp_id 
_pdbx_struct_conn_angle.ptnr3_auth_seq_id 
_pdbx_struct_conn_angle.ptnr3_PDB_ins_code 
_pdbx_struct_conn_angle.ptnr3_symmetry 
_pdbx_struct_conn_angle.value 
_pdbx_struct_conn_angle.value_esd 
1  O   ? A LYS 27  ? A LYS 25  ? 1_555 CA ? C CA . ? A CA 1141 ? 1_555 OD1 ? A ASP 30  ? A ASP 28  ? 1_555 77.1  ? 
2  O   ? A LYS 27  ? A LYS 25  ? 1_555 CA ? C CA . ? A CA 1141 ? 1_555 O   ? A ASP 32  ? A ASP 30  ? 1_555 167.0 ? 
3  OD1 ? A ASP 30  ? A ASP 28  ? 1_555 CA ? C CA . ? A CA 1141 ? 1_555 O   ? A ASP 32  ? A ASP 30  ? 1_555 91.6  ? 
4  O   ? A LYS 27  ? A LYS 25  ? 1_555 CA ? C CA . ? A CA 1141 ? 1_555 OG1 ? A THR 35  ? A THR 33  ? 1_555 89.7  ? 
5  OD1 ? A ASP 30  ? A ASP 28  ? 1_555 CA ? C CA . ? A CA 1141 ? 1_555 OG1 ? A THR 35  ? A THR 33  ? 1_555 72.1  ? 
6  O   ? A ASP 32  ? A ASP 30  ? 1_555 CA ? C CA . ? A CA 1141 ? 1_555 OG1 ? A THR 35  ? A THR 33  ? 1_555 80.5  ? 
7  O   ? A LYS 27  ? A LYS 25  ? 1_555 CA ? C CA . ? A CA 1141 ? 1_555 O   ? A THR 35  ? A THR 33  ? 1_555 98.7  ? 
8  OD1 ? A ASP 30  ? A ASP 28  ? 1_555 CA ? C CA . ? A CA 1141 ? 1_555 O   ? A THR 35  ? A THR 33  ? 1_555 142.4 ? 
9  O   ? A ASP 32  ? A ASP 30  ? 1_555 CA ? C CA . ? A CA 1141 ? 1_555 O   ? A THR 35  ? A THR 33  ? 1_555 86.2  ? 
10 OG1 ? A THR 35  ? A THR 33  ? 1_555 CA ? C CA . ? A CA 1141 ? 1_555 O   ? A THR 35  ? A THR 33  ? 1_555 70.5  ? 
11 O   ? A LYS 27  ? A LYS 25  ? 1_555 CA ? C CA . ? A CA 1141 ? 1_555 O   ? A ALA 132 ? A ALA 130 ? 1_555 85.3  ? 
12 OD1 ? A ASP 30  ? A ASP 28  ? 1_555 CA ? C CA . ? A CA 1141 ? 1_555 O   ? A ALA 132 ? A ALA 130 ? 1_555 143.4 ? 
13 O   ? A ASP 32  ? A ASP 30  ? 1_555 CA ? C CA . ? A CA 1141 ? 1_555 O   ? A ALA 132 ? A ALA 130 ? 1_555 107.7 ? 
14 OG1 ? A THR 35  ? A THR 33  ? 1_555 CA ? C CA . ? A CA 1141 ? 1_555 O   ? A ALA 132 ? A ALA 130 ? 1_555 140.4 ? 
15 O   ? A THR 35  ? A THR 33  ? 1_555 CA ? C CA . ? A CA 1141 ? 1_555 O   ? A ALA 132 ? A ALA 130 ? 1_555 71.5  ? 
16 O   ? A LYS 27  ? A LYS 25  ? 1_555 CA ? C CA . ? A CA 1141 ? 1_555 OE1 ? A GLU 133 ? A GLU 131 ? 1_555 98.3  ? 
17 OD1 ? A ASP 30  ? A ASP 28  ? 1_555 CA ? C CA . ? A CA 1141 ? 1_555 OE1 ? A GLU 133 ? A GLU 131 ? 1_555 76.1  ? 
18 O   ? A ASP 32  ? A ASP 30  ? 1_555 CA ? C CA . ? A CA 1141 ? 1_555 OE1 ? A GLU 133 ? A GLU 131 ? 1_555 85.0  ? 
19 OG1 ? A THR 35  ? A THR 33  ? 1_555 CA ? C CA . ? A CA 1141 ? 1_555 OE1 ? A GLU 133 ? A GLU 131 ? 1_555 144.5 ? 
20 O   ? A THR 35  ? A THR 33  ? 1_555 CA ? C CA . ? A CA 1141 ? 1_555 OE1 ? A GLU 133 ? A GLU 131 ? 1_555 140.7 ? 
21 O   ? A ALA 132 ? A ALA 130 ? 1_555 CA ? C CA . ? A CA 1141 ? 1_555 OE1 ? A GLU 133 ? A GLU 131 ? 1_555 75.0  ? 
# 
loop_
_pdbx_audit_revision_history.ordinal 
_pdbx_audit_revision_history.data_content_type 
_pdbx_audit_revision_history.major_revision 
_pdbx_audit_revision_history.minor_revision 
_pdbx_audit_revision_history.revision_date 
1 'Structure model' 1 0 2011-05-18 
2 'Structure model' 1 1 2012-05-30 
3 'Structure model' 2 0 2020-07-29 
4 'Structure model' 2 1 2023-12-20 
# 
loop_
_pdbx_audit_revision_details.ordinal 
_pdbx_audit_revision_details.revision_ordinal 
_pdbx_audit_revision_details.data_content_type 
_pdbx_audit_revision_details.provider 
_pdbx_audit_revision_details.type 
_pdbx_audit_revision_details.description 
_pdbx_audit_revision_details.details 
1 1 'Structure model' repository 'Initial release' ?                          ? 
2 3 'Structure model' repository Remediation       'Carbohydrate remediation' ? 
# 
loop_
_pdbx_audit_revision_group.ordinal 
_pdbx_audit_revision_group.revision_ordinal 
_pdbx_audit_revision_group.data_content_type 
_pdbx_audit_revision_group.group 
1  2 'Structure model' 'Database references'     
2  2 'Structure model' 'Non-polymer description' 
3  2 'Structure model' 'Structure summary'       
4  3 'Structure model' 'Atomic model'            
5  3 'Structure model' 'Data collection'         
6  3 'Structure model' 'Derived calculations'    
7  3 'Structure model' Other                     
8  3 'Structure model' 'Structure summary'       
9  4 'Structure model' 'Data collection'         
10 4 'Structure model' 'Database references'     
11 4 'Structure model' 'Refinement description'  
12 4 'Structure model' 'Structure summary'       
# 
loop_
_pdbx_audit_revision_category.ordinal 
_pdbx_audit_revision_category.revision_ordinal 
_pdbx_audit_revision_category.data_content_type 
_pdbx_audit_revision_category.category 
1  3 'Structure model' atom_site                     
2  3 'Structure model' chem_comp                     
3  3 'Structure model' entity                        
4  3 'Structure model' pdbx_branch_scheme            
5  3 'Structure model' pdbx_chem_comp_identifier     
6  3 'Structure model' pdbx_database_status          
7  3 'Structure model' pdbx_entity_branch            
8  3 'Structure model' pdbx_entity_branch_descriptor 
9  3 'Structure model' pdbx_entity_branch_link       
10 3 'Structure model' pdbx_entity_branch_list       
11 3 'Structure model' pdbx_entity_nonpoly           
12 3 'Structure model' pdbx_nonpoly_scheme           
13 3 'Structure model' pdbx_struct_assembly_gen      
14 3 'Structure model' pdbx_struct_conn_angle        
15 3 'Structure model' pdbx_struct_special_symmetry  
16 3 'Structure model' struct_asym                   
17 3 'Structure model' struct_conn                   
18 3 'Structure model' struct_conn_type              
19 3 'Structure model' struct_site                   
20 3 'Structure model' struct_site_gen               
21 4 'Structure model' chem_comp                     
22 4 'Structure model' chem_comp_atom                
23 4 'Structure model' chem_comp_bond                
24 4 'Structure model' database_2                    
25 4 'Structure model' pdbx_initial_refinement_model 
# 
loop_
_pdbx_audit_revision_item.ordinal 
_pdbx_audit_revision_item.revision_ordinal 
_pdbx_audit_revision_item.data_content_type 
_pdbx_audit_revision_item.item 
1  3 'Structure model' '_atom_site.B_iso_or_equiv'                   
2  3 'Structure model' '_atom_site.Cartn_x'                          
3  3 'Structure model' '_atom_site.Cartn_y'                          
4  3 'Structure model' '_atom_site.Cartn_z'                          
5  3 'Structure model' '_atom_site.auth_asym_id'                     
6  3 'Structure model' '_atom_site.auth_atom_id'                     
7  3 'Structure model' '_atom_site.auth_comp_id'                     
8  3 'Structure model' '_atom_site.auth_seq_id'                      
9  3 'Structure model' '_atom_site.label_alt_id'                     
10 3 'Structure model' '_atom_site.label_asym_id'                    
11 3 'Structure model' '_atom_site.label_atom_id'                    
12 3 'Structure model' '_atom_site.label_comp_id'                    
13 3 'Structure model' '_atom_site.label_entity_id'                  
14 3 'Structure model' '_atom_site.occupancy'                        
15 3 'Structure model' '_atom_site.type_symbol'                      
16 3 'Structure model' '_chem_comp.name'                             
17 3 'Structure model' '_chem_comp.type'                             
18 3 'Structure model' '_pdbx_database_status.status_code_sf'        
19 3 'Structure model' '_pdbx_struct_assembly_gen.asym_id_list'      
20 3 'Structure model' '_pdbx_struct_conn_angle.ptnr1_auth_comp_id'  
21 3 'Structure model' '_pdbx_struct_conn_angle.ptnr1_auth_seq_id'   
22 3 'Structure model' '_pdbx_struct_conn_angle.ptnr1_label_atom_id' 
23 3 'Structure model' '_pdbx_struct_conn_angle.ptnr1_label_comp_id' 
24 3 'Structure model' '_pdbx_struct_conn_angle.ptnr1_label_seq_id'  
25 3 'Structure model' '_pdbx_struct_conn_angle.ptnr2_label_asym_id' 
26 3 'Structure model' '_pdbx_struct_conn_angle.ptnr3_auth_comp_id'  
27 3 'Structure model' '_pdbx_struct_conn_angle.ptnr3_auth_seq_id'   
28 3 'Structure model' '_pdbx_struct_conn_angle.ptnr3_label_atom_id' 
29 3 'Structure model' '_pdbx_struct_conn_angle.ptnr3_label_comp_id' 
30 3 'Structure model' '_pdbx_struct_conn_angle.ptnr3_label_seq_id'  
31 3 'Structure model' '_pdbx_struct_conn_angle.value'               
32 3 'Structure model' '_pdbx_struct_special_symmetry.label_asym_id' 
33 3 'Structure model' '_struct_conn.conn_type_id'                   
34 3 'Structure model' '_struct_conn.id'                             
35 3 'Structure model' '_struct_conn.pdbx_dist_value'                
36 3 'Structure model' '_struct_conn.pdbx_leaving_atom_flag'         
37 3 'Structure model' '_struct_conn.pdbx_ptnr1_label_alt_id'        
38 3 'Structure model' '_struct_conn.pdbx_ptnr2_label_alt_id'        
39 3 'Structure model' '_struct_conn.ptnr1_auth_asym_id'             
40 3 'Structure model' '_struct_conn.ptnr1_auth_comp_id'             
41 3 'Structure model' '_struct_conn.ptnr1_auth_seq_id'              
42 3 'Structure model' '_struct_conn.ptnr1_label_asym_id'            
43 3 'Structure model' '_struct_conn.ptnr1_label_atom_id'            
44 3 'Structure model' '_struct_conn.ptnr1_label_comp_id'            
45 3 'Structure model' '_struct_conn.ptnr1_label_seq_id'             
46 3 'Structure model' '_struct_conn.ptnr2_auth_asym_id'             
47 3 'Structure model' '_struct_conn.ptnr2_auth_comp_id'             
48 3 'Structure model' '_struct_conn.ptnr2_auth_seq_id'              
49 3 'Structure model' '_struct_conn.ptnr2_label_asym_id'            
50 3 'Structure model' '_struct_conn.ptnr2_label_atom_id'            
51 3 'Structure model' '_struct_conn.ptnr2_label_comp_id'            
52 3 'Structure model' '_struct_conn.ptnr2_label_seq_id'             
53 3 'Structure model' '_struct_conn_type.id'                        
54 4 'Structure model' '_chem_comp.pdbx_synonyms'                    
55 4 'Structure model' '_database_2.pdbx_DOI'                        
56 4 'Structure model' '_database_2.pdbx_database_accession'         
# 
loop_
_software.name 
_software.classification 
_software.version 
_software.citation_id 
_software.pdbx_ordinal 
REFMAC refinement       5.5.0109 ? 1 
XDS    'data reduction' .        ? 2 
SCALA  'data scaling'   .        ? 3 
AMoRE  phasing          .        ? 4 
# 
_pdbx_unobs_or_zero_occ_atoms.id               1 
_pdbx_unobs_or_zero_occ_atoms.PDB_model_num    1 
_pdbx_unobs_or_zero_occ_atoms.polymer_flag     Y 
_pdbx_unobs_or_zero_occ_atoms.occupancy_flag   1 
_pdbx_unobs_or_zero_occ_atoms.auth_asym_id     A 
_pdbx_unobs_or_zero_occ_atoms.auth_comp_id     SER 
_pdbx_unobs_or_zero_occ_atoms.auth_seq_id      1 
_pdbx_unobs_or_zero_occ_atoms.PDB_ins_code     ? 
_pdbx_unobs_or_zero_occ_atoms.auth_atom_id     OG 
_pdbx_unobs_or_zero_occ_atoms.label_alt_id     ? 
_pdbx_unobs_or_zero_occ_atoms.label_asym_id    A 
_pdbx_unobs_or_zero_occ_atoms.label_comp_id    SER 
_pdbx_unobs_or_zero_occ_atoms.label_seq_id     3 
_pdbx_unobs_or_zero_occ_atoms.label_atom_id    OG 
# 
loop_
_pdbx_unobs_or_zero_occ_residues.id 
_pdbx_unobs_or_zero_occ_residues.PDB_model_num 
_pdbx_unobs_or_zero_occ_residues.polymer_flag 
_pdbx_unobs_or_zero_occ_residues.occupancy_flag 
_pdbx_unobs_or_zero_occ_residues.auth_asym_id 
_pdbx_unobs_or_zero_occ_residues.auth_comp_id 
_pdbx_unobs_or_zero_occ_residues.auth_seq_id 
_pdbx_unobs_or_zero_occ_residues.PDB_ins_code 
_pdbx_unobs_or_zero_occ_residues.label_asym_id 
_pdbx_unobs_or_zero_occ_residues.label_comp_id 
_pdbx_unobs_or_zero_occ_residues.label_seq_id 
1  1 Y 1 A MET -1  ? A MET 1   
2  1 Y 1 A ALA 0   ? A ALA 2   
3  1 Y 1 A GLU 141 ? A GLU 143 
4  1 Y 1 A GLU 142 ? A GLU 144 
5  1 Y 1 A ASN 143 ? A ASN 145 
6  1 Y 1 A ASP 144 ? A ASP 146 
7  1 Y 1 A ASP 145 ? A ASP 147 
8  1 Y 1 A LEU 146 ? A LEU 148 
9  1 Y 1 A GLU 147 ? A GLU 149 
10 1 Y 1 A HIS 148 ? A HIS 150 
11 1 Y 1 A HIS 149 ? A HIS 151 
12 1 Y 1 A HIS 150 ? A HIS 152 
13 1 Y 1 A HIS 151 ? A HIS 153 
14 1 Y 1 A HIS 152 ? A HIS 154 
15 1 Y 1 A HIS 153 ? A HIS 155 
# 
loop_
_chem_comp_atom.comp_id 
_chem_comp_atom.atom_id 
_chem_comp_atom.type_symbol 
_chem_comp_atom.pdbx_aromatic_flag 
_chem_comp_atom.pdbx_stereo_config 
_chem_comp_atom.pdbx_ordinal 
ALA N    N  N N 1   
ALA CA   C  N S 2   
ALA C    C  N N 3   
ALA O    O  N N 4   
ALA CB   C  N N 5   
ALA OXT  O  N N 6   
ALA H    H  N N 7   
ALA H2   H  N N 8   
ALA HA   H  N N 9   
ALA HB1  H  N N 10  
ALA HB2  H  N N 11  
ALA HB3  H  N N 12  
ALA HXT  H  N N 13  
ARG N    N  N N 14  
ARG CA   C  N S 15  
ARG C    C  N N 16  
ARG O    O  N N 17  
ARG CB   C  N N 18  
ARG CG   C  N N 19  
ARG CD   C  N N 20  
ARG NE   N  N N 21  
ARG CZ   C  N N 22  
ARG NH1  N  N N 23  
ARG NH2  N  N N 24  
ARG OXT  O  N N 25  
ARG H    H  N N 26  
ARG H2   H  N N 27  
ARG HA   H  N N 28  
ARG HB2  H  N N 29  
ARG HB3  H  N N 30  
ARG HG2  H  N N 31  
ARG HG3  H  N N 32  
ARG HD2  H  N N 33  
ARG HD3  H  N N 34  
ARG HE   H  N N 35  
ARG HH11 H  N N 36  
ARG HH12 H  N N 37  
ARG HH21 H  N N 38  
ARG HH22 H  N N 39  
ARG HXT  H  N N 40  
ASN N    N  N N 41  
ASN CA   C  N S 42  
ASN C    C  N N 43  
ASN O    O  N N 44  
ASN CB   C  N N 45  
ASN CG   C  N N 46  
ASN OD1  O  N N 47  
ASN ND2  N  N N 48  
ASN OXT  O  N N 49  
ASN H    H  N N 50  
ASN H2   H  N N 51  
ASN HA   H  N N 52  
ASN HB2  H  N N 53  
ASN HB3  H  N N 54  
ASN HD21 H  N N 55  
ASN HD22 H  N N 56  
ASN HXT  H  N N 57  
ASP N    N  N N 58  
ASP CA   C  N S 59  
ASP C    C  N N 60  
ASP O    O  N N 61  
ASP CB   C  N N 62  
ASP CG   C  N N 63  
ASP OD1  O  N N 64  
ASP OD2  O  N N 65  
ASP OXT  O  N N 66  
ASP H    H  N N 67  
ASP H2   H  N N 68  
ASP HA   H  N N 69  
ASP HB2  H  N N 70  
ASP HB3  H  N N 71  
ASP HD2  H  N N 72  
ASP HXT  H  N N 73  
BGC C2   C  N R 74  
BGC C3   C  N S 75  
BGC C4   C  N S 76  
BGC C5   C  N R 77  
BGC C6   C  N N 78  
BGC C1   C  N R 79  
BGC O1   O  N N 80  
BGC O2   O  N N 81  
BGC O3   O  N N 82  
BGC O4   O  N N 83  
BGC O5   O  N N 84  
BGC O6   O  N N 85  
BGC H2   H  N N 86  
BGC H3   H  N N 87  
BGC H4   H  N N 88  
BGC H5   H  N N 89  
BGC H61  H  N N 90  
BGC H62  H  N N 91  
BGC H1   H  N N 92  
BGC HO1  H  N N 93  
BGC HO2  H  N N 94  
BGC HO3  H  N N 95  
BGC HO4  H  N N 96  
BGC HO6  H  N N 97  
CA  CA   CA N N 98  
CYS N    N  N N 99  
CYS CA   C  N R 100 
CYS C    C  N N 101 
CYS O    O  N N 102 
CYS CB   C  N N 103 
CYS SG   S  N N 104 
CYS OXT  O  N N 105 
CYS H    H  N N 106 
CYS H2   H  N N 107 
CYS HA   H  N N 108 
CYS HB2  H  N N 109 
CYS HB3  H  N N 110 
CYS HG   H  N N 111 
CYS HXT  H  N N 112 
GAL C1   C  N R 113 
GAL C2   C  N R 114 
GAL C3   C  N S 115 
GAL C4   C  N R 116 
GAL C5   C  N R 117 
GAL C6   C  N N 118 
GAL O1   O  N N 119 
GAL O2   O  N N 120 
GAL O3   O  N N 121 
GAL O4   O  N N 122 
GAL O5   O  N N 123 
GAL O6   O  N N 124 
GAL H1   H  N N 125 
GAL H2   H  N N 126 
GAL H3   H  N N 127 
GAL H4   H  N N 128 
GAL H5   H  N N 129 
GAL H61  H  N N 130 
GAL H62  H  N N 131 
GAL HO1  H  N N 132 
GAL HO2  H  N N 133 
GAL HO3  H  N N 134 
GAL HO4  H  N N 135 
GAL HO6  H  N N 136 
GLN N    N  N N 137 
GLN CA   C  N S 138 
GLN C    C  N N 139 
GLN O    O  N N 140 
GLN CB   C  N N 141 
GLN CG   C  N N 142 
GLN CD   C  N N 143 
GLN OE1  O  N N 144 
GLN NE2  N  N N 145 
GLN OXT  O  N N 146 
GLN H    H  N N 147 
GLN H2   H  N N 148 
GLN HA   H  N N 149 
GLN HB2  H  N N 150 
GLN HB3  H  N N 151 
GLN HG2  H  N N 152 
GLN HG3  H  N N 153 
GLN HE21 H  N N 154 
GLN HE22 H  N N 155 
GLN HXT  H  N N 156 
GLU N    N  N N 157 
GLU CA   C  N S 158 
GLU C    C  N N 159 
GLU O    O  N N 160 
GLU CB   C  N N 161 
GLU CG   C  N N 162 
GLU CD   C  N N 163 
GLU OE1  O  N N 164 
GLU OE2  O  N N 165 
GLU OXT  O  N N 166 
GLU H    H  N N 167 
GLU H2   H  N N 168 
GLU HA   H  N N 169 
GLU HB2  H  N N 170 
GLU HB3  H  N N 171 
GLU HG2  H  N N 172 
GLU HG3  H  N N 173 
GLU HE2  H  N N 174 
GLU HXT  H  N N 175 
GLY N    N  N N 176 
GLY CA   C  N N 177 
GLY C    C  N N 178 
GLY O    O  N N 179 
GLY OXT  O  N N 180 
GLY H    H  N N 181 
GLY H2   H  N N 182 
GLY HA2  H  N N 183 
GLY HA3  H  N N 184 
GLY HXT  H  N N 185 
GOL C1   C  N N 186 
GOL O1   O  N N 187 
GOL C2   C  N N 188 
GOL O2   O  N N 189 
GOL C3   C  N N 190 
GOL O3   O  N N 191 
GOL H11  H  N N 192 
GOL H12  H  N N 193 
GOL HO1  H  N N 194 
GOL H2   H  N N 195 
GOL HO2  H  N N 196 
GOL H31  H  N N 197 
GOL H32  H  N N 198 
GOL HO3  H  N N 199 
HIS N    N  N N 200 
HIS CA   C  N S 201 
HIS C    C  N N 202 
HIS O    O  N N 203 
HIS CB   C  N N 204 
HIS CG   C  Y N 205 
HIS ND1  N  Y N 206 
HIS CD2  C  Y N 207 
HIS CE1  C  Y N 208 
HIS NE2  N  Y N 209 
HIS OXT  O  N N 210 
HIS H    H  N N 211 
HIS H2   H  N N 212 
HIS HA   H  N N 213 
HIS HB2  H  N N 214 
HIS HB3  H  N N 215 
HIS HD1  H  N N 216 
HIS HD2  H  N N 217 
HIS HE1  H  N N 218 
HIS HE2  H  N N 219 
HIS HXT  H  N N 220 
HOH O    O  N N 221 
HOH H1   H  N N 222 
HOH H2   H  N N 223 
ILE N    N  N N 224 
ILE CA   C  N S 225 
ILE C    C  N N 226 
ILE O    O  N N 227 
ILE CB   C  N S 228 
ILE CG1  C  N N 229 
ILE CG2  C  N N 230 
ILE CD1  C  N N 231 
ILE OXT  O  N N 232 
ILE H    H  N N 233 
ILE H2   H  N N 234 
ILE HA   H  N N 235 
ILE HB   H  N N 236 
ILE HG12 H  N N 237 
ILE HG13 H  N N 238 
ILE HG21 H  N N 239 
ILE HG22 H  N N 240 
ILE HG23 H  N N 241 
ILE HD11 H  N N 242 
ILE HD12 H  N N 243 
ILE HD13 H  N N 244 
ILE HXT  H  N N 245 
LEU N    N  N N 246 
LEU CA   C  N S 247 
LEU C    C  N N 248 
LEU O    O  N N 249 
LEU CB   C  N N 250 
LEU CG   C  N N 251 
LEU CD1  C  N N 252 
LEU CD2  C  N N 253 
LEU OXT  O  N N 254 
LEU H    H  N N 255 
LEU H2   H  N N 256 
LEU HA   H  N N 257 
LEU HB2  H  N N 258 
LEU HB3  H  N N 259 
LEU HG   H  N N 260 
LEU HD11 H  N N 261 
LEU HD12 H  N N 262 
LEU HD13 H  N N 263 
LEU HD21 H  N N 264 
LEU HD22 H  N N 265 
LEU HD23 H  N N 266 
LEU HXT  H  N N 267 
LYS N    N  N N 268 
LYS CA   C  N S 269 
LYS C    C  N N 270 
LYS O    O  N N 271 
LYS CB   C  N N 272 
LYS CG   C  N N 273 
LYS CD   C  N N 274 
LYS CE   C  N N 275 
LYS NZ   N  N N 276 
LYS OXT  O  N N 277 
LYS H    H  N N 278 
LYS H2   H  N N 279 
LYS HA   H  N N 280 
LYS HB2  H  N N 281 
LYS HB3  H  N N 282 
LYS HG2  H  N N 283 
LYS HG3  H  N N 284 
LYS HD2  H  N N 285 
LYS HD3  H  N N 286 
LYS HE2  H  N N 287 
LYS HE3  H  N N 288 
LYS HZ1  H  N N 289 
LYS HZ2  H  N N 290 
LYS HZ3  H  N N 291 
LYS HXT  H  N N 292 
MET N    N  N N 293 
MET CA   C  N S 294 
MET C    C  N N 295 
MET O    O  N N 296 
MET CB   C  N N 297 
MET CG   C  N N 298 
MET SD   S  N N 299 
MET CE   C  N N 300 
MET OXT  O  N N 301 
MET H    H  N N 302 
MET H2   H  N N 303 
MET HA   H  N N 304 
MET HB2  H  N N 305 
MET HB3  H  N N 306 
MET HG2  H  N N 307 
MET HG3  H  N N 308 
MET HE1  H  N N 309 
MET HE2  H  N N 310 
MET HE3  H  N N 311 
MET HXT  H  N N 312 
PHE N    N  N N 313 
PHE CA   C  N S 314 
PHE C    C  N N 315 
PHE O    O  N N 316 
PHE CB   C  N N 317 
PHE CG   C  Y N 318 
PHE CD1  C  Y N 319 
PHE CD2  C  Y N 320 
PHE CE1  C  Y N 321 
PHE CE2  C  Y N 322 
PHE CZ   C  Y N 323 
PHE OXT  O  N N 324 
PHE H    H  N N 325 
PHE H2   H  N N 326 
PHE HA   H  N N 327 
PHE HB2  H  N N 328 
PHE HB3  H  N N 329 
PHE HD1  H  N N 330 
PHE HD2  H  N N 331 
PHE HE1  H  N N 332 
PHE HE2  H  N N 333 
PHE HZ   H  N N 334 
PHE HXT  H  N N 335 
PRO N    N  N N 336 
PRO CA   C  N S 337 
PRO C    C  N N 338 
PRO O    O  N N 339 
PRO CB   C  N N 340 
PRO CG   C  N N 341 
PRO CD   C  N N 342 
PRO OXT  O  N N 343 
PRO H    H  N N 344 
PRO HA   H  N N 345 
PRO HB2  H  N N 346 
PRO HB3  H  N N 347 
PRO HG2  H  N N 348 
PRO HG3  H  N N 349 
PRO HD2  H  N N 350 
PRO HD3  H  N N 351 
PRO HXT  H  N N 352 
SER N    N  N N 353 
SER CA   C  N S 354 
SER C    C  N N 355 
SER O    O  N N 356 
SER CB   C  N N 357 
SER OG   O  N N 358 
SER OXT  O  N N 359 
SER H    H  N N 360 
SER H2   H  N N 361 
SER HA   H  N N 362 
SER HB2  H  N N 363 
SER HB3  H  N N 364 
SER HG   H  N N 365 
SER HXT  H  N N 366 
THR N    N  N N 367 
THR CA   C  N S 368 
THR C    C  N N 369 
THR O    O  N N 370 
THR CB   C  N R 371 
THR OG1  O  N N 372 
THR CG2  C  N N 373 
THR OXT  O  N N 374 
THR H    H  N N 375 
THR H2   H  N N 376 
THR HA   H  N N 377 
THR HB   H  N N 378 
THR HG1  H  N N 379 
THR HG21 H  N N 380 
THR HG22 H  N N 381 
THR HG23 H  N N 382 
THR HXT  H  N N 383 
TRP N    N  N N 384 
TRP CA   C  N S 385 
TRP C    C  N N 386 
TRP O    O  N N 387 
TRP CB   C  N N 388 
TRP CG   C  Y N 389 
TRP CD1  C  Y N 390 
TRP CD2  C  Y N 391 
TRP NE1  N  Y N 392 
TRP CE2  C  Y N 393 
TRP CE3  C  Y N 394 
TRP CZ2  C  Y N 395 
TRP CZ3  C  Y N 396 
TRP CH2  C  Y N 397 
TRP OXT  O  N N 398 
TRP H    H  N N 399 
TRP H2   H  N N 400 
TRP HA   H  N N 401 
TRP HB2  H  N N 402 
TRP HB3  H  N N 403 
TRP HD1  H  N N 404 
TRP HE1  H  N N 405 
TRP HE3  H  N N 406 
TRP HZ2  H  N N 407 
TRP HZ3  H  N N 408 
TRP HH2  H  N N 409 
TRP HXT  H  N N 410 
TYR N    N  N N 411 
TYR CA   C  N S 412 
TYR C    C  N N 413 
TYR O    O  N N 414 
TYR CB   C  N N 415 
TYR CG   C  Y N 416 
TYR CD1  C  Y N 417 
TYR CD2  C  Y N 418 
TYR CE1  C  Y N 419 
TYR CE2  C  Y N 420 
TYR CZ   C  Y N 421 
TYR OH   O  N N 422 
TYR OXT  O  N N 423 
TYR H    H  N N 424 
TYR H2   H  N N 425 
TYR HA   H  N N 426 
TYR HB2  H  N N 427 
TYR HB3  H  N N 428 
TYR HD1  H  N N 429 
TYR HD2  H  N N 430 
TYR HE1  H  N N 431 
TYR HE2  H  N N 432 
TYR HH   H  N N 433 
TYR HXT  H  N N 434 
VAL N    N  N N 435 
VAL CA   C  N S 436 
VAL C    C  N N 437 
VAL O    O  N N 438 
VAL CB   C  N N 439 
VAL CG1  C  N N 440 
VAL CG2  C  N N 441 
VAL OXT  O  N N 442 
VAL H    H  N N 443 
VAL H2   H  N N 444 
VAL HA   H  N N 445 
VAL HB   H  N N 446 
VAL HG11 H  N N 447 
VAL HG12 H  N N 448 
VAL HG13 H  N N 449 
VAL HG21 H  N N 450 
VAL HG22 H  N N 451 
VAL HG23 H  N N 452 
VAL HXT  H  N N 453 
XYS C1   C  N S 454 
XYS C2   C  N R 455 
XYS C3   C  N S 456 
XYS C4   C  N R 457 
XYS C5   C  N N 458 
XYS O1   O  N N 459 
XYS O2   O  N N 460 
XYS O3   O  N N 461 
XYS O4   O  N N 462 
XYS O5   O  N N 463 
XYS H1   H  N N 464 
XYS H2   H  N N 465 
XYS H3   H  N N 466 
XYS H4   H  N N 467 
XYS H51  H  N N 468 
XYS H52  H  N N 469 
XYS HO1  H  N N 470 
XYS HO2  H  N N 471 
XYS HO3  H  N N 472 
XYS HO4  H  N N 473 
# 
loop_
_chem_comp_bond.comp_id 
_chem_comp_bond.atom_id_1 
_chem_comp_bond.atom_id_2 
_chem_comp_bond.value_order 
_chem_comp_bond.pdbx_aromatic_flag 
_chem_comp_bond.pdbx_stereo_config 
_chem_comp_bond.pdbx_ordinal 
ALA N   CA   sing N N 1   
ALA N   H    sing N N 2   
ALA N   H2   sing N N 3   
ALA CA  C    sing N N 4   
ALA CA  CB   sing N N 5   
ALA CA  HA   sing N N 6   
ALA C   O    doub N N 7   
ALA C   OXT  sing N N 8   
ALA CB  HB1  sing N N 9   
ALA CB  HB2  sing N N 10  
ALA CB  HB3  sing N N 11  
ALA OXT HXT  sing N N 12  
ARG N   CA   sing N N 13  
ARG N   H    sing N N 14  
ARG N   H2   sing N N 15  
ARG CA  C    sing N N 16  
ARG CA  CB   sing N N 17  
ARG CA  HA   sing N N 18  
ARG C   O    doub N N 19  
ARG C   OXT  sing N N 20  
ARG CB  CG   sing N N 21  
ARG CB  HB2  sing N N 22  
ARG CB  HB3  sing N N 23  
ARG CG  CD   sing N N 24  
ARG CG  HG2  sing N N 25  
ARG CG  HG3  sing N N 26  
ARG CD  NE   sing N N 27  
ARG CD  HD2  sing N N 28  
ARG CD  HD3  sing N N 29  
ARG NE  CZ   sing N N 30  
ARG NE  HE   sing N N 31  
ARG CZ  NH1  sing N N 32  
ARG CZ  NH2  doub N N 33  
ARG NH1 HH11 sing N N 34  
ARG NH1 HH12 sing N N 35  
ARG NH2 HH21 sing N N 36  
ARG NH2 HH22 sing N N 37  
ARG OXT HXT  sing N N 38  
ASN N   CA   sing N N 39  
ASN N   H    sing N N 40  
ASN N   H2   sing N N 41  
ASN CA  C    sing N N 42  
ASN CA  CB   sing N N 43  
ASN CA  HA   sing N N 44  
ASN C   O    doub N N 45  
ASN C   OXT  sing N N 46  
ASN CB  CG   sing N N 47  
ASN CB  HB2  sing N N 48  
ASN CB  HB3  sing N N 49  
ASN CG  OD1  doub N N 50  
ASN CG  ND2  sing N N 51  
ASN ND2 HD21 sing N N 52  
ASN ND2 HD22 sing N N 53  
ASN OXT HXT  sing N N 54  
ASP N   CA   sing N N 55  
ASP N   H    sing N N 56  
ASP N   H2   sing N N 57  
ASP CA  C    sing N N 58  
ASP CA  CB   sing N N 59  
ASP CA  HA   sing N N 60  
ASP C   O    doub N N 61  
ASP C   OXT  sing N N 62  
ASP CB  CG   sing N N 63  
ASP CB  HB2  sing N N 64  
ASP CB  HB3  sing N N 65  
ASP CG  OD1  doub N N 66  
ASP CG  OD2  sing N N 67  
ASP OD2 HD2  sing N N 68  
ASP OXT HXT  sing N N 69  
BGC C2  C3   sing N N 70  
BGC C2  C1   sing N N 71  
BGC C2  O2   sing N N 72  
BGC C2  H2   sing N N 73  
BGC C3  C4   sing N N 74  
BGC C3  O3   sing N N 75  
BGC C3  H3   sing N N 76  
BGC C4  C5   sing N N 77  
BGC C4  O4   sing N N 78  
BGC C4  H4   sing N N 79  
BGC C5  C6   sing N N 80  
BGC C5  O5   sing N N 81  
BGC C5  H5   sing N N 82  
BGC C6  O6   sing N N 83  
BGC C6  H61  sing N N 84  
BGC C6  H62  sing N N 85  
BGC C1  O1   sing N N 86  
BGC C1  O5   sing N N 87  
BGC C1  H1   sing N N 88  
BGC O1  HO1  sing N N 89  
BGC O2  HO2  sing N N 90  
BGC O3  HO3  sing N N 91  
BGC O4  HO4  sing N N 92  
BGC O6  HO6  sing N N 93  
CYS N   CA   sing N N 94  
CYS N   H    sing N N 95  
CYS N   H2   sing N N 96  
CYS CA  C    sing N N 97  
CYS CA  CB   sing N N 98  
CYS CA  HA   sing N N 99  
CYS C   O    doub N N 100 
CYS C   OXT  sing N N 101 
CYS CB  SG   sing N N 102 
CYS CB  HB2  sing N N 103 
CYS CB  HB3  sing N N 104 
CYS SG  HG   sing N N 105 
CYS OXT HXT  sing N N 106 
GAL C1  C2   sing N N 107 
GAL C1  O1   sing N N 108 
GAL C1  O5   sing N N 109 
GAL C1  H1   sing N N 110 
GAL C2  C3   sing N N 111 
GAL C2  O2   sing N N 112 
GAL C2  H2   sing N N 113 
GAL C3  C4   sing N N 114 
GAL C3  O3   sing N N 115 
GAL C3  H3   sing N N 116 
GAL C4  C5   sing N N 117 
GAL C4  O4   sing N N 118 
GAL C4  H4   sing N N 119 
GAL C5  C6   sing N N 120 
GAL C5  O5   sing N N 121 
GAL C5  H5   sing N N 122 
GAL C6  O6   sing N N 123 
GAL C6  H61  sing N N 124 
GAL C6  H62  sing N N 125 
GAL O1  HO1  sing N N 126 
GAL O2  HO2  sing N N 127 
GAL O3  HO3  sing N N 128 
GAL O4  HO4  sing N N 129 
GAL O6  HO6  sing N N 130 
GLN N   CA   sing N N 131 
GLN N   H    sing N N 132 
GLN N   H2   sing N N 133 
GLN CA  C    sing N N 134 
GLN CA  CB   sing N N 135 
GLN CA  HA   sing N N 136 
GLN C   O    doub N N 137 
GLN C   OXT  sing N N 138 
GLN CB  CG   sing N N 139 
GLN CB  HB2  sing N N 140 
GLN CB  HB3  sing N N 141 
GLN CG  CD   sing N N 142 
GLN CG  HG2  sing N N 143 
GLN CG  HG3  sing N N 144 
GLN CD  OE1  doub N N 145 
GLN CD  NE2  sing N N 146 
GLN NE2 HE21 sing N N 147 
GLN NE2 HE22 sing N N 148 
GLN OXT HXT  sing N N 149 
GLU N   CA   sing N N 150 
GLU N   H    sing N N 151 
GLU N   H2   sing N N 152 
GLU CA  C    sing N N 153 
GLU CA  CB   sing N N 154 
GLU CA  HA   sing N N 155 
GLU C   O    doub N N 156 
GLU C   OXT  sing N N 157 
GLU CB  CG   sing N N 158 
GLU CB  HB2  sing N N 159 
GLU CB  HB3  sing N N 160 
GLU CG  CD   sing N N 161 
GLU CG  HG2  sing N N 162 
GLU CG  HG3  sing N N 163 
GLU CD  OE1  doub N N 164 
GLU CD  OE2  sing N N 165 
GLU OE2 HE2  sing N N 166 
GLU OXT HXT  sing N N 167 
GLY N   CA   sing N N 168 
GLY N   H    sing N N 169 
GLY N   H2   sing N N 170 
GLY CA  C    sing N N 171 
GLY CA  HA2  sing N N 172 
GLY CA  HA3  sing N N 173 
GLY C   O    doub N N 174 
GLY C   OXT  sing N N 175 
GLY OXT HXT  sing N N 176 
GOL C1  O1   sing N N 177 
GOL C1  C2   sing N N 178 
GOL C1  H11  sing N N 179 
GOL C1  H12  sing N N 180 
GOL O1  HO1  sing N N 181 
GOL C2  O2   sing N N 182 
GOL C2  C3   sing N N 183 
GOL C2  H2   sing N N 184 
GOL O2  HO2  sing N N 185 
GOL C3  O3   sing N N 186 
GOL C3  H31  sing N N 187 
GOL C3  H32  sing N N 188 
GOL O3  HO3  sing N N 189 
HIS N   CA   sing N N 190 
HIS N   H    sing N N 191 
HIS N   H2   sing N N 192 
HIS CA  C    sing N N 193 
HIS CA  CB   sing N N 194 
HIS CA  HA   sing N N 195 
HIS C   O    doub N N 196 
HIS C   OXT  sing N N 197 
HIS CB  CG   sing N N 198 
HIS CB  HB2  sing N N 199 
HIS CB  HB3  sing N N 200 
HIS CG  ND1  sing Y N 201 
HIS CG  CD2  doub Y N 202 
HIS ND1 CE1  doub Y N 203 
HIS ND1 HD1  sing N N 204 
HIS CD2 NE2  sing Y N 205 
HIS CD2 HD2  sing N N 206 
HIS CE1 NE2  sing Y N 207 
HIS CE1 HE1  sing N N 208 
HIS NE2 HE2  sing N N 209 
HIS OXT HXT  sing N N 210 
HOH O   H1   sing N N 211 
HOH O   H2   sing N N 212 
ILE N   CA   sing N N 213 
ILE N   H    sing N N 214 
ILE N   H2   sing N N 215 
ILE CA  C    sing N N 216 
ILE CA  CB   sing N N 217 
ILE CA  HA   sing N N 218 
ILE C   O    doub N N 219 
ILE C   OXT  sing N N 220 
ILE CB  CG1  sing N N 221 
ILE CB  CG2  sing N N 222 
ILE CB  HB   sing N N 223 
ILE CG1 CD1  sing N N 224 
ILE CG1 HG12 sing N N 225 
ILE CG1 HG13 sing N N 226 
ILE CG2 HG21 sing N N 227 
ILE CG2 HG22 sing N N 228 
ILE CG2 HG23 sing N N 229 
ILE CD1 HD11 sing N N 230 
ILE CD1 HD12 sing N N 231 
ILE CD1 HD13 sing N N 232 
ILE OXT HXT  sing N N 233 
LEU N   CA   sing N N 234 
LEU N   H    sing N N 235 
LEU N   H2   sing N N 236 
LEU CA  C    sing N N 237 
LEU CA  CB   sing N N 238 
LEU CA  HA   sing N N 239 
LEU C   O    doub N N 240 
LEU C   OXT  sing N N 241 
LEU CB  CG   sing N N 242 
LEU CB  HB2  sing N N 243 
LEU CB  HB3  sing N N 244 
LEU CG  CD1  sing N N 245 
LEU CG  CD2  sing N N 246 
LEU CG  HG   sing N N 247 
LEU CD1 HD11 sing N N 248 
LEU CD1 HD12 sing N N 249 
LEU CD1 HD13 sing N N 250 
LEU CD2 HD21 sing N N 251 
LEU CD2 HD22 sing N N 252 
LEU CD2 HD23 sing N N 253 
LEU OXT HXT  sing N N 254 
LYS N   CA   sing N N 255 
LYS N   H    sing N N 256 
LYS N   H2   sing N N 257 
LYS CA  C    sing N N 258 
LYS CA  CB   sing N N 259 
LYS CA  HA   sing N N 260 
LYS C   O    doub N N 261 
LYS C   OXT  sing N N 262 
LYS CB  CG   sing N N 263 
LYS CB  HB2  sing N N 264 
LYS CB  HB3  sing N N 265 
LYS CG  CD   sing N N 266 
LYS CG  HG2  sing N N 267 
LYS CG  HG3  sing N N 268 
LYS CD  CE   sing N N 269 
LYS CD  HD2  sing N N 270 
LYS CD  HD3  sing N N 271 
LYS CE  NZ   sing N N 272 
LYS CE  HE2  sing N N 273 
LYS CE  HE3  sing N N 274 
LYS NZ  HZ1  sing N N 275 
LYS NZ  HZ2  sing N N 276 
LYS NZ  HZ3  sing N N 277 
LYS OXT HXT  sing N N 278 
MET N   CA   sing N N 279 
MET N   H    sing N N 280 
MET N   H2   sing N N 281 
MET CA  C    sing N N 282 
MET CA  CB   sing N N 283 
MET CA  HA   sing N N 284 
MET C   O    doub N N 285 
MET C   OXT  sing N N 286 
MET CB  CG   sing N N 287 
MET CB  HB2  sing N N 288 
MET CB  HB3  sing N N 289 
MET CG  SD   sing N N 290 
MET CG  HG2  sing N N 291 
MET CG  HG3  sing N N 292 
MET SD  CE   sing N N 293 
MET CE  HE1  sing N N 294 
MET CE  HE2  sing N N 295 
MET CE  HE3  sing N N 296 
MET OXT HXT  sing N N 297 
PHE N   CA   sing N N 298 
PHE N   H    sing N N 299 
PHE N   H2   sing N N 300 
PHE CA  C    sing N N 301 
PHE CA  CB   sing N N 302 
PHE CA  HA   sing N N 303 
PHE C   O    doub N N 304 
PHE C   OXT  sing N N 305 
PHE CB  CG   sing N N 306 
PHE CB  HB2  sing N N 307 
PHE CB  HB3  sing N N 308 
PHE CG  CD1  doub Y N 309 
PHE CG  CD2  sing Y N 310 
PHE CD1 CE1  sing Y N 311 
PHE CD1 HD1  sing N N 312 
PHE CD2 CE2  doub Y N 313 
PHE CD2 HD2  sing N N 314 
PHE CE1 CZ   doub Y N 315 
PHE CE1 HE1  sing N N 316 
PHE CE2 CZ   sing Y N 317 
PHE CE2 HE2  sing N N 318 
PHE CZ  HZ   sing N N 319 
PHE OXT HXT  sing N N 320 
PRO N   CA   sing N N 321 
PRO N   CD   sing N N 322 
PRO N   H    sing N N 323 
PRO CA  C    sing N N 324 
PRO CA  CB   sing N N 325 
PRO CA  HA   sing N N 326 
PRO C   O    doub N N 327 
PRO C   OXT  sing N N 328 
PRO CB  CG   sing N N 329 
PRO CB  HB2  sing N N 330 
PRO CB  HB3  sing N N 331 
PRO CG  CD   sing N N 332 
PRO CG  HG2  sing N N 333 
PRO CG  HG3  sing N N 334 
PRO CD  HD2  sing N N 335 
PRO CD  HD3  sing N N 336 
PRO OXT HXT  sing N N 337 
SER N   CA   sing N N 338 
SER N   H    sing N N 339 
SER N   H2   sing N N 340 
SER CA  C    sing N N 341 
SER CA  CB   sing N N 342 
SER CA  HA   sing N N 343 
SER C   O    doub N N 344 
SER C   OXT  sing N N 345 
SER CB  OG   sing N N 346 
SER CB  HB2  sing N N 347 
SER CB  HB3  sing N N 348 
SER OG  HG   sing N N 349 
SER OXT HXT  sing N N 350 
THR N   CA   sing N N 351 
THR N   H    sing N N 352 
THR N   H2   sing N N 353 
THR CA  C    sing N N 354 
THR CA  CB   sing N N 355 
THR CA  HA   sing N N 356 
THR C   O    doub N N 357 
THR C   OXT  sing N N 358 
THR CB  OG1  sing N N 359 
THR CB  CG2  sing N N 360 
THR CB  HB   sing N N 361 
THR OG1 HG1  sing N N 362 
THR CG2 HG21 sing N N 363 
THR CG2 HG22 sing N N 364 
THR CG2 HG23 sing N N 365 
THR OXT HXT  sing N N 366 
TRP N   CA   sing N N 367 
TRP N   H    sing N N 368 
TRP N   H2   sing N N 369 
TRP CA  C    sing N N 370 
TRP CA  CB   sing N N 371 
TRP CA  HA   sing N N 372 
TRP C   O    doub N N 373 
TRP C   OXT  sing N N 374 
TRP CB  CG   sing N N 375 
TRP CB  HB2  sing N N 376 
TRP CB  HB3  sing N N 377 
TRP CG  CD1  doub Y N 378 
TRP CG  CD2  sing Y N 379 
TRP CD1 NE1  sing Y N 380 
TRP CD1 HD1  sing N N 381 
TRP CD2 CE2  doub Y N 382 
TRP CD2 CE3  sing Y N 383 
TRP NE1 CE2  sing Y N 384 
TRP NE1 HE1  sing N N 385 
TRP CE2 CZ2  sing Y N 386 
TRP CE3 CZ3  doub Y N 387 
TRP CE3 HE3  sing N N 388 
TRP CZ2 CH2  doub Y N 389 
TRP CZ2 HZ2  sing N N 390 
TRP CZ3 CH2  sing Y N 391 
TRP CZ3 HZ3  sing N N 392 
TRP CH2 HH2  sing N N 393 
TRP OXT HXT  sing N N 394 
TYR N   CA   sing N N 395 
TYR N   H    sing N N 396 
TYR N   H2   sing N N 397 
TYR CA  C    sing N N 398 
TYR CA  CB   sing N N 399 
TYR CA  HA   sing N N 400 
TYR C   O    doub N N 401 
TYR C   OXT  sing N N 402 
TYR CB  CG   sing N N 403 
TYR CB  HB2  sing N N 404 
TYR CB  HB3  sing N N 405 
TYR CG  CD1  doub Y N 406 
TYR CG  CD2  sing Y N 407 
TYR CD1 CE1  sing Y N 408 
TYR CD1 HD1  sing N N 409 
TYR CD2 CE2  doub Y N 410 
TYR CD2 HD2  sing N N 411 
TYR CE1 CZ   doub Y N 412 
TYR CE1 HE1  sing N N 413 
TYR CE2 CZ   sing Y N 414 
TYR CE2 HE2  sing N N 415 
TYR CZ  OH   sing N N 416 
TYR OH  HH   sing N N 417 
TYR OXT HXT  sing N N 418 
VAL N   CA   sing N N 419 
VAL N   H    sing N N 420 
VAL N   H2   sing N N 421 
VAL CA  C    sing N N 422 
VAL CA  CB   sing N N 423 
VAL CA  HA   sing N N 424 
VAL C   O    doub N N 425 
VAL C   OXT  sing N N 426 
VAL CB  CG1  sing N N 427 
VAL CB  CG2  sing N N 428 
VAL CB  HB   sing N N 429 
VAL CG1 HG11 sing N N 430 
VAL CG1 HG12 sing N N 431 
VAL CG1 HG13 sing N N 432 
VAL CG2 HG21 sing N N 433 
VAL CG2 HG22 sing N N 434 
VAL CG2 HG23 sing N N 435 
VAL OXT HXT  sing N N 436 
XYS C1  C2   sing N N 437 
XYS C1  O1   sing N N 438 
XYS C1  O5   sing N N 439 
XYS C1  H1   sing N N 440 
XYS C2  C3   sing N N 441 
XYS C2  O2   sing N N 442 
XYS C2  H2   sing N N 443 
XYS C3  C4   sing N N 444 
XYS C3  O3   sing N N 445 
XYS C3  H3   sing N N 446 
XYS C4  C5   sing N N 447 
XYS C4  O4   sing N N 448 
XYS C4  H4   sing N N 449 
XYS C5  O5   sing N N 450 
XYS C5  H51  sing N N 451 
XYS C5  H52  sing N N 452 
XYS O1  HO1  sing N N 453 
XYS O2  HO2  sing N N 454 
XYS O3  HO3  sing N N 455 
XYS O4  HO4  sing N N 456 
# 
loop_
_pdbx_branch_scheme.asym_id 
_pdbx_branch_scheme.entity_id 
_pdbx_branch_scheme.mon_id 
_pdbx_branch_scheme.num 
_pdbx_branch_scheme.pdb_asym_id 
_pdbx_branch_scheme.pdb_mon_id 
_pdbx_branch_scheme.pdb_seq_num 
_pdbx_branch_scheme.auth_asym_id 
_pdbx_branch_scheme.auth_mon_id 
_pdbx_branch_scheme.auth_seq_num 
_pdbx_branch_scheme.hetero 
B 2 BGC 1 B BGC 1 A BGC 1143 n 
B 2 BGC 2 B BGC 2 A BGC 1144 n 
B 2 XYS 3 B XYS 3 A XYS 1145 n 
B 2 GAL 4 B GAL 4 A GAL 1146 n 
B 2 BGC 5 B BGC 5 A BGC 1148 n 
# 
loop_
_pdbx_chem_comp_identifier.comp_id 
_pdbx_chem_comp_identifier.type 
_pdbx_chem_comp_identifier.program 
_pdbx_chem_comp_identifier.program_version 
_pdbx_chem_comp_identifier.identifier 
BGC 'CONDENSED IUPAC CARBOHYDRATE SYMBOL' GMML     1.0 DGlcpb              
BGC 'COMMON NAME'                         GMML     1.0 b-D-glucopyranose   
BGC 'IUPAC CARBOHYDRATE SYMBOL'           PDB-CARE 1.0 b-D-Glcp            
BGC 'SNFG CARBOHYDRATE SYMBOL'            GMML     1.0 Glc                 
GAL 'CONDENSED IUPAC CARBOHYDRATE SYMBOL' GMML     1.0 DGalpb              
GAL 'COMMON NAME'                         GMML     1.0 b-D-galactopyranose 
GAL 'IUPAC CARBOHYDRATE SYMBOL'           PDB-CARE 1.0 b-D-Galp            
GAL 'SNFG CARBOHYDRATE SYMBOL'            GMML     1.0 Gal                 
XYS 'CONDENSED IUPAC CARBOHYDRATE SYMBOL' GMML     1.0 DXylpa              
XYS 'COMMON NAME'                         GMML     1.0 a-D-xylopyranose    
XYS 'IUPAC CARBOHYDRATE SYMBOL'           PDB-CARE 1.0 a-D-Xylp            
XYS 'SNFG CARBOHYDRATE SYMBOL'            GMML     1.0 Xyl                 
# 
_pdbx_entity_branch.entity_id   2 
_pdbx_entity_branch.type        oligosaccharide 
# 
loop_
_pdbx_entity_branch_descriptor.ordinal 
_pdbx_entity_branch_descriptor.entity_id 
_pdbx_entity_branch_descriptor.descriptor 
_pdbx_entity_branch_descriptor.type 
_pdbx_entity_branch_descriptor.program 
_pdbx_entity_branch_descriptor.program_version 
1 2 'DGalpb1-2DXylpa1-6[DGlcpb1-4]DGlcpb1-4DGlcpb1-ROH'                                              'Glycam Condensed Sequence' 
GMML       1.0   
2 2 'WURCS=2.0/3,5,4/[a2122h-1b_1-5][a212h-1a_1-5][a2112h-1b_1-5]/1-1-1-2-3/a4-b1_b4-c1_b6-d1_d2-e1' WURCS                       
PDB2Glycan 1.1.0 
3 2 '[][b-D-Glcp]{[(4+1)][b-D-Glcp]{[(4+1)][b-D-Glcp]{}[(6+1)][a-D-Xylp]{[(2+1)][b-D-Galp]{}}}}'     LINUCS                      
PDB-CARE   ?     
# 
loop_
_pdbx_entity_branch_link.link_id 
_pdbx_entity_branch_link.entity_id 
_pdbx_entity_branch_link.entity_branch_list_num_1 
_pdbx_entity_branch_link.comp_id_1 
_pdbx_entity_branch_link.atom_id_1 
_pdbx_entity_branch_link.leaving_atom_id_1 
_pdbx_entity_branch_link.entity_branch_list_num_2 
_pdbx_entity_branch_link.comp_id_2 
_pdbx_entity_branch_link.atom_id_2 
_pdbx_entity_branch_link.leaving_atom_id_2 
_pdbx_entity_branch_link.value_order 
_pdbx_entity_branch_link.details 
1 2 2 BGC C1 O1 1 BGC O4 HO4 sing ? 
2 2 3 XYS C1 O1 2 BGC O6 HO6 sing ? 
3 2 4 GAL C1 O1 3 XYS O2 HO2 sing ? 
4 2 5 BGC C1 O1 2 BGC O4 HO4 sing ? 
# 
loop_
_pdbx_entity_branch_list.entity_id 
_pdbx_entity_branch_list.comp_id 
_pdbx_entity_branch_list.num 
_pdbx_entity_branch_list.hetero 
2 BGC 1 n 
2 BGC 2 n 
2 XYS 3 n 
2 GAL 4 n 
2 BGC 5 n 
# 
loop_
_pdbx_entity_nonpoly.entity_id 
_pdbx_entity_nonpoly.name 
_pdbx_entity_nonpoly.comp_id 
3 'CALCIUM ION' CA  
4 GLYCEROL      GOL 
5 water         HOH 
# 
_pdbx_initial_refinement_model.id               1 
_pdbx_initial_refinement_model.entity_id_list   ? 
_pdbx_initial_refinement_model.type             'experimental model' 
_pdbx_initial_refinement_model.source_name      PDB 
_pdbx_initial_refinement_model.accession_code   2YFU 
_pdbx_initial_refinement_model.details          'PDB ENTRY 2YFU' 
# 
